data_7UC8
#
_entry.id   7UC8
#
_cell.length_a   89.460
_cell.length_b   89.460
_cell.length_c   225.920
_cell.angle_alpha   90.000
_cell.angle_beta   90.000
_cell.angle_gamma   120.000
#
_symmetry.space_group_name_H-M   'P 31'
#
loop_
_entity.id
_entity.type
_entity.pdbx_description
1 polymer 'Gametocyte surface protein P230'
2 polymer 230AS-73
3 non-polymer 'SODIUM ION'
4 water water
#
loop_
_entity_poly.entity_id
_entity_poly.type
_entity_poly.pdbx_seq_one_letter_code
_entity_poly.pdbx_strand_id
1 'polypeptide(L)'
;SVLQSGALPSVGVDELDKIDLSYETTESGDTAVSEDSYDKYASNNTNKEYVCDFTDQLKPTESGPKVKKCEVKVNEPLIK
VKIICPLKGSVEKLYDNIEYVPKKSPYVVLTKEETKLKEKLLSKLIYGLLISPTVNEKENNFKEGVIEFTLPPVVHKATV
FYFICDNSKTEDDNKKGNRGIVEVYVEPYGNKINGCAFLDEDEEEEKYGNQIEEDEHNEKIKMKTFFTQNIYKKNNIYPC
YMKLYSGDIGGILFPKNIKSTTCFEEMIPYNKEIKWNKENKSLGNLVNNSVVYNKEMNAKYFNVQYVHIPTSYKDTLNLF
CSIILKEEESNLISTSYLVYVSINE
;
A,B,C
2 'polypeptide(L)'
;TGQVQLQQWGAGLLKPSETLSLTCAVSGASFSGYSWTWIRQSPGKGLEWIGEIDYRGSTNYNPSLKSRVTMSVDTPKNQF
SLNLTSLTAADTAIYYCAKGYGGVTLVRGAKINWFDPWGQGTLVTVSSGGGGSGGGGSGGGGSGGGGSEIVLTQSPGTLS
LSPGERATLSCRASQSVTSRYLAWYQQKPGQAPRLLIFGASSRATGIPDRFSGSGSGTDFTLTISRLEPEDFAVYFCQQY
AKSPWTFGQGTKVEIKGTHHHHHH
;
H,I,J
#
loop_
_chem_comp.id
_chem_comp.type
_chem_comp.name
_chem_comp.formula
NA non-polymer 'SODIUM ION' 'Na 1'
#
# COMPACT_ATOMS: atom_id res chain seq x y z
N GLU A 15 35.44 9.55 5.26
CA GLU A 15 35.61 8.83 6.50
C GLU A 15 34.63 9.27 7.60
N LEU A 16 34.69 10.54 7.99
CA LEU A 16 33.77 11.05 9.00
C LEU A 16 32.31 10.98 8.54
N ASP A 17 32.07 10.92 7.23
CA ASP A 17 30.73 11.01 6.65
C ASP A 17 30.32 9.72 5.94
N LYS A 18 30.86 8.59 6.40
CA LYS A 18 30.64 7.30 5.76
C LYS A 18 29.44 6.62 6.39
N ILE A 19 28.44 6.29 5.58
CA ILE A 19 27.23 5.65 6.06
C ILE A 19 27.26 4.19 5.65
N ASP A 20 26.75 3.33 6.53
CA ASP A 20 26.57 1.91 6.24
C ASP A 20 25.10 1.71 5.86
N LEU A 21 24.86 1.40 4.58
CA LEU A 21 23.48 1.27 4.11
C LEU A 21 22.81 -0.01 4.60
N SER A 22 23.60 -1.00 5.03
CA SER A 22 23.04 -2.26 5.50
C SER A 22 22.72 -2.24 6.98
N TYR A 23 23.15 -1.21 7.72
CA TYR A 23 22.91 -1.19 9.15
C TYR A 23 21.43 -1.03 9.44
N GLU A 24 20.93 -1.82 10.38
CA GLU A 24 19.54 -1.74 10.82
C GLU A 24 19.50 -1.90 12.33
N THR A 25 18.59 -1.16 12.96
CA THR A 25 18.28 -1.33 14.36
C THR A 25 16.85 -0.86 14.57
N THR A 26 16.37 -1.00 15.80
CA THR A 26 15.06 -0.53 16.20
C THR A 26 15.23 0.40 17.39
N GLU A 27 14.20 1.19 17.66
CA GLU A 27 14.26 2.08 18.83
C GLU A 27 14.52 1.28 20.09
N SER A 28 13.77 0.20 20.31
CA SER A 28 13.96 -0.61 21.50
C SER A 28 15.25 -1.41 21.48
N GLY A 29 15.84 -1.60 20.30
CA GLY A 29 17.02 -2.44 20.23
C GLY A 29 16.69 -3.85 20.67
N ASP A 30 17.51 -4.39 21.56
CA ASP A 30 17.33 -5.73 22.09
C ASP A 30 16.89 -5.72 23.55
N THR A 31 16.12 -4.70 23.96
CA THR A 31 15.76 -4.52 25.35
C THR A 31 14.43 -5.17 25.72
N ALA A 32 13.60 -5.50 24.74
CA ALA A 32 12.28 -6.12 24.91
C ALA A 32 11.23 -5.13 25.40
N VAL A 33 11.53 -3.83 25.46
CA VAL A 33 10.57 -2.86 25.95
C VAL A 33 9.66 -2.43 24.81
N SER A 34 8.35 -2.42 25.07
CA SER A 34 7.41 -1.97 24.06
C SER A 34 7.31 -0.44 24.10
N GLU A 35 6.90 0.13 22.97
CA GLU A 35 6.96 1.57 22.80
C GLU A 35 6.09 2.30 23.79
N ASP A 36 5.05 1.64 24.31
CA ASP A 36 4.22 2.28 25.33
C ASP A 36 4.95 2.48 26.65
N SER A 37 6.08 1.81 26.87
CA SER A 37 6.76 1.86 28.16
C SER A 37 8.05 2.67 28.12
N TYR A 38 8.32 3.37 27.04
CA TYR A 38 9.46 4.28 27.02
C TYR A 38 9.26 5.37 28.06
N ASP A 39 10.35 5.79 28.69
CA ASP A 39 10.34 6.94 29.60
C ASP A 39 10.71 8.17 28.76
N LYS A 40 9.69 8.82 28.20
CA LYS A 40 9.90 10.00 27.39
C LYS A 40 10.00 11.26 28.26
N TYR A 41 10.92 12.15 27.88
CA TYR A 41 11.07 13.45 28.51
C TYR A 41 11.63 14.41 27.46
N ALA A 42 11.63 15.70 27.79
CA ALA A 42 12.08 16.73 26.88
C ALA A 42 13.49 17.18 27.22
N SER A 43 14.13 17.83 26.24
CA SER A 43 15.47 18.37 26.45
C SER A 43 15.43 19.56 27.39
N ASN A 44 16.56 19.81 28.07
CA ASN A 44 16.73 21.02 28.86
C ASN A 44 17.07 22.16 27.90
N ASN A 45 16.10 23.04 27.68
CA ASN A 45 16.21 24.12 26.70
C ASN A 45 16.54 25.42 27.41
N THR A 46 17.61 26.07 26.97
CA THR A 46 18.10 27.30 27.58
C THR A 46 18.62 28.20 26.47
N ASN A 47 18.00 29.38 26.32
CA ASN A 47 18.30 30.29 25.22
C ASN A 47 18.04 29.50 23.94
N LYS A 48 19.03 29.31 23.06
CA LYS A 48 18.83 28.55 21.83
C LYS A 48 19.66 27.27 21.83
N GLU A 49 19.85 26.67 23.00
CA GLU A 49 20.62 25.44 23.14
C GLU A 49 19.73 24.39 23.80
N TYR A 50 19.40 23.34 23.04
CA TYR A 50 18.60 22.22 23.53
C TYR A 50 19.54 21.07 23.85
N VAL A 51 19.51 20.61 25.10
CA VAL A 51 20.50 19.66 25.61
C VAL A 51 19.79 18.39 26.05
N CYS A 52 20.33 17.24 25.63
CA CYS A 52 19.91 15.93 26.12
C CYS A 52 21.13 15.32 26.82
N ASP A 53 21.15 15.37 28.15
CA ASP A 53 22.26 14.85 28.94
C ASP A 53 21.88 13.49 29.51
N PHE A 54 22.69 12.47 29.22
CA PHE A 54 22.45 11.12 29.69
C PHE A 54 23.38 10.69 30.83
N THR A 55 24.14 11.62 31.41
CA THR A 55 25.12 11.22 32.41
C THR A 55 24.46 10.50 33.57
N ASP A 56 23.30 10.97 34.01
CA ASP A 56 22.61 10.40 35.16
C ASP A 56 21.46 9.47 34.77
N GLN A 57 21.16 9.32 33.48
CA GLN A 57 19.95 8.62 33.07
C GLN A 57 20.18 7.13 32.80
N LEU A 58 21.40 6.74 32.46
CA LEU A 58 21.65 5.40 31.95
C LEU A 58 22.35 4.49 32.95
N LYS A 59 22.58 4.93 34.18
CA LYS A 59 23.27 4.10 35.14
C LYS A 59 22.53 2.77 35.34
N PRO A 60 23.27 1.70 35.66
CA PRO A 60 22.61 0.41 35.88
C PRO A 60 21.64 0.47 37.04
N THR A 61 20.41 0.00 36.79
CA THR A 61 19.34 0.02 37.76
C THR A 61 18.77 -1.38 37.95
N GLU A 62 18.03 -1.56 39.04
CA GLU A 62 17.31 -2.81 39.27
C GLU A 62 16.21 -3.00 38.24
N SER A 63 15.50 -1.92 37.91
CA SER A 63 14.38 -2.02 36.97
C SER A 63 14.83 -2.17 35.53
N GLY A 64 16.09 -1.87 35.23
CA GLY A 64 16.57 -1.88 33.87
C GLY A 64 16.47 -3.24 33.23
N PRO A 65 16.63 -3.30 31.89
CA PRO A 65 16.87 -2.16 31.01
C PRO A 65 15.61 -1.34 30.73
N LYS A 66 15.68 -0.04 30.94
CA LYS A 66 14.61 0.89 30.60
C LYS A 66 15.03 1.67 29.35
N VAL A 67 14.04 2.13 28.60
CA VAL A 67 14.30 2.97 27.42
C VAL A 67 13.97 4.41 27.80
N LYS A 68 14.94 5.30 27.59
CA LYS A 68 14.80 6.71 27.96
C LYS A 68 14.96 7.54 26.71
N LYS A 69 13.85 8.13 26.26
CA LYS A 69 13.76 8.87 25.01
C LYS A 69 13.72 10.36 25.33
N CYS A 70 14.67 11.10 24.77
CA CYS A 70 14.75 12.56 24.93
C CYS A 70 14.25 13.20 23.63
N GLU A 71 13.13 13.91 23.73
CA GLU A 71 12.50 14.51 22.55
C GLU A 71 12.99 15.94 22.37
N VAL A 72 13.67 16.18 21.25
CA VAL A 72 14.16 17.50 20.86
C VAL A 72 13.22 18.03 19.79
N LYS A 73 12.37 18.98 20.15
CA LYS A 73 11.40 19.57 19.21
C LYS A 73 11.82 20.99 18.86
N VAL A 74 12.13 21.20 17.59
CA VAL A 74 12.65 22.48 17.10
C VAL A 74 11.63 23.10 16.16
N ASN A 75 11.17 24.31 16.49
CA ASN A 75 10.34 25.09 15.58
C ASN A 75 10.84 26.53 15.45
N GLU A 76 12.11 26.77 15.75
CA GLU A 76 12.73 28.08 15.67
C GLU A 76 14.08 27.97 14.97
N PRO A 77 14.59 29.07 14.42
CA PRO A 77 15.87 29.01 13.71
C PRO A 77 17.08 29.15 14.62
N LEU A 78 18.18 28.56 14.15
CA LEU A 78 19.50 28.69 14.79
C LEU A 78 19.52 28.09 16.18
N ILE A 79 18.90 26.93 16.33
CA ILE A 79 18.91 26.19 17.59
C ILE A 79 20.10 25.23 17.57
N LYS A 80 20.85 25.21 18.66
CA LYS A 80 22.02 24.34 18.83
C LYS A 80 21.64 23.15 19.70
N VAL A 81 21.90 21.94 19.21
CA VAL A 81 21.54 20.71 19.91
C VAL A 81 22.82 20.09 20.46
N LYS A 82 22.90 19.96 21.78
CA LYS A 82 23.99 19.28 22.46
C LYS A 82 23.51 17.97 23.03
N ILE A 83 24.31 16.91 22.83
CA ILE A 83 23.96 15.57 23.31
C ILE A 83 25.16 15.01 24.07
N ILE A 84 24.97 14.75 25.36
CA ILE A 84 26.04 14.24 26.22
C ILE A 84 25.77 12.75 26.46
N CYS A 85 26.76 11.91 26.14
CA CYS A 85 26.66 10.46 26.31
C CYS A 85 27.84 10.02 27.17
N PRO A 86 27.61 9.54 28.38
CA PRO A 86 28.73 9.22 29.27
C PRO A 86 29.72 8.29 28.60
N LEU A 87 31.00 8.50 28.88
CA LEU A 87 32.04 7.73 28.23
C LEU A 87 32.36 6.47 29.03
N LYS A 88 32.74 5.42 28.32
CA LYS A 88 33.23 4.22 28.97
C LYS A 88 34.38 4.55 29.90
N GLY A 89 34.25 4.16 31.17
CA GLY A 89 35.27 4.42 32.16
C GLY A 89 35.16 5.74 32.89
N SER A 90 34.28 6.64 32.45
CA SER A 90 34.06 7.88 33.21
C SER A 90 33.77 7.57 34.68
N VAL A 91 32.99 6.51 34.93
CA VAL A 91 32.85 5.91 36.25
C VAL A 91 33.06 4.42 36.08
N GLU A 92 33.82 3.81 36.98
CA GLU A 92 34.20 2.41 36.80
C GLU A 92 32.98 1.50 36.91
N LYS A 93 32.92 0.53 36.00
CA LYS A 93 31.91 -0.53 35.99
C LYS A 93 30.56 -0.06 35.47
N LEU A 94 30.19 1.20 35.70
CA LEU A 94 28.81 1.60 35.43
C LEU A 94 28.52 1.70 33.95
N TYR A 95 29.52 1.97 33.12
CA TYR A 95 29.34 2.11 31.68
C TYR A 95 30.32 1.24 30.90
N ASP A 96 30.60 0.04 31.39
CA ASP A 96 31.71 -0.74 30.84
C ASP A 96 31.41 -1.27 29.45
N ASN A 97 30.14 -1.47 29.10
CA ASN A 97 29.76 -1.96 27.78
C ASN A 97 28.87 -0.97 27.05
N ILE A 98 29.09 0.33 27.25
CA ILE A 98 28.24 1.33 26.62
C ILE A 98 28.53 1.39 25.13
N GLU A 99 27.53 1.84 24.35
CA GLU A 99 27.60 1.87 22.90
C GLU A 99 26.76 3.04 22.41
N TYR A 100 27.21 3.70 21.35
CA TYR A 100 26.48 4.81 20.77
C TYR A 100 26.30 4.58 19.27
N VAL A 101 25.18 5.08 18.74
CA VAL A 101 24.85 4.91 17.33
C VAL A 101 24.20 6.18 16.80
N PRO A 102 24.55 6.64 15.59
CA PRO A 102 25.63 6.12 14.74
C PRO A 102 27.00 6.51 15.30
N LYS A 103 28.03 5.72 15.00
CA LYS A 103 29.36 6.04 15.49
C LYS A 103 29.94 7.30 14.84
N LYS A 104 29.47 7.64 13.65
CA LYS A 104 29.90 8.83 12.92
C LYS A 104 28.95 10.00 13.14
N SER A 105 28.24 10.02 14.27
CA SER A 105 27.42 11.16 14.61
C SER A 105 28.29 12.40 14.82
N PRO A 106 27.77 13.60 14.54
CA PRO A 106 26.43 13.92 14.03
C PRO A 106 26.35 13.95 12.50
N TYR A 107 27.48 13.69 11.83
CA TYR A 107 27.46 13.63 10.38
C TYR A 107 26.49 12.56 9.88
N VAL A 108 26.33 11.50 10.66
CA VAL A 108 25.45 10.38 10.33
C VAL A 108 24.39 10.27 11.41
N VAL A 109 23.12 10.17 11.01
CA VAL A 109 22.00 10.04 11.92
C VAL A 109 21.18 8.84 11.50
N LEU A 110 20.16 8.53 12.30
CA LEU A 110 19.24 7.43 12.05
C LEU A 110 17.85 7.98 11.74
N THR A 111 17.24 7.48 10.68
CA THR A 111 15.86 7.83 10.33
C THR A 111 15.01 6.57 10.29
N LYS A 112 13.72 6.73 10.55
CA LYS A 112 12.80 5.61 10.68
C LYS A 112 12.26 5.26 9.30
N GLU A 113 12.60 4.05 8.83
CA GLU A 113 12.09 3.53 7.56
C GLU A 113 11.50 2.14 7.78
N GLU A 114 10.17 2.06 7.88
CA GLU A 114 9.47 0.81 8.13
C GLU A 114 9.78 0.23 9.51
N THR A 115 9.54 1.00 10.57
CA THR A 115 9.81 0.56 11.93
C THR A 115 11.29 0.32 12.18
N LYS A 116 12.11 0.55 11.16
CA LYS A 116 13.55 0.31 11.22
C LYS A 116 14.29 1.63 11.20
N LEU A 117 15.48 1.64 11.82
CA LEU A 117 16.36 2.80 11.81
C LEU A 117 17.56 2.48 10.95
N LYS A 118 17.90 3.39 10.04
CA LYS A 118 18.99 3.21 9.10
C LYS A 118 19.76 4.51 9.00
N GLU A 119 21.02 4.40 8.56
CA GLU A 119 21.92 5.54 8.60
C GLU A 119 21.65 6.48 7.43
N LYS A 120 21.59 7.78 7.72
CA LYS A 120 21.44 8.80 6.70
C LYS A 120 22.33 9.98 7.05
N LEU A 121 22.84 10.63 6.01
CA LEU A 121 23.64 11.82 6.18
C LEU A 121 22.78 12.99 6.64
N LEU A 122 23.16 13.60 7.77
CA LEU A 122 22.35 14.71 8.28
C LEU A 122 22.38 15.91 7.34
N SER A 123 23.51 16.13 6.65
CA SER A 123 23.60 17.28 5.77
C SER A 123 22.63 17.20 4.60
N LYS A 124 22.32 15.98 4.13
CA LYS A 124 21.34 15.82 3.06
C LYS A 124 19.90 15.90 3.57
N LEU A 125 19.68 15.71 4.87
CA LEU A 125 18.35 15.85 5.44
C LEU A 125 17.97 17.32 5.62
N ILE A 126 18.94 18.16 5.95
CA ILE A 126 18.70 19.56 6.28
C ILE A 126 19.79 20.40 5.62
N TYR A 127 19.43 21.17 4.60
CA TYR A 127 20.39 22.04 3.96
C TYR A 127 20.75 23.21 4.87
N GLY A 128 22.05 23.52 4.94
CA GLY A 128 22.54 24.62 5.73
C GLY A 128 22.98 24.28 7.13
N LEU A 129 22.74 23.06 7.58
CA LEU A 129 23.06 22.65 8.94
C LEU A 129 24.55 22.78 9.21
N LEU A 130 24.88 23.41 10.32
CA LEU A 130 26.27 23.64 10.72
C LEU A 130 26.71 22.56 11.70
N ILE A 131 27.74 21.81 11.33
CA ILE A 131 28.39 20.85 12.21
C ILE A 131 29.82 21.31 12.42
N SER A 132 30.11 21.79 13.62
CA SER A 132 31.48 22.22 13.89
C SER A 132 32.40 21.02 14.10
N PRO A 133 33.68 21.16 13.75
CA PRO A 133 34.61 20.05 14.02
C PRO A 133 34.88 19.87 15.51
N THR A 134 34.75 20.93 16.31
CA THR A 134 35.10 20.91 17.71
C THR A 134 33.90 21.29 18.57
N VAL A 135 33.81 20.65 19.74
CA VAL A 135 32.89 21.03 20.81
C VAL A 135 33.75 21.35 22.02
N ASN A 136 33.73 22.62 22.44
CA ASN A 136 34.51 23.09 23.59
C ASN A 136 35.97 22.66 23.47
N GLU A 137 36.52 22.79 22.27
CA GLU A 137 37.92 22.49 21.99
C GLU A 137 38.25 21.02 22.26
N LYS A 138 37.22 20.17 22.27
CA LYS A 138 37.36 18.73 22.15
C LYS A 138 36.66 18.33 20.86
N GLU A 139 36.97 17.15 20.33
CA GLU A 139 36.43 16.75 19.05
C GLU A 139 34.91 16.58 19.12
N ASN A 140 34.25 16.89 17.99
CA ASN A 140 32.80 16.75 17.89
C ASN A 140 32.44 15.32 17.49
N ASN A 141 32.57 14.43 18.48
CA ASN A 141 32.29 13.01 18.28
C ASN A 141 31.91 12.42 19.62
N PHE A 142 31.03 11.42 19.60
CA PHE A 142 30.66 10.75 20.83
C PHE A 142 31.86 10.13 21.53
N LYS A 143 32.99 9.97 20.83
CA LYS A 143 34.19 9.46 21.46
C LYS A 143 34.69 10.41 22.55
N GLU A 144 34.37 11.70 22.45
CA GLU A 144 34.72 12.67 23.47
C GLU A 144 33.58 12.93 24.45
N GLY A 145 32.45 12.25 24.27
CA GLY A 145 31.34 12.32 25.18
C GLY A 145 30.26 13.32 24.82
N VAL A 146 30.47 14.15 23.81
CA VAL A 146 29.55 15.22 23.50
C VAL A 146 29.56 15.47 22.00
N ILE A 147 28.38 15.79 21.46
CA ILE A 147 28.25 16.17 20.05
C ILE A 147 27.30 17.35 19.96
N GLU A 148 27.52 18.19 18.94
CA GLU A 148 26.71 19.38 18.76
C GLU A 148 26.46 19.65 17.29
N PHE A 149 25.37 20.34 17.01
CA PHE A 149 25.10 20.85 15.67
C PHE A 149 24.08 21.97 15.78
N THR A 150 24.25 23.01 14.97
CA THR A 150 23.32 24.12 14.90
C THR A 150 22.40 23.94 13.71
N LEU A 151 21.10 24.17 13.93
CA LEU A 151 20.12 24.07 12.87
C LEU A 151 20.07 25.37 12.07
N PRO A 152 19.64 25.31 10.81
CA PRO A 152 19.75 26.46 9.93
C PRO A 152 18.63 27.46 10.21
N PRO A 153 18.70 28.65 9.61
CA PRO A 153 17.60 29.61 9.76
C PRO A 153 16.36 29.27 8.95
N VAL A 154 16.40 28.26 8.09
CA VAL A 154 15.24 27.88 7.28
C VAL A 154 15.21 26.37 7.13
N VAL A 155 14.05 25.78 7.40
CA VAL A 155 13.77 24.37 7.12
C VAL A 155 12.43 24.30 6.42
N HIS A 156 12.37 23.58 5.30
CA HIS A 156 11.19 23.52 4.44
C HIS A 156 10.32 22.29 4.72
N LYS A 157 10.94 21.14 4.92
CA LYS A 157 10.24 19.88 5.14
C LYS A 157 10.49 19.38 6.55
N ALA A 158 9.45 18.82 7.17
CA ALA A 158 9.60 18.28 8.52
C ALA A 158 10.55 17.09 8.52
N THR A 159 11.34 16.98 9.58
CA THR A 159 12.38 15.96 9.67
C THR A 159 12.38 15.33 11.05
N VAL A 160 12.77 14.06 11.11
CA VAL A 160 12.88 13.31 12.35
C VAL A 160 14.07 12.37 12.22
N PHE A 161 15.11 12.62 13.01
CA PHE A 161 16.28 11.73 13.03
C PHE A 161 16.61 11.41 14.49
N TYR A 162 17.36 10.31 14.67
CA TYR A 162 17.62 9.75 15.98
C TYR A 162 19.10 9.47 16.19
N PHE A 163 19.51 9.52 17.46
CA PHE A 163 20.79 8.99 17.93
C PHE A 163 20.51 7.98 19.04
N ILE A 164 21.48 7.10 19.29
CA ILE A 164 21.37 6.10 20.33
C ILE A 164 22.61 6.16 21.22
N CYS A 165 22.40 6.04 22.53
CA CYS A 165 23.48 5.99 23.53
C CYS A 165 23.04 4.86 24.48
N ASP A 166 23.46 3.65 24.16
CA ASP A 166 22.89 2.44 24.76
C ASP A 166 23.83 1.85 25.79
N ASN A 167 23.34 1.74 27.04
CA ASN A 167 24.08 1.12 28.13
C ASN A 167 23.45 -0.16 28.63
N SER A 168 22.45 -0.71 27.92
CA SER A 168 21.70 -1.85 28.43
C SER A 168 22.55 -3.10 28.53
N LYS A 169 23.62 -3.20 27.74
CA LYS A 169 24.52 -4.35 27.79
C LYS A 169 25.45 -4.31 29.00
N THR A 170 25.51 -3.19 29.72
CA THR A 170 26.34 -3.11 30.92
C THR A 170 25.63 -3.79 32.08
N GLU A 171 26.35 -4.67 32.77
CA GLU A 171 25.82 -5.42 33.91
C GLU A 171 26.64 -5.15 35.16
N ASP A 172 25.96 -5.00 36.29
CA ASP A 172 26.61 -4.81 37.58
C ASP A 172 25.78 -5.57 38.62
N ASP A 173 26.27 -6.75 39.03
CA ASP A 173 25.53 -7.62 39.94
C ASP A 173 24.21 -7.95 39.26
N ASN A 174 23.06 -7.65 39.86
CA ASN A 174 21.76 -7.88 39.26
C ASN A 174 21.18 -6.64 38.59
N LYS A 175 22.00 -5.62 38.35
CA LYS A 175 21.54 -4.39 37.72
C LYS A 175 21.97 -4.33 36.26
N LYS A 176 21.17 -3.65 35.44
CA LYS A 176 21.47 -3.46 34.03
C LYS A 176 21.22 -2.02 33.63
N GLY A 177 22.03 -1.53 32.70
CA GLY A 177 21.93 -0.16 32.25
C GLY A 177 20.73 0.05 31.35
N ASN A 178 20.52 1.31 30.99
CA ASN A 178 19.37 1.72 30.19
C ASN A 178 19.79 2.10 28.78
N ARG A 179 18.84 2.03 27.86
CA ARG A 179 19.05 2.42 26.47
C ARG A 179 18.54 3.83 26.27
N GLY A 180 19.39 4.71 25.76
CA GLY A 180 19.04 6.11 25.56
C GLY A 180 18.74 6.38 24.09
N ILE A 181 17.63 7.07 23.84
CA ILE A 181 17.26 7.49 22.52
C ILE A 181 17.11 9.01 22.53
N VAL A 182 17.66 9.67 21.53
CA VAL A 182 17.41 11.08 21.27
C VAL A 182 16.70 11.16 19.93
N GLU A 183 15.51 11.76 19.90
CA GLU A 183 14.78 12.00 18.66
C GLU A 183 14.66 13.50 18.45
N VAL A 184 15.23 14.01 17.36
CA VAL A 184 15.17 15.42 17.00
C VAL A 184 14.04 15.60 16.00
N TYR A 185 13.08 16.44 16.35
CA TYR A 185 11.92 16.72 15.50
C TYR A 185 12.00 18.16 15.04
N VAL A 186 12.26 18.37 13.75
CA VAL A 186 12.34 19.70 13.16
C VAL A 186 11.08 19.96 12.36
N GLU A 187 10.31 20.97 12.77
CA GLU A 187 9.17 21.42 11.99
C GLU A 187 9.59 22.51 11.01
N PRO A 188 8.83 22.72 9.94
CA PRO A 188 9.21 23.76 8.97
C PRO A 188 9.22 25.13 9.63
N TYR A 189 10.17 25.96 9.23
CA TYR A 189 10.19 27.34 9.68
C TYR A 189 11.01 28.16 8.69
N GLY A 190 10.60 29.42 8.51
CA GLY A 190 11.26 30.32 7.59
C GLY A 190 10.81 30.12 6.15
N ASN A 191 11.32 31.01 5.29
CA ASN A 191 11.07 30.91 3.86
C ASN A 191 12.39 31.02 3.12
N LYS A 192 13.03 32.19 3.21
CA LYS A 192 14.33 32.43 2.58
C LYS A 192 15.21 33.16 3.59
N ILE A 193 16.50 33.17 3.32
CA ILE A 193 17.48 33.83 4.18
C ILE A 193 17.86 35.15 3.51
N ASN A 194 17.75 36.26 4.25
CA ASN A 194 18.16 37.55 3.73
C ASN A 194 19.66 37.55 3.47
N GLY A 195 20.07 37.56 2.21
CA GLY A 195 21.49 37.50 1.91
C GLY A 195 21.72 36.97 0.52
N CYS A 196 22.92 36.44 0.31
CA CYS A 196 23.43 36.14 -1.01
C CYS A 196 23.98 34.73 -1.05
N ALA A 197 23.79 34.08 -2.19
CA ALA A 197 24.37 32.77 -2.46
C ALA A 197 25.22 32.92 -3.71
N PHE A 198 26.53 32.73 -3.56
CA PHE A 198 27.44 32.77 -4.70
C PHE A 198 27.43 31.36 -5.28
N LEU A 199 26.88 31.24 -6.48
CA LEU A 199 26.60 29.95 -7.09
C LEU A 199 27.46 29.76 -8.33
N ASP A 200 27.41 28.55 -8.87
CA ASP A 200 28.23 28.17 -10.01
C ASP A 200 27.50 28.44 -11.31
N LYS A 220 22.54 22.95 -6.68
CA LYS A 220 21.21 22.41 -6.87
C LYS A 220 20.14 23.49 -6.72
N ILE A 221 18.88 23.10 -6.84
CA ILE A 221 17.78 24.03 -6.58
C ILE A 221 17.80 24.43 -5.11
N LYS A 222 18.36 23.59 -4.25
CA LYS A 222 18.46 23.92 -2.83
C LYS A 222 19.29 25.17 -2.63
N MET A 223 20.40 25.30 -3.37
CA MET A 223 21.22 26.50 -3.27
C MET A 223 20.47 27.72 -3.79
N LYS A 224 19.58 27.54 -4.77
CA LYS A 224 18.94 28.67 -5.42
C LYS A 224 17.72 29.16 -4.66
N THR A 225 17.02 28.28 -3.94
CA THR A 225 15.76 28.63 -3.28
C THR A 225 15.93 29.08 -1.84
N PHE A 226 17.12 28.96 -1.25
CA PHE A 226 17.28 29.24 0.17
C PHE A 226 17.67 30.68 0.48
N PHE A 227 18.25 31.40 -0.47
CA PHE A 227 18.69 32.76 -0.27
C PHE A 227 17.93 33.71 -1.19
N THR A 228 17.79 34.97 -0.76
CA THR A 228 16.97 35.92 -1.50
C THR A 228 17.66 36.38 -2.79
N GLN A 229 18.99 36.45 -2.79
CA GLN A 229 19.75 36.90 -3.96
C GLN A 229 20.81 35.86 -4.32
N ASN A 230 20.87 35.53 -5.60
CA ASN A 230 21.88 34.62 -6.14
C ASN A 230 22.87 35.42 -6.99
N ILE A 231 24.14 35.04 -6.91
CA ILE A 231 25.23 35.76 -7.57
C ILE A 231 25.98 34.73 -8.41
N TYR A 232 25.90 34.86 -9.73
CA TYR A 232 26.53 33.89 -10.62
C TYR A 232 27.93 34.36 -10.99
N LYS A 233 28.81 33.38 -11.20
CA LYS A 233 30.23 33.68 -11.34
C LYS A 233 30.59 34.29 -12.69
N LYS A 234 30.03 33.78 -13.78
CA LYS A 234 30.52 34.20 -15.10
C LYS A 234 30.12 35.65 -15.40
N ASN A 235 28.84 35.96 -15.33
CA ASN A 235 28.35 37.31 -15.63
C ASN A 235 27.40 37.82 -14.55
N ASN A 236 27.90 38.63 -13.62
CA ASN A 236 27.07 39.25 -12.59
C ASN A 236 26.84 40.74 -12.86
N ILE A 237 25.61 41.19 -12.60
CA ILE A 237 25.26 42.60 -12.70
C ILE A 237 25.17 43.26 -11.33
N TYR A 238 24.56 42.57 -10.35
CA TYR A 238 24.27 43.13 -9.04
C TYR A 238 25.13 42.50 -7.97
N PRO A 239 26.01 43.25 -7.29
CA PRO A 239 26.82 42.63 -6.22
C PRO A 239 25.96 42.32 -5.01
N CYS A 240 26.57 41.64 -4.05
CA CYS A 240 25.83 41.14 -2.89
C CYS A 240 25.36 42.30 -2.01
N TYR A 241 24.06 42.30 -1.70
CA TYR A 241 23.41 43.37 -0.93
C TYR A 241 22.38 42.71 -0.01
N MET A 242 22.80 42.34 1.19
CA MET A 242 21.88 41.76 2.17
C MET A 242 21.39 42.88 3.09
N LYS A 243 20.06 43.06 3.11
CA LYS A 243 19.39 44.19 3.75
C LYS A 243 18.72 43.68 5.02
N LEU A 244 19.32 43.97 6.16
CA LEU A 244 18.86 43.44 7.44
C LEU A 244 18.10 44.50 8.22
N TYR A 245 17.22 44.03 9.11
CA TYR A 245 16.50 44.85 10.06
C TYR A 245 16.56 44.18 11.42
N SER A 246 16.01 44.84 12.44
CA SER A 246 16.12 44.36 13.81
C SER A 246 15.31 43.08 13.98
N GLY A 247 15.97 42.01 14.39
CA GLY A 247 15.36 40.71 14.55
C GLY A 247 15.59 39.77 13.40
N ASP A 248 16.14 40.27 12.30
CA ASP A 248 16.28 39.51 11.07
C ASP A 248 17.53 38.64 11.11
N ILE A 249 17.55 37.65 10.23
CA ILE A 249 18.66 36.71 10.10
C ILE A 249 19.24 36.88 8.71
N GLY A 250 20.57 37.02 8.65
CA GLY A 250 21.24 37.12 7.37
C GLY A 250 22.18 35.96 7.17
N GLY A 251 22.64 35.76 5.94
CA GLY A 251 23.56 34.69 5.66
C GLY A 251 24.22 34.91 4.33
N ILE A 252 25.32 34.19 4.12
CA ILE A 252 26.05 34.24 2.87
C ILE A 252 26.55 32.83 2.57
N LEU A 253 26.24 32.32 1.39
CA LEU A 253 26.86 31.10 0.90
C LEU A 253 28.07 31.53 0.06
N PHE A 254 29.26 31.26 0.57
CA PHE A 254 30.44 31.81 -0.07
C PHE A 254 30.87 30.94 -1.25
N PRO A 255 31.58 31.52 -2.22
CA PRO A 255 32.00 30.72 -3.38
C PRO A 255 32.86 29.56 -2.93
N LYS A 256 32.73 28.44 -3.66
CA LYS A 256 33.47 27.23 -3.32
C LYS A 256 34.97 27.52 -3.25
N ASN A 257 35.48 28.24 -4.25
CA ASN A 257 36.89 28.64 -4.27
C ASN A 257 36.99 30.01 -3.61
N ILE A 258 37.57 30.07 -2.41
CA ILE A 258 37.63 31.31 -1.64
C ILE A 258 38.97 31.39 -0.91
N LYS A 259 39.68 32.50 -1.08
CA LYS A 259 40.97 32.70 -0.44
C LYS A 259 40.82 33.24 0.97
N SER A 260 40.06 34.31 1.14
CA SER A 260 39.88 34.94 2.44
C SER A 260 38.66 35.85 2.37
N THR A 261 38.19 36.30 3.53
CA THR A 261 37.07 37.21 3.58
C THR A 261 37.17 38.08 4.82
N THR A 262 36.98 39.38 4.62
CA THR A 262 36.88 40.34 5.72
C THR A 262 35.45 40.46 6.23
N CYS A 263 34.57 39.55 5.83
CA CYS A 263 33.15 39.71 6.11
C CYS A 263 32.84 39.30 7.53
N PHE A 264 32.38 40.28 8.32
CA PHE A 264 31.84 40.16 9.67
C PHE A 264 32.91 40.28 10.74
N GLU A 265 34.19 40.26 10.38
CA GLU A 265 35.26 40.54 11.34
C GLU A 265 35.96 41.87 11.10
N GLU A 266 36.08 42.32 9.86
CA GLU A 266 36.72 43.59 9.54
C GLU A 266 35.81 44.30 8.55
N MET A 267 34.85 45.08 9.08
CA MET A 267 33.84 45.69 8.25
C MET A 267 34.02 47.19 8.22
N ILE A 268 33.59 47.81 7.13
CA ILE A 268 33.86 49.20 6.85
C ILE A 268 32.54 49.97 6.92
N PRO A 269 32.32 50.79 7.95
CA PRO A 269 31.11 51.63 7.96
C PRO A 269 31.29 52.88 7.11
N TYR A 270 30.22 53.23 6.39
CA TYR A 270 30.19 54.39 5.52
C TYR A 270 29.24 55.47 6.06
N ASN A 271 29.20 55.60 7.38
CA ASN A 271 28.30 56.56 8.03
C ASN A 271 29.09 57.64 8.77
N ASN A 280 36.51 49.06 16.72
CA ASN A 280 35.21 48.40 16.62
C ASN A 280 34.82 48.21 15.16
N LYS A 281 35.48 47.25 14.49
CA LYS A 281 35.27 47.01 13.07
C LYS A 281 34.56 45.70 12.76
N SER A 282 34.61 44.72 13.68
CA SER A 282 33.82 43.51 13.52
C SER A 282 32.34 43.82 13.76
N LEU A 283 31.48 43.00 13.15
CA LEU A 283 30.04 43.20 13.35
C LEU A 283 29.65 43.00 14.81
N GLY A 284 30.33 42.09 15.51
CA GLY A 284 30.09 41.93 16.94
C GLY A 284 30.34 43.22 17.71
N ASN A 285 31.41 43.94 17.36
CA ASN A 285 31.74 45.18 18.05
C ASN A 285 30.83 46.32 17.61
N LEU A 286 30.31 46.24 16.39
CA LEU A 286 29.45 47.29 15.85
C LEU A 286 28.03 47.15 16.35
N VAL A 287 27.57 45.92 16.56
CA VAL A 287 26.21 45.62 16.99
C VAL A 287 26.33 44.82 18.27
N ASN A 288 26.18 45.47 19.42
CA ASN A 288 26.36 44.76 20.69
C ASN A 288 25.39 43.59 20.77
N ASN A 289 25.93 42.42 21.11
CA ASN A 289 25.16 41.20 21.36
C ASN A 289 24.56 40.60 20.09
N SER A 290 25.07 40.95 18.91
CA SER A 290 24.76 40.16 17.73
C SER A 290 25.51 38.83 17.80
N VAL A 291 25.12 37.90 16.95
CA VAL A 291 25.74 36.58 16.92
C VAL A 291 25.99 36.20 15.47
N VAL A 292 27.19 35.70 15.19
CA VAL A 292 27.57 35.21 13.87
C VAL A 292 27.87 33.74 14.00
N TYR A 293 27.32 32.94 13.09
CA TYR A 293 27.43 31.49 13.14
C TYR A 293 28.41 31.03 12.07
N ASN A 294 29.38 30.21 12.48
CA ASN A 294 30.43 29.72 11.60
C ASN A 294 31.43 30.85 11.30
N LYS A 295 31.83 31.55 12.36
CA LYS A 295 32.87 32.56 12.25
C LYS A 295 34.10 31.98 11.56
N GLU A 296 34.48 30.77 11.94
CA GLU A 296 35.72 30.16 11.49
C GLU A 296 35.61 29.46 10.14
N MET A 297 34.42 29.42 9.54
CA MET A 297 34.21 28.83 8.21
C MET A 297 34.75 27.40 8.14
N ASN A 298 34.75 26.69 9.28
CA ASN A 298 35.26 25.33 9.34
C ASN A 298 34.18 24.25 9.27
N ALA A 299 32.90 24.63 9.33
CA ALA A 299 31.83 23.64 9.23
C ALA A 299 31.92 22.89 7.90
N LYS A 300 31.59 21.60 7.93
CA LYS A 300 31.66 20.77 6.75
C LYS A 300 30.50 21.07 5.80
N TYR A 301 30.67 20.64 4.56
CA TYR A 301 29.63 20.69 3.53
C TYR A 301 29.29 22.10 3.08
N PHE A 302 28.70 22.91 3.97
CA PHE A 302 28.14 24.21 3.60
C PHE A 302 29.11 25.30 4.02
N ASN A 303 29.60 26.06 3.04
CA ASN A 303 30.53 27.17 3.31
C ASN A 303 29.72 28.44 3.55
N VAL A 304 29.06 28.46 4.71
CA VAL A 304 28.10 29.51 5.04
C VAL A 304 28.40 30.05 6.42
N GLN A 305 28.10 31.33 6.63
CA GLN A 305 27.98 31.89 7.97
C GLN A 305 26.71 32.72 8.00
N TYR A 306 26.05 32.71 9.15
CA TYR A 306 24.81 33.42 9.37
C TYR A 306 25.02 34.53 10.39
N VAL A 307 24.16 35.55 10.33
CA VAL A 307 24.19 36.65 11.28
C VAL A 307 22.78 36.84 11.82
N HIS A 308 22.68 37.20 13.10
CA HIS A 308 21.41 37.50 13.74
C HIS A 308 21.49 38.91 14.31
N ILE A 309 20.69 39.82 13.78
CA ILE A 309 20.59 41.16 14.35
C ILE A 309 19.62 41.11 15.53
N PRO A 310 20.01 41.59 16.71
CA PRO A 310 19.10 41.52 17.86
C PRO A 310 17.92 42.47 17.70
N THR A 311 16.78 42.07 18.26
CA THR A 311 15.59 42.91 18.20
C THR A 311 15.81 44.24 18.93
N SER A 312 16.68 44.26 19.93
CA SER A 312 16.97 45.51 20.64
C SER A 312 17.64 46.53 19.71
N TYR A 313 18.53 46.08 18.83
CA TYR A 313 19.33 47.01 18.04
C TYR A 313 18.43 47.79 17.09
N LYS A 314 18.37 49.12 17.29
CA LYS A 314 17.53 49.99 16.50
C LYS A 314 18.27 51.06 15.71
N ASP A 315 19.57 51.23 15.92
CA ASP A 315 20.33 52.21 15.14
C ASP A 315 20.54 51.72 13.71
N THR A 316 20.87 52.66 12.83
CA THR A 316 21.09 52.42 11.42
C THR A 316 22.57 52.27 11.11
N LEU A 317 22.88 51.39 10.16
CA LEU A 317 24.27 51.07 9.85
C LEU A 317 24.40 50.63 8.40
N ASN A 318 25.52 50.98 7.77
CA ASN A 318 25.76 50.68 6.36
C ASN A 318 27.21 50.24 6.19
N LEU A 319 27.42 48.95 5.96
CA LEU A 319 28.73 48.34 6.09
C LEU A 319 29.17 47.70 4.78
N PHE A 320 30.47 47.42 4.69
CA PHE A 320 31.07 46.78 3.53
C PHE A 320 32.08 45.74 3.99
N CYS A 321 32.14 44.62 3.26
CA CYS A 321 33.20 43.64 3.40
C CYS A 321 33.48 43.05 2.02
N SER A 322 34.42 42.12 1.95
CA SER A 322 34.83 41.60 0.66
C SER A 322 35.14 40.11 0.75
N ILE A 323 35.11 39.47 -0.42
CA ILE A 323 35.41 38.06 -0.57
C ILE A 323 36.47 37.93 -1.65
N ILE A 324 37.54 37.19 -1.36
CA ILE A 324 38.66 37.02 -2.28
C ILE A 324 38.66 35.60 -2.81
N LEU A 325 38.78 35.47 -4.12
CA LEU A 325 38.94 34.19 -4.80
C LEU A 325 40.40 34.02 -5.16
N LYS A 326 40.75 32.82 -5.64
CA LYS A 326 42.14 32.53 -5.97
C LYS A 326 42.45 32.68 -7.46
N GLU A 327 41.67 32.04 -8.33
CA GLU A 327 41.92 32.02 -9.77
C GLU A 327 43.41 32.08 -10.08
N THR A 335 40.16 37.98 -9.08
CA THR A 335 38.92 38.74 -8.92
C THR A 335 38.46 38.63 -7.47
N SER A 336 37.55 39.52 -7.07
CA SER A 336 36.99 39.52 -5.73
C SER A 336 35.59 40.10 -5.80
N TYR A 337 34.77 39.74 -4.81
CA TYR A 337 33.38 40.15 -4.75
C TYR A 337 33.15 41.12 -3.60
N LEU A 338 32.33 42.14 -3.85
CA LEU A 338 31.94 43.12 -2.85
C LEU A 338 30.66 42.70 -2.16
N VAL A 339 30.60 42.95 -0.85
CA VAL A 339 29.43 42.64 -0.03
C VAL A 339 29.02 43.91 0.71
N TYR A 340 27.74 44.30 0.56
CA TYR A 340 27.19 45.48 1.19
C TYR A 340 26.10 45.04 2.16
N VAL A 341 26.28 45.36 3.44
CA VAL A 341 25.32 45.01 4.49
C VAL A 341 24.74 46.30 5.02
N SER A 342 23.41 46.44 4.90
CA SER A 342 22.68 47.53 5.52
C SER A 342 21.82 46.98 6.65
N ILE A 343 21.78 47.70 7.78
CA ILE A 343 20.99 47.30 8.94
C ILE A 343 20.09 48.46 9.32
N ASN A 344 18.78 48.24 9.27
CA ASN A 344 17.79 49.22 9.67
C ASN A 344 17.84 50.48 8.79
N GLU A 345 17.66 50.27 7.50
CA GLU A 345 17.62 51.39 6.57
C GLU A 345 16.25 52.07 6.61
N LEU B 16 -4.51 -6.97 -20.22
CA LEU B 16 -5.35 -6.15 -19.36
C LEU B 16 -6.78 -6.06 -19.86
N ASP B 17 -6.97 -6.23 -21.17
CA ASP B 17 -8.29 -6.11 -21.80
C ASP B 17 -8.70 -7.41 -22.46
N LYS B 18 -8.18 -8.54 -21.97
CA LYS B 18 -8.41 -9.84 -22.57
C LYS B 18 -9.62 -10.52 -21.92
N ILE B 19 -10.58 -10.92 -22.74
CA ILE B 19 -11.79 -11.58 -22.27
C ILE B 19 -11.70 -13.07 -22.59
N ASP B 20 -12.22 -13.89 -21.69
CA ASP B 20 -12.34 -15.33 -21.89
C ASP B 20 -13.77 -15.58 -22.39
N LEU B 21 -13.89 -15.98 -23.66
CA LEU B 21 -15.19 -16.11 -24.28
C LEU B 21 -16.00 -17.28 -23.75
N SER B 22 -15.35 -18.26 -23.13
CA SER B 22 -16.04 -19.43 -22.60
C SER B 22 -16.53 -19.27 -21.17
N TYR B 23 -16.15 -18.20 -20.48
CA TYR B 23 -16.48 -18.06 -19.07
C TYR B 23 -17.97 -17.86 -18.84
N GLU B 24 -18.51 -18.58 -17.86
CA GLU B 24 -19.90 -18.46 -17.44
C GLU B 24 -19.97 -18.50 -15.92
N THR B 25 -20.91 -17.74 -15.36
CA THR B 25 -21.21 -17.82 -13.94
C THR B 25 -22.66 -17.39 -13.74
N THR B 26 -23.11 -17.41 -12.49
CA THR B 26 -24.45 -17.00 -12.12
C THR B 26 -24.36 -15.90 -11.07
N GLU B 27 -25.45 -15.15 -10.91
CA GLU B 27 -25.50 -14.16 -9.83
C GLU B 27 -25.31 -14.84 -8.48
N SER B 28 -26.09 -15.90 -8.23
CA SER B 28 -26.03 -16.61 -6.96
C SER B 28 -24.74 -17.41 -6.80
N GLY B 29 -24.04 -17.69 -7.90
CA GLY B 29 -22.88 -18.55 -7.82
C GLY B 29 -23.29 -19.94 -7.36
N ASP B 30 -22.55 -20.48 -6.39
CA ASP B 30 -22.82 -21.80 -5.84
C ASP B 30 -23.39 -21.74 -4.43
N THR B 31 -24.11 -20.65 -4.11
CA THR B 31 -24.62 -20.44 -2.76
C THR B 31 -26.04 -20.94 -2.58
N ALA B 32 -26.77 -21.20 -3.67
CA ALA B 32 -28.13 -21.71 -3.68
C ALA B 32 -29.18 -20.66 -3.32
N VAL B 33 -28.82 -19.39 -3.24
CA VAL B 33 -29.78 -18.35 -2.87
C VAL B 33 -30.54 -17.91 -4.12
N SER B 34 -31.86 -17.85 -4.00
CA SER B 34 -32.71 -17.35 -5.06
C SER B 34 -32.82 -15.83 -4.96
N GLU B 35 -33.07 -15.17 -6.09
CA GLU B 35 -32.97 -13.71 -6.10
C GLU B 35 -34.00 -13.04 -5.21
N ASP B 36 -35.09 -13.72 -4.85
CA ASP B 36 -36.04 -13.09 -3.95
C ASP B 36 -35.42 -12.81 -2.59
N SER B 37 -34.29 -13.46 -2.27
CA SER B 37 -33.66 -13.34 -0.96
C SER B 37 -32.34 -12.58 -1.01
N TYR B 38 -31.99 -11.98 -2.15
CA TYR B 38 -30.82 -11.12 -2.17
C TYR B 38 -31.03 -9.94 -1.23
N ASP B 39 -29.97 -9.52 -0.56
CA ASP B 39 -30.01 -8.30 0.26
C ASP B 39 -29.53 -7.17 -0.63
N LYS B 40 -30.47 -6.54 -1.33
CA LYS B 40 -30.16 -5.42 -2.21
C LYS B 40 -30.04 -4.14 -1.40
N TYR B 41 -29.04 -3.33 -1.74
CA TYR B 41 -28.85 -2.04 -1.10
C TYR B 41 -28.25 -1.11 -2.15
N ALA B 42 -28.22 0.17 -1.83
CA ALA B 42 -27.73 1.19 -2.74
C ALA B 42 -26.33 1.64 -2.39
N SER B 43 -25.68 2.27 -3.36
CA SER B 43 -24.37 2.86 -3.16
C SER B 43 -24.47 4.07 -2.24
N ASN B 44 -23.38 4.34 -1.54
CA ASN B 44 -23.25 5.61 -0.84
C ASN B 44 -22.84 6.64 -1.90
N ASN B 45 -23.77 7.50 -2.30
CA ASN B 45 -23.53 8.47 -3.35
C ASN B 45 -23.24 9.82 -2.74
N THR B 46 -22.11 10.41 -3.13
CA THR B 46 -21.64 11.66 -2.57
C THR B 46 -21.03 12.49 -3.69
N ASN B 47 -21.64 13.63 -3.97
CA ASN B 47 -21.22 14.47 -5.10
C ASN B 47 -21.32 13.60 -6.34
N LYS B 48 -20.23 13.36 -7.06
CA LYS B 48 -20.25 12.56 -8.28
C LYS B 48 -19.43 11.29 -8.12
N GLU B 49 -19.41 10.73 -6.91
CA GLU B 49 -18.71 9.48 -6.62
C GLU B 49 -19.71 8.50 -6.01
N TYR B 50 -20.03 7.44 -6.75
CA TYR B 50 -20.91 6.38 -6.28
C TYR B 50 -20.03 5.21 -5.85
N VAL B 51 -20.18 4.78 -4.59
CA VAL B 51 -19.27 3.83 -3.97
C VAL B 51 -20.02 2.58 -3.54
N CYS B 52 -19.46 1.41 -3.87
CA CYS B 52 -19.89 0.12 -3.33
C CYS B 52 -18.72 -0.45 -2.55
N ASP B 53 -18.79 -0.35 -1.23
CA ASP B 53 -17.75 -0.85 -0.34
C ASP B 53 -18.21 -2.18 0.25
N PHE B 54 -17.40 -3.22 0.10
CA PHE B 54 -17.72 -4.53 0.62
C PHE B 54 -16.96 -4.83 1.91
N THR B 55 -16.27 -3.84 2.47
CA THR B 55 -15.52 -4.05 3.69
C THR B 55 -16.45 -4.48 4.82
N ASP B 56 -17.66 -3.91 4.84
CA ASP B 56 -18.64 -4.18 5.88
C ASP B 56 -19.69 -5.21 5.51
N GLN B 57 -19.71 -5.67 4.27
CA GLN B 57 -20.80 -6.53 3.80
C GLN B 57 -20.48 -8.01 3.81
N LEU B 58 -19.22 -8.39 3.63
CA LEU B 58 -18.91 -9.78 3.33
C LEU B 58 -18.23 -10.55 4.45
N LYS B 59 -18.03 -9.95 5.62
CA LYS B 59 -17.39 -10.71 6.70
C LYS B 59 -18.23 -11.94 7.02
N PRO B 60 -17.60 -13.02 7.47
CA PRO B 60 -18.37 -14.23 7.79
C PRO B 60 -19.42 -13.98 8.86
N THR B 61 -20.64 -14.43 8.58
CA THR B 61 -21.78 -14.25 9.45
C THR B 61 -22.28 -15.64 9.86
N GLU B 62 -23.05 -15.69 10.94
CA GLU B 62 -23.63 -16.97 11.35
C GLU B 62 -24.65 -17.45 10.32
N SER B 63 -25.47 -16.53 9.78
CA SER B 63 -26.50 -16.88 8.83
C SER B 63 -25.97 -17.13 7.42
N GLY B 64 -24.73 -16.73 7.13
CA GLY B 64 -24.17 -16.82 5.80
C GLY B 64 -24.09 -18.25 5.29
N PRO B 65 -23.82 -18.41 3.99
CA PRO B 65 -23.59 -17.32 3.02
C PRO B 65 -24.86 -16.60 2.53
N LYS B 66 -24.79 -15.26 2.56
CA LYS B 66 -25.81 -14.40 2.00
C LYS B 66 -25.32 -13.78 0.69
N VAL B 67 -26.26 -13.40 -0.16
CA VAL B 67 -25.95 -12.64 -1.37
C VAL B 67 -26.30 -11.19 -1.12
N LYS B 68 -25.32 -10.33 -1.31
CA LYS B 68 -25.43 -8.91 -1.00
C LYS B 68 -25.19 -8.15 -2.29
N LYS B 69 -26.24 -7.54 -2.81
CA LYS B 69 -26.21 -6.89 -4.11
C LYS B 69 -26.21 -5.38 -3.91
N CYS B 70 -25.20 -4.71 -4.49
CA CYS B 70 -25.08 -3.26 -4.44
C CYS B 70 -25.51 -2.69 -5.78
N GLU B 71 -26.62 -1.95 -5.78
CA GLU B 71 -27.18 -1.40 -7.00
C GLU B 71 -26.65 0.01 -7.20
N VAL B 72 -25.88 0.21 -8.27
CA VAL B 72 -25.36 1.52 -8.66
C VAL B 72 -26.20 2.01 -9.82
N LYS B 73 -27.10 2.96 -9.58
CA LYS B 73 -27.99 3.49 -10.60
C LYS B 73 -27.50 4.87 -10.99
N VAL B 74 -27.07 5.02 -12.24
CA VAL B 74 -26.49 6.27 -12.74
C VAL B 74 -27.42 6.82 -13.82
N ASN B 75 -27.93 8.03 -13.61
CA ASN B 75 -28.70 8.74 -14.61
C ASN B 75 -28.16 10.15 -14.84
N GLU B 76 -26.91 10.39 -14.49
CA GLU B 76 -26.28 11.70 -14.61
C GLU B 76 -24.89 11.55 -15.23
N PRO B 77 -24.35 12.62 -15.79
CA PRO B 77 -23.07 12.51 -16.48
C PRO B 77 -21.87 12.62 -15.55
N LEU B 78 -20.77 11.98 -15.97
CA LEU B 78 -19.47 12.12 -15.33
C LEU B 78 -19.50 11.63 -13.88
N ILE B 79 -20.19 10.52 -13.65
CA ILE B 79 -20.24 9.89 -12.34
C ILE B 79 -19.08 8.92 -12.23
N LYS B 80 -18.37 8.98 -11.10
CA LYS B 80 -17.22 8.14 -10.81
C LYS B 80 -17.70 6.98 -9.95
N VAL B 81 -17.43 5.76 -10.39
CA VAL B 81 -17.85 4.56 -9.69
C VAL B 81 -16.61 3.94 -9.07
N LYS B 82 -16.57 3.87 -7.74
CA LYS B 82 -15.49 3.25 -7.00
C LYS B 82 -16.02 1.99 -6.33
N ILE B 83 -15.26 0.89 -6.44
CA ILE B 83 -15.67 -0.39 -5.89
C ILE B 83 -14.52 -0.93 -5.05
N ILE B 84 -14.78 -1.12 -3.75
CA ILE B 84 -13.78 -1.62 -2.82
C ILE B 84 -14.13 -3.08 -2.52
N CYS B 85 -13.17 -3.97 -2.74
CA CYS B 85 -13.33 -5.39 -2.46
C CYS B 85 -12.18 -5.80 -1.56
N PRO B 86 -12.43 -6.12 -0.29
CA PRO B 86 -11.33 -6.36 0.65
C PRO B 86 -10.38 -7.43 0.13
N LEU B 87 -9.11 -7.25 0.45
CA LEU B 87 -8.05 -8.11 -0.06
C LEU B 87 -7.84 -9.30 0.86
N LYS B 88 -7.39 -10.40 0.26
CA LYS B 88 -6.97 -11.56 1.05
C LYS B 88 -5.92 -11.13 2.06
N GLY B 89 -6.18 -11.37 3.33
CA GLY B 89 -5.22 -11.04 4.36
C GLY B 89 -5.26 -9.61 4.86
N SER B 90 -6.03 -8.73 4.20
CA SER B 90 -6.17 -7.37 4.70
C SER B 90 -6.53 -7.38 6.18
N VAL B 91 -7.35 -8.34 6.60
CA VAL B 91 -7.57 -8.71 7.98
C VAL B 91 -7.42 -10.22 8.09
N GLU B 92 -6.77 -10.67 9.15
CA GLU B 92 -6.47 -12.09 9.27
C GLU B 92 -7.74 -12.92 9.41
N LYS B 93 -7.76 -14.05 8.69
CA LYS B 93 -8.80 -15.07 8.76
C LYS B 93 -10.10 -14.74 8.03
N LEU B 94 -10.52 -13.47 8.06
CA LEU B 94 -11.88 -13.13 7.66
C LEU B 94 -12.10 -13.16 6.15
N TYR B 95 -11.05 -12.99 5.33
CA TYR B 95 -11.20 -13.01 3.88
C TYR B 95 -10.22 -13.98 3.25
N ASP B 96 -10.01 -15.14 3.88
CA ASP B 96 -8.90 -16.00 3.47
C ASP B 96 -9.14 -16.65 2.12
N ASN B 97 -10.40 -16.87 1.74
CA ASN B 97 -10.72 -17.48 0.45
C ASN B 97 -11.58 -16.56 -0.42
N ILE B 98 -11.37 -15.25 -0.29
CA ILE B 98 -12.15 -14.30 -1.08
C ILE B 98 -11.69 -14.34 -2.53
N GLU B 99 -12.61 -14.01 -3.44
CA GLU B 99 -12.37 -14.05 -4.86
C GLU B 99 -13.25 -13.00 -5.51
N TYR B 100 -12.72 -12.38 -6.57
CA TYR B 100 -13.44 -11.34 -7.31
C TYR B 100 -13.47 -11.70 -8.78
N VAL B 101 -14.54 -11.28 -9.45
CA VAL B 101 -14.75 -11.57 -10.86
C VAL B 101 -15.40 -10.37 -11.54
N PRO B 102 -14.96 -9.98 -12.75
CA PRO B 102 -13.79 -10.52 -13.46
C PRO B 102 -12.46 -10.06 -12.85
N LYS B 103 -11.41 -10.88 -13.05
CA LYS B 103 -10.08 -10.52 -12.59
C LYS B 103 -9.47 -9.38 -13.39
N LYS B 104 -9.92 -9.17 -14.62
CA LYS B 104 -9.44 -8.06 -15.44
C LYS B 104 -10.34 -6.83 -15.31
N SER B 105 -11.06 -6.71 -14.19
CA SER B 105 -11.84 -5.53 -13.93
C SER B 105 -10.91 -4.32 -13.78
N PRO B 106 -11.38 -3.11 -14.13
CA PRO B 106 -12.70 -2.79 -14.68
C PRO B 106 -12.77 -2.83 -16.20
N TYR B 107 -11.65 -3.12 -16.86
CA TYR B 107 -11.67 -3.20 -18.32
C TYR B 107 -12.65 -4.26 -18.81
N VAL B 108 -12.85 -5.32 -18.03
CA VAL B 108 -13.73 -6.43 -18.39
C VAL B 108 -14.82 -6.53 -17.33
N VAL B 109 -16.07 -6.60 -17.78
CA VAL B 109 -17.21 -6.71 -16.89
C VAL B 109 -18.05 -7.91 -17.32
N LEU B 110 -19.06 -8.20 -16.52
CA LEU B 110 -20.00 -9.28 -16.80
C LEU B 110 -21.37 -8.70 -17.12
N THR B 111 -21.98 -9.19 -18.20
CA THR B 111 -23.33 -8.83 -18.56
C THR B 111 -24.19 -10.08 -18.57
N LYS B 112 -25.48 -9.91 -18.28
CA LYS B 112 -26.39 -11.03 -18.13
C LYS B 112 -26.99 -11.35 -19.49
N GLU B 113 -26.74 -12.57 -19.97
CA GLU B 113 -27.27 -13.09 -21.23
C GLU B 113 -28.08 -14.32 -20.87
N GLU B 114 -29.42 -14.19 -20.90
CA GLU B 114 -30.34 -15.21 -20.42
C GLU B 114 -30.21 -15.31 -18.91
N THR B 115 -29.70 -16.41 -18.37
CA THR B 115 -29.57 -16.57 -16.93
C THR B 115 -28.12 -16.63 -16.45
N LYS B 116 -27.16 -16.55 -17.36
CA LYS B 116 -25.74 -16.64 -17.03
C LYS B 116 -25.04 -15.30 -17.28
N LEU B 117 -23.94 -15.09 -16.56
CA LEU B 117 -23.14 -13.87 -16.69
C LEU B 117 -21.86 -14.19 -17.46
N LYS B 118 -21.53 -13.34 -18.43
CA LYS B 118 -20.41 -13.59 -19.32
C LYS B 118 -19.59 -12.32 -19.48
N GLU B 119 -18.33 -12.48 -19.87
CA GLU B 119 -17.39 -11.36 -19.90
C GLU B 119 -17.56 -10.53 -21.16
N LYS B 120 -17.60 -9.20 -20.97
CA LYS B 120 -17.67 -8.26 -22.08
C LYS B 120 -16.76 -7.07 -21.77
N LEU B 121 -16.22 -6.48 -22.84
CA LEU B 121 -15.39 -5.29 -22.71
C LEU B 121 -16.23 -4.09 -22.33
N LEU B 122 -15.86 -3.40 -21.24
CA LEU B 122 -16.62 -2.24 -20.80
C LEU B 122 -16.52 -1.10 -21.81
N SER B 123 -15.35 -0.94 -22.45
CA SER B 123 -15.18 0.16 -23.39
C SER B 123 -16.12 0.03 -24.59
N LYS B 124 -16.44 -1.20 -25.00
CA LYS B 124 -17.40 -1.38 -26.08
C LYS B 124 -18.85 -1.25 -25.61
N LEU B 125 -19.10 -1.38 -24.30
CA LEU B 125 -20.45 -1.18 -23.80
C LEU B 125 -20.82 0.29 -23.72
N ILE B 126 -19.87 1.16 -23.39
CA ILE B 126 -20.13 2.58 -23.19
C ILE B 126 -18.98 3.35 -23.82
N TYR B 127 -19.26 4.05 -24.92
CA TYR B 127 -18.24 4.87 -25.55
C TYR B 127 -17.96 6.11 -24.72
N GLY B 128 -16.67 6.42 -24.56
CA GLY B 128 -16.25 7.57 -23.80
C GLY B 128 -15.91 7.28 -22.36
N LEU B 129 -16.15 6.06 -21.90
CA LEU B 129 -15.88 5.70 -20.51
C LEU B 129 -14.40 5.87 -20.20
N LEU B 130 -14.09 6.53 -19.08
CA LEU B 130 -12.72 6.77 -18.67
C LEU B 130 -12.28 5.71 -17.68
N ILE B 131 -11.24 4.96 -18.04
CA ILE B 131 -10.59 4.02 -17.13
C ILE B 131 -9.17 4.51 -16.92
N SER B 132 -8.91 5.05 -15.74
CA SER B 132 -7.56 5.53 -15.43
C SER B 132 -6.66 4.34 -15.10
N PRO B 133 -5.35 4.45 -15.39
CA PRO B 133 -4.45 3.34 -15.04
C PRO B 133 -4.21 3.22 -13.54
N THR B 134 -4.33 4.32 -12.79
CA THR B 134 -4.00 4.32 -11.37
C THR B 134 -5.23 4.77 -10.57
N VAL B 135 -5.41 4.18 -9.40
CA VAL B 135 -6.38 4.65 -8.42
C VAL B 135 -5.59 5.02 -7.17
N ASN B 136 -5.54 6.32 -6.86
CA ASN B 136 -4.80 6.80 -5.70
C ASN B 136 -3.41 6.17 -5.61
N GLU B 137 -2.70 6.24 -6.74
CA GLU B 137 -1.31 5.81 -6.88
C GLU B 137 -1.10 4.31 -6.80
N LYS B 138 -2.15 3.51 -6.91
CA LYS B 138 -2.03 2.07 -7.07
C LYS B 138 -2.72 1.62 -8.36
N GLU B 139 -2.40 0.40 -8.78
CA GLU B 139 -2.96 -0.11 -10.02
C GLU B 139 -4.48 -0.21 -9.90
N ASN B 140 -5.16 0.02 -11.02
CA ASN B 140 -6.63 -0.03 -11.07
C ASN B 140 -7.05 -1.48 -11.27
N ASN B 141 -6.93 -2.26 -10.19
CA ASN B 141 -7.24 -3.68 -10.24
C ASN B 141 -7.66 -4.13 -8.85
N PHE B 142 -8.54 -5.14 -8.81
CA PHE B 142 -8.97 -5.68 -7.53
C PHE B 142 -7.82 -6.27 -6.72
N LYS B 143 -6.68 -6.56 -7.37
CA LYS B 143 -5.52 -6.99 -6.59
C LYS B 143 -5.03 -5.89 -5.65
N GLU B 144 -5.38 -4.63 -5.92
CA GLU B 144 -5.08 -3.53 -5.03
C GLU B 144 -6.26 -3.20 -4.11
N GLY B 145 -7.38 -3.92 -4.26
CA GLY B 145 -8.52 -3.76 -3.38
C GLY B 145 -9.58 -2.80 -3.86
N VAL B 146 -9.32 -2.06 -4.92
CA VAL B 146 -10.21 -0.99 -5.37
C VAL B 146 -10.08 -0.85 -6.88
N ILE B 147 -11.21 -0.53 -7.51
CA ILE B 147 -11.23 -0.19 -8.94
C ILE B 147 -12.15 1.00 -9.12
N GLU B 148 -11.86 1.80 -10.15
CA GLU B 148 -12.62 3.01 -10.44
C GLU B 148 -12.79 3.16 -11.93
N PHE B 149 -13.84 3.87 -12.33
CA PHE B 149 -14.02 4.29 -13.71
C PHE B 149 -15.02 5.44 -13.70
N THR B 150 -14.79 6.42 -14.58
CA THR B 150 -15.69 7.55 -14.74
C THR B 150 -16.57 7.31 -15.96
N LEU B 151 -17.86 7.52 -15.81
CA LEU B 151 -18.80 7.38 -16.91
C LEU B 151 -18.78 8.63 -17.77
N PRO B 152 -19.13 8.51 -19.05
CA PRO B 152 -19.00 9.64 -19.96
C PRO B 152 -20.15 10.62 -19.80
N PRO B 153 -20.07 11.79 -20.46
CA PRO B 153 -21.18 12.74 -20.38
C PRO B 153 -22.40 12.37 -21.23
N VAL B 154 -22.31 11.33 -22.06
CA VAL B 154 -23.43 10.89 -22.88
C VAL B 154 -23.41 9.37 -23.01
N VAL B 155 -24.55 8.74 -22.77
CA VAL B 155 -24.77 7.32 -23.01
C VAL B 155 -26.07 7.19 -23.79
N HIS B 156 -26.06 6.38 -24.85
CA HIS B 156 -27.22 6.36 -25.74
C HIS B 156 -28.25 5.30 -25.39
N LYS B 157 -27.82 4.05 -25.13
CA LYS B 157 -28.76 2.99 -24.78
C LYS B 157 -28.42 2.46 -23.39
N ALA B 158 -29.45 2.07 -22.65
CA ALA B 158 -29.27 1.61 -21.28
C ALA B 158 -28.42 0.35 -21.22
N THR B 159 -27.61 0.25 -20.16
CA THR B 159 -26.63 -0.80 -20.00
C THR B 159 -26.70 -1.32 -18.57
N VAL B 160 -26.37 -2.61 -18.40
CA VAL B 160 -26.34 -3.25 -17.09
C VAL B 160 -25.20 -4.26 -17.10
N PHE B 161 -24.17 -4.01 -16.28
CA PHE B 161 -23.04 -4.92 -16.15
C PHE B 161 -22.75 -5.14 -14.67
N TYR B 162 -22.04 -6.23 -14.38
CA TYR B 162 -21.85 -6.69 -13.02
C TYR B 162 -20.39 -6.97 -12.69
N PHE B 163 -20.06 -6.84 -11.41
CA PHE B 163 -18.84 -7.37 -10.82
C PHE B 163 -19.21 -8.29 -9.67
N ILE B 164 -18.28 -9.16 -9.29
CA ILE B 164 -18.49 -10.10 -8.19
C ILE B 164 -17.31 -9.99 -7.24
N CYS B 165 -17.60 -10.01 -5.94
CA CYS B 165 -16.58 -10.00 -4.88
C CYS B 165 -17.08 -11.04 -3.87
N ASP B 166 -16.64 -12.29 -4.05
CA ASP B 166 -17.25 -13.45 -3.39
C ASP B 166 -16.37 -13.93 -2.24
N ASN B 167 -16.93 -13.94 -1.03
CA ASN B 167 -16.26 -14.44 0.16
C ASN B 167 -16.94 -15.68 0.72
N SER B 168 -17.84 -16.30 -0.04
CA SER B 168 -18.67 -17.35 0.52
C SER B 168 -17.88 -18.60 0.90
N LYS B 169 -16.76 -18.87 0.22
CA LYS B 169 -15.94 -20.02 0.58
C LYS B 169 -15.06 -19.77 1.80
N THR B 170 -14.97 -18.54 2.28
CA THR B 170 -14.18 -18.27 3.48
C THR B 170 -14.96 -18.73 4.70
N GLU B 171 -14.32 -19.55 5.53
CA GLU B 171 -14.93 -20.05 6.76
C GLU B 171 -14.02 -19.72 7.94
N ASP B 172 -14.62 -19.23 9.01
CA ASP B 172 -13.90 -18.86 10.23
C ASP B 172 -14.80 -19.19 11.40
N ASP B 173 -14.36 -20.10 12.27
CA ASP B 173 -15.21 -20.61 13.33
C ASP B 173 -16.29 -21.45 12.68
N ASN B 174 -17.57 -21.26 13.02
CA ASN B 174 -18.66 -21.95 12.33
C ASN B 174 -19.41 -21.00 11.39
N LYS B 175 -18.81 -19.86 11.07
CA LYS B 175 -19.41 -18.83 10.23
C LYS B 175 -18.86 -18.91 8.80
N LYS B 176 -19.66 -18.41 7.86
CA LYS B 176 -19.30 -18.42 6.44
C LYS B 176 -19.52 -17.05 5.84
N GLY B 177 -18.67 -16.70 4.87
CA GLY B 177 -18.72 -15.39 4.26
C GLY B 177 -19.88 -15.24 3.29
N ASN B 178 -20.03 -14.01 2.80
CA ASN B 178 -21.14 -13.65 1.93
C ASN B 178 -20.64 -13.40 0.51
N ARG B 179 -21.56 -13.50 -0.44
CA ARG B 179 -21.28 -13.24 -1.84
C ARG B 179 -21.74 -11.83 -2.19
N GLY B 180 -20.83 -11.03 -2.74
CA GLY B 180 -21.13 -9.66 -3.12
C GLY B 180 -21.29 -9.51 -4.62
N ILE B 181 -22.36 -8.82 -5.01
CA ILE B 181 -22.63 -8.50 -6.41
C ILE B 181 -22.76 -7.00 -6.53
N VAL B 182 -22.12 -6.43 -7.56
CA VAL B 182 -22.34 -5.05 -7.95
C VAL B 182 -23.01 -5.04 -9.32
N GLU B 183 -24.16 -4.39 -9.42
CA GLU B 183 -24.82 -4.19 -10.71
C GLU B 183 -24.86 -2.69 -10.98
N VAL B 184 -24.23 -2.28 -12.08
CA VAL B 184 -24.23 -0.90 -12.52
C VAL B 184 -25.30 -0.77 -13.60
N TYR B 185 -26.29 0.08 -13.35
CA TYR B 185 -27.40 0.33 -14.28
C TYR B 185 -27.28 1.78 -14.75
N VAL B 186 -26.92 1.95 -16.01
CA VAL B 186 -26.80 3.27 -16.62
C VAL B 186 -27.98 3.45 -17.56
N GLU B 187 -28.88 4.38 -17.23
CA GLU B 187 -29.92 4.75 -18.19
C GLU B 187 -29.45 5.90 -19.05
N PRO B 188 -30.07 6.09 -20.22
CA PRO B 188 -29.59 7.12 -21.14
C PRO B 188 -29.65 8.52 -20.53
N TYR B 189 -28.66 9.33 -20.89
CA TYR B 189 -28.62 10.73 -20.50
C TYR B 189 -27.73 11.46 -21.51
N GLY B 190 -28.12 12.68 -21.85
CA GLY B 190 -27.39 13.48 -22.81
C GLY B 190 -27.69 13.09 -24.24
N ASN B 191 -27.16 13.89 -25.16
CA ASN B 191 -27.27 13.59 -26.59
C ASN B 191 -25.91 13.71 -27.28
N LYS B 192 -25.34 14.92 -27.27
CA LYS B 192 -24.02 15.17 -27.84
C LYS B 192 -23.20 16.00 -26.85
N ILE B 193 -21.90 16.02 -27.08
CA ILE B 193 -20.96 16.74 -26.22
C ILE B 193 -20.57 18.03 -26.91
N ASN B 194 -20.71 19.15 -26.20
CA ASN B 194 -20.25 20.43 -26.73
C ASN B 194 -18.74 20.37 -26.91
N GLY B 195 -18.29 20.33 -28.17
CA GLY B 195 -16.87 20.21 -28.42
C GLY B 195 -16.63 19.64 -29.81
N CYS B 196 -15.44 19.06 -29.97
CA CYS B 196 -14.92 18.70 -31.28
C CYS B 196 -14.38 17.28 -31.26
N ALA B 197 -14.56 16.58 -32.37
CA ALA B 197 -13.99 15.25 -32.59
C ALA B 197 -13.13 15.29 -33.84
N PHE B 198 -11.83 15.08 -33.67
CA PHE B 198 -10.89 15.06 -34.79
C PHE B 198 -10.80 13.64 -35.36
N LEU B 199 -11.18 13.51 -36.63
CA LEU B 199 -11.34 12.20 -37.26
C LEU B 199 -10.33 12.01 -38.40
N GLU B 219 -18.39 1.12 -35.05
CA GLU B 219 -17.53 1.70 -34.02
C GLU B 219 -17.14 3.13 -34.38
N LYS B 220 -16.68 3.33 -35.61
CA LYS B 220 -16.39 4.67 -36.10
C LYS B 220 -17.62 5.55 -36.12
N ILE B 221 -18.81 4.96 -36.18
CA ILE B 221 -20.04 5.75 -36.17
C ILE B 221 -20.20 6.48 -34.83
N LYS B 222 -19.71 5.88 -33.76
CA LYS B 222 -19.81 6.51 -32.44
C LYS B 222 -18.98 7.78 -32.34
N MET B 223 -17.80 7.79 -32.97
CA MET B 223 -16.92 8.96 -32.87
C MET B 223 -17.57 10.20 -33.46
N LYS B 224 -18.41 10.04 -34.47
CA LYS B 224 -19.02 11.14 -35.20
C LYS B 224 -20.31 11.64 -34.56
N THR B 225 -21.06 10.77 -33.90
CA THR B 225 -22.37 11.11 -33.39
C THR B 225 -22.35 11.61 -31.95
N PHE B 226 -21.22 11.53 -31.27
CA PHE B 226 -21.14 11.89 -29.87
C PHE B 226 -20.77 13.36 -29.65
N PHE B 227 -20.17 14.01 -30.63
CA PHE B 227 -19.73 15.39 -30.50
C PHE B 227 -20.49 16.29 -31.47
N THR B 228 -20.65 17.55 -31.06
CA THR B 228 -21.48 18.46 -31.84
C THR B 228 -20.78 18.89 -33.12
N GLN B 229 -19.46 18.98 -33.10
CA GLN B 229 -18.66 19.41 -34.25
C GLN B 229 -17.62 18.34 -34.54
N ASN B 230 -17.55 17.91 -35.79
CA ASN B 230 -16.56 16.94 -36.25
C ASN B 230 -15.56 17.63 -37.17
N ILE B 231 -14.30 17.24 -37.08
CA ILE B 231 -13.22 17.88 -37.81
C ILE B 231 -12.45 16.81 -38.57
N TYR B 232 -12.54 16.83 -39.89
CA TYR B 232 -11.84 15.89 -40.75
C TYR B 232 -10.49 16.47 -41.16
N LYS B 233 -9.54 15.59 -41.45
CA LYS B 233 -8.16 16.03 -41.63
C LYS B 233 -7.98 16.84 -42.90
N LYS B 234 -8.55 16.38 -44.02
CA LYS B 234 -8.33 17.07 -45.29
C LYS B 234 -9.08 18.40 -45.33
N ASN B 235 -10.39 18.35 -45.06
CA ASN B 235 -11.26 19.52 -45.19
C ASN B 235 -11.47 20.15 -43.82
N ASN B 236 -10.87 21.31 -43.62
CA ASN B 236 -11.15 22.12 -42.43
C ASN B 236 -11.52 23.52 -42.91
N ILE B 237 -12.78 23.90 -42.70
CA ILE B 237 -13.22 25.27 -42.93
C ILE B 237 -13.40 26.00 -41.62
N TYR B 238 -14.00 25.33 -40.64
CA TYR B 238 -14.31 25.92 -39.34
C TYR B 238 -13.46 25.21 -38.31
N PRO B 239 -12.52 25.88 -37.66
CA PRO B 239 -11.72 25.19 -36.61
C PRO B 239 -12.56 24.86 -35.39
N CYS B 240 -11.95 24.17 -34.43
CA CYS B 240 -12.70 23.71 -33.26
C CYS B 240 -13.18 24.90 -32.45
N TYR B 241 -14.48 24.92 -32.15
CA TYR B 241 -15.13 26.01 -31.43
C TYR B 241 -16.16 25.40 -30.50
N MET B 242 -15.76 25.09 -29.28
CA MET B 242 -16.69 24.58 -28.29
C MET B 242 -17.22 25.74 -27.46
N LYS B 243 -18.54 25.91 -27.46
CA LYS B 243 -19.26 27.05 -26.91
C LYS B 243 -19.95 26.61 -25.63
N LEU B 244 -19.36 26.93 -24.48
CA LEU B 244 -19.86 26.48 -23.20
C LEU B 244 -20.55 27.61 -22.43
N TYR B 245 -21.42 27.20 -21.50
CA TYR B 245 -22.08 28.09 -20.56
C TYR B 245 -22.00 27.49 -19.16
N SER B 246 -22.52 28.21 -18.18
CA SER B 246 -22.42 27.79 -16.79
C SER B 246 -23.27 26.54 -16.56
N GLY B 247 -22.62 25.46 -16.12
CA GLY B 247 -23.29 24.19 -15.88
C GLY B 247 -23.12 23.18 -16.99
N ASP B 248 -22.59 23.59 -18.14
CA ASP B 248 -22.50 22.76 -19.32
C ASP B 248 -21.24 21.90 -19.29
N ILE B 249 -21.24 20.85 -20.11
CA ILE B 249 -20.13 19.91 -20.19
C ILE B 249 -19.56 19.94 -21.59
N GLY B 250 -18.24 20.08 -21.69
CA GLY B 250 -17.54 20.07 -22.96
C GLY B 250 -16.54 18.93 -23.03
N GLY B 251 -16.08 18.65 -24.25
CA GLY B 251 -15.10 17.60 -24.45
C GLY B 251 -14.41 17.70 -25.79
N ILE B 252 -13.30 16.98 -25.91
CA ILE B 252 -12.52 16.93 -27.14
C ILE B 252 -12.00 15.50 -27.34
N LEU B 253 -12.29 14.93 -28.51
CA LEU B 253 -11.66 13.68 -28.95
C LEU B 253 -10.45 14.07 -29.81
N PHE B 254 -9.24 13.79 -29.30
CA PHE B 254 -8.03 14.31 -29.92
C PHE B 254 -7.55 13.43 -31.08
N PRO B 255 -6.81 14.02 -32.02
CA PRO B 255 -6.34 13.26 -33.19
C PRO B 255 -5.43 12.09 -32.83
N LYS B 256 -5.46 11.08 -33.68
CA LYS B 256 -4.61 9.90 -33.48
C LYS B 256 -3.15 10.29 -33.28
N ASN B 257 -2.61 11.08 -34.21
CA ASN B 257 -1.21 11.51 -34.15
C ASN B 257 -1.15 12.85 -33.42
N ILE B 258 -0.63 12.84 -32.20
CA ILE B 258 -0.59 14.04 -31.38
C ILE B 258 0.73 14.07 -30.64
N LYS B 259 1.49 15.14 -30.84
CA LYS B 259 2.80 15.36 -30.23
C LYS B 259 2.67 15.99 -28.85
N SER B 260 1.89 17.06 -28.76
CA SER B 260 1.68 17.79 -27.53
C SER B 260 0.44 18.65 -27.73
N THR B 261 -0.11 19.15 -26.63
CA THR B 261 -1.29 19.99 -26.72
C THR B 261 -1.32 20.96 -25.55
N THR B 262 -1.55 22.23 -25.85
CA THR B 262 -1.70 23.26 -24.83
C THR B 262 -3.14 23.37 -24.33
N CYS B 263 -4.01 22.43 -24.69
CA CYS B 263 -5.43 22.59 -24.43
C CYS B 263 -5.76 22.16 -23.00
N PHE B 264 -6.24 23.12 -22.21
CA PHE B 264 -6.78 22.99 -20.86
C PHE B 264 -5.68 23.07 -19.81
N GLU B 265 -4.41 23.05 -20.21
CA GLU B 265 -3.31 23.24 -19.28
C GLU B 265 -2.59 24.57 -19.47
N GLU B 266 -2.47 25.05 -20.71
CA GLU B 266 -1.82 26.34 -21.01
C GLU B 266 -2.68 27.08 -22.04
N MET B 267 -3.61 27.89 -21.56
CA MET B 267 -4.60 28.56 -22.38
C MET B 267 -4.38 30.06 -22.40
N ILE B 268 -4.78 30.68 -23.51
CA ILE B 268 -4.48 32.08 -23.79
C ILE B 268 -5.81 32.85 -23.78
N PRO B 269 -6.05 33.70 -22.78
CA PRO B 269 -7.25 34.54 -22.82
C PRO B 269 -7.04 35.76 -23.72
N TYR B 270 -8.09 36.08 -24.47
CA TYR B 270 -8.10 37.21 -25.40
C TYR B 270 -9.02 38.32 -24.90
N ASN B 271 -9.01 38.54 -23.59
CA ASN B 271 -9.89 39.53 -22.96
C ASN B 271 -9.05 40.67 -22.38
N ASN B 280 -1.54 31.91 -13.83
CA ASN B 280 -2.89 31.34 -13.82
C ASN B 280 -3.35 31.06 -15.24
N LYS B 281 -2.76 30.03 -15.86
CA LYS B 281 -3.02 29.73 -17.27
C LYS B 281 -3.76 28.43 -17.49
N SER B 282 -3.73 27.50 -16.54
CA SER B 282 -4.55 26.29 -16.65
C SER B 282 -6.03 26.64 -16.54
N LEU B 283 -6.87 25.84 -17.17
CA LEU B 283 -8.31 26.09 -17.10
C LEU B 283 -8.82 25.96 -15.68
N GLY B 284 -8.24 25.05 -14.89
CA GLY B 284 -8.59 24.99 -13.48
C GLY B 284 -8.33 26.31 -12.78
N ASN B 285 -7.22 26.97 -13.13
CA ASN B 285 -6.88 28.23 -12.46
C ASN B 285 -7.70 29.41 -12.99
N LEU B 286 -8.19 29.33 -14.23
CA LEU B 286 -8.96 30.44 -14.79
C LEU B 286 -10.41 30.42 -14.34
N VAL B 287 -10.98 29.24 -14.13
CA VAL B 287 -12.37 29.09 -13.73
C VAL B 287 -12.37 28.34 -12.40
N ASN B 288 -12.53 29.07 -11.31
CA ASN B 288 -12.48 28.48 -9.99
C ASN B 288 -13.51 27.36 -9.89
N ASN B 289 -13.06 26.21 -9.40
CA ASN B 289 -13.90 25.04 -9.14
C ASN B 289 -14.39 24.36 -10.41
N SER B 290 -13.76 24.64 -11.55
CA SER B 290 -13.98 23.80 -12.72
C SER B 290 -13.23 22.48 -12.52
N VAL B 291 -13.59 21.50 -13.34
CA VAL B 291 -12.97 20.17 -13.29
C VAL B 291 -12.69 19.71 -14.70
N VAL B 292 -11.50 19.17 -14.91
CA VAL B 292 -11.10 18.59 -16.19
C VAL B 292 -10.85 17.12 -15.96
N TYR B 293 -11.39 16.28 -16.84
CA TYR B 293 -11.29 14.84 -16.70
C TYR B 293 -10.27 14.32 -17.70
N ASN B 294 -9.31 13.54 -17.19
CA ASN B 294 -8.23 12.98 -18.01
C ASN B 294 -7.22 14.07 -18.41
N LYS B 295 -6.82 14.88 -17.43
CA LYS B 295 -5.75 15.84 -17.68
C LYS B 295 -4.53 15.14 -18.28
N GLU B 296 -4.20 13.97 -17.76
CA GLU B 296 -2.97 13.28 -18.15
C GLU B 296 -3.13 12.49 -19.44
N MET B 297 -4.32 12.48 -20.04
CA MET B 297 -4.55 11.81 -21.32
C MET B 297 -4.10 10.35 -21.27
N ASN B 298 -4.16 9.75 -20.08
CA ASN B 298 -3.71 8.37 -19.89
C ASN B 298 -4.83 7.36 -19.95
N ALA B 299 -6.09 7.80 -20.03
CA ALA B 299 -7.20 6.86 -20.11
C ALA B 299 -7.05 5.99 -21.36
N LYS B 300 -7.40 4.72 -21.21
CA LYS B 300 -7.25 3.78 -22.31
C LYS B 300 -8.37 3.96 -23.34
N TYR B 301 -8.12 3.42 -24.54
CA TYR B 301 -9.09 3.36 -25.61
C TYR B 301 -9.38 4.74 -26.19
N PHE B 302 -9.98 5.62 -25.39
CA PHE B 302 -10.50 6.89 -25.85
C PHE B 302 -9.55 8.02 -25.47
N ASN B 303 -9.00 8.70 -26.48
CA ASN B 303 -8.12 9.84 -26.26
C ASN B 303 -9.00 11.09 -26.15
N VAL B 304 -9.65 11.22 -25.00
CA VAL B 304 -10.67 12.22 -24.78
C VAL B 304 -10.30 13.03 -23.55
N GLN B 305 -10.71 14.29 -23.55
CA GLN B 305 -10.68 15.14 -22.36
C GLN B 305 -12.03 15.81 -22.24
N TYR B 306 -12.55 15.88 -21.01
CA TYR B 306 -13.81 16.52 -20.73
C TYR B 306 -13.60 17.68 -19.76
N VAL B 307 -14.49 18.67 -19.83
CA VAL B 307 -14.48 19.79 -18.90
C VAL B 307 -15.90 20.02 -18.42
N HIS B 308 -16.04 20.40 -17.15
CA HIS B 308 -17.33 20.74 -16.55
C HIS B 308 -17.24 22.16 -16.01
N ILE B 309 -18.02 23.05 -16.59
CA ILE B 309 -18.11 24.42 -16.08
C ILE B 309 -19.07 24.44 -14.90
N PRO B 310 -18.66 24.95 -13.74
CA PRO B 310 -19.57 24.94 -12.59
C PRO B 310 -20.72 25.92 -12.81
N THR B 311 -21.88 25.54 -12.28
CA THR B 311 -23.05 26.41 -12.36
C THR B 311 -22.80 27.73 -11.63
N SER B 312 -21.88 27.74 -10.66
CA SER B 312 -21.53 28.97 -9.96
C SER B 312 -20.93 30.01 -10.89
N TYR B 313 -20.06 29.58 -11.81
CA TYR B 313 -19.28 30.50 -12.63
C TYR B 313 -20.20 31.26 -13.57
N LYS B 314 -20.25 32.58 -13.42
CA LYS B 314 -21.08 33.43 -14.27
C LYS B 314 -20.27 34.41 -15.10
N ASP B 315 -18.95 34.51 -14.86
CA ASP B 315 -18.11 35.39 -15.66
C ASP B 315 -17.92 34.83 -17.07
N THR B 316 -17.51 35.71 -17.98
CA THR B 316 -17.25 35.38 -19.36
C THR B 316 -15.76 35.23 -19.62
N LEU B 317 -15.40 34.33 -20.53
CA LEU B 317 -14.01 34.05 -20.83
C LEU B 317 -13.91 33.58 -22.28
N ASN B 318 -12.82 33.99 -22.94
CA ASN B 318 -12.60 33.70 -24.35
C ASN B 318 -11.18 33.24 -24.53
N LEU B 319 -11.00 31.95 -24.74
CA LEU B 319 -9.71 31.30 -24.61
C LEU B 319 -9.30 30.61 -25.91
N PHE B 320 -8.02 30.33 -26.03
CA PHE B 320 -7.46 29.66 -27.18
C PHE B 320 -6.43 28.65 -26.73
N CYS B 321 -6.38 27.51 -27.40
CA CYS B 321 -5.31 26.54 -27.25
C CYS B 321 -5.08 25.90 -28.60
N SER B 322 -4.10 25.00 -28.66
CA SER B 322 -3.70 24.41 -29.93
C SER B 322 -3.32 22.95 -29.71
N ILE B 323 -3.32 22.21 -30.81
CA ILE B 323 -2.95 20.80 -30.83
C ILE B 323 -1.88 20.62 -31.90
N ILE B 324 -0.78 19.99 -31.53
CA ILE B 324 0.37 19.79 -32.41
C ILE B 324 0.40 18.31 -32.80
N LEU B 325 0.58 18.03 -34.08
CA LEU B 325 0.64 16.65 -34.56
C LEU B 325 2.08 16.25 -34.83
N LYS B 326 2.27 14.95 -35.11
CA LYS B 326 3.58 14.37 -35.36
C LYS B 326 3.84 14.31 -36.86
N GLU B 327 4.95 14.91 -37.29
CA GLU B 327 5.33 14.97 -38.70
C GLU B 327 4.80 13.82 -39.55
N THR B 335 1.87 20.14 -38.75
CA THR B 335 0.55 20.77 -38.76
C THR B 335 0.04 20.98 -37.35
N SER B 336 -0.95 21.86 -37.19
CA SER B 336 -1.55 22.12 -35.89
C SER B 336 -2.99 22.55 -36.08
N TYR B 337 -3.81 22.32 -35.05
CA TYR B 337 -5.21 22.67 -35.06
C TYR B 337 -5.47 23.74 -34.00
N LEU B 338 -6.29 24.72 -34.34
CA LEU B 338 -6.69 25.75 -33.38
C LEU B 338 -7.95 25.31 -32.68
N VAL B 339 -8.01 25.56 -31.37
CA VAL B 339 -9.16 25.25 -30.54
C VAL B 339 -9.54 26.52 -29.81
N TYR B 340 -10.79 26.93 -29.95
CA TYR B 340 -11.32 28.14 -29.34
C TYR B 340 -12.41 27.75 -28.36
N VAL B 341 -12.21 28.13 -27.09
CA VAL B 341 -13.17 27.84 -26.04
C VAL B 341 -13.74 29.17 -25.57
N SER B 342 -15.05 29.35 -25.73
CA SER B 342 -15.77 30.47 -25.18
C SER B 342 -16.66 29.97 -24.06
N ILE B 343 -16.72 30.72 -22.97
CA ILE B 343 -17.53 30.37 -21.82
C ILE B 343 -18.45 31.56 -21.54
N ASN B 344 -19.76 31.32 -21.60
CA ASN B 344 -20.75 32.35 -21.31
C ASN B 344 -20.74 33.50 -22.30
N GLU B 345 -21.02 33.19 -23.57
CA GLU B 345 -21.20 34.21 -24.60
C GLU B 345 -22.58 34.86 -24.46
N LEU C 16 28.37 -28.23 16.05
CA LEU C 16 28.15 -28.30 14.60
C LEU C 16 27.55 -26.99 14.11
N ASP C 17 26.85 -26.31 15.02
CA ASP C 17 26.10 -25.10 14.68
C ASP C 17 26.56 -23.88 15.47
N LYS C 18 27.81 -23.85 15.92
CA LYS C 18 28.30 -22.74 16.73
C LYS C 18 28.92 -21.68 15.82
N ILE C 19 28.44 -20.45 15.93
CA ILE C 19 28.89 -19.36 15.07
C ILE C 19 29.85 -18.45 15.83
N ASP C 20 30.89 -17.99 15.12
CA ASP C 20 31.84 -17.01 15.63
C ASP C 20 31.43 -15.64 15.07
N LEU C 21 30.92 -14.78 15.95
CA LEU C 21 30.42 -13.47 15.52
C LEU C 21 31.55 -12.50 15.19
N SER C 22 32.78 -12.79 15.62
CA SER C 22 33.90 -11.91 15.35
C SER C 22 34.52 -12.16 13.97
N TYR C 23 34.10 -13.21 13.29
CA TYR C 23 34.69 -13.55 12.00
C TYR C 23 34.28 -12.53 10.94
N GLU C 24 35.24 -12.15 10.12
CA GLU C 24 35.01 -11.25 8.99
C GLU C 24 35.77 -11.76 7.78
N THR C 25 35.17 -11.63 6.60
CA THR C 25 35.86 -11.90 5.35
C THR C 25 35.18 -11.10 4.24
N THR C 26 35.76 -11.17 3.04
CA THR C 26 35.22 -10.51 1.86
C THR C 26 35.05 -11.53 0.73
N GLU C 27 34.26 -11.15 -0.27
CA GLU C 27 34.15 -11.98 -1.46
C GLU C 27 35.51 -12.20 -2.11
N SER C 28 36.25 -11.11 -2.34
CA SER C 28 37.57 -11.22 -2.95
C SER C 28 38.60 -11.81 -2.00
N GLY C 29 38.37 -11.75 -0.69
CA GLY C 29 39.38 -12.20 0.25
C GLY C 29 40.63 -11.34 0.14
N ASP C 30 41.79 -11.99 0.05
CA ASP C 30 43.07 -11.31 -0.05
C ASP C 30 43.67 -11.45 -1.45
N THR C 31 42.82 -11.56 -2.46
CA THR C 31 43.28 -11.81 -3.83
C THR C 31 43.45 -10.54 -4.64
N ALA C 32 42.88 -9.41 -4.20
CA ALA C 32 42.95 -8.11 -4.87
C ALA C 32 42.08 -8.04 -6.10
N VAL C 33 41.23 -9.03 -6.34
CA VAL C 33 40.39 -9.06 -7.53
C VAL C 33 39.14 -8.21 -7.29
N SER C 34 38.82 -7.35 -8.24
CA SER C 34 37.59 -6.58 -8.18
C SER C 34 36.45 -7.40 -8.77
N GLU C 35 35.24 -7.13 -8.30
CA GLU C 35 34.10 -7.96 -8.63
C GLU C 35 33.76 -7.90 -10.12
N ASP C 36 34.20 -6.86 -10.84
CA ASP C 36 34.00 -6.82 -12.28
C ASP C 36 34.75 -7.93 -12.99
N SER C 37 35.74 -8.53 -12.35
CA SER C 37 36.59 -9.54 -12.98
C SER C 37 36.34 -10.94 -12.45
N TYR C 38 35.32 -11.13 -11.62
CA TYR C 38 34.94 -12.48 -11.22
C TYR C 38 34.51 -13.27 -12.45
N ASP C 39 34.82 -14.56 -12.47
CA ASP C 39 34.32 -15.46 -13.52
C ASP C 39 33.03 -16.08 -13.00
N LYS C 40 31.91 -15.44 -13.29
CA LYS C 40 30.62 -15.95 -12.87
C LYS C 40 30.11 -17.00 -13.82
N TYR C 41 29.53 -18.07 -13.25
CA TYR C 41 28.88 -19.09 -14.06
C TYR C 41 27.74 -19.66 -13.22
N ALA C 42 26.90 -20.46 -13.87
CA ALA C 42 25.74 -21.06 -13.22
C ALA C 42 26.04 -22.51 -12.88
N SER C 43 25.24 -23.05 -11.96
CA SER C 43 25.36 -24.45 -11.58
C SER C 43 24.89 -25.36 -12.71
N ASN C 44 25.42 -26.58 -12.73
CA ASN C 44 24.90 -27.62 -13.61
C ASN C 44 23.63 -28.17 -12.96
N ASN C 45 22.48 -27.82 -13.52
CA ASN C 45 21.20 -28.17 -12.95
C ASN C 45 20.62 -29.37 -13.70
N THR C 46 20.23 -30.39 -12.93
CA THR C 46 19.70 -31.63 -13.49
C THR C 46 18.59 -32.10 -12.56
N ASN C 47 17.36 -32.17 -13.09
CA ASN C 47 16.17 -32.46 -12.31
C ASN C 47 16.06 -31.37 -11.25
N LYS C 48 16.03 -31.69 -9.96
CA LYS C 48 15.96 -30.72 -8.88
C LYS C 48 17.21 -30.73 -8.01
N GLU C 49 18.36 -30.95 -8.63
CA GLU C 49 19.66 -30.91 -7.96
C GLU C 49 20.54 -29.90 -8.68
N TYR C 50 20.89 -28.81 -8.00
CA TYR C 50 21.78 -27.78 -8.51
C TYR C 50 23.16 -28.01 -7.92
N VAL C 51 24.17 -28.16 -8.78
CA VAL C 51 25.50 -28.61 -8.38
C VAL C 51 26.52 -27.54 -8.74
N CYS C 52 27.40 -27.22 -7.79
CA CYS C 52 28.57 -26.39 -8.02
C CYS C 52 29.80 -27.24 -7.71
N ASP C 53 30.47 -27.73 -8.75
CA ASP C 53 31.66 -28.56 -8.60
C ASP C 53 32.89 -27.71 -8.86
N PHE C 54 33.81 -27.69 -7.90
CA PHE C 54 35.05 -26.93 -8.00
C PHE C 54 36.26 -27.81 -8.28
N THR C 55 36.06 -29.09 -8.59
CA THR C 55 37.19 -29.99 -8.73
C THR C 55 38.17 -29.54 -9.80
N ASP C 56 37.67 -29.12 -10.96
CA ASP C 56 38.51 -28.74 -12.08
C ASP C 56 38.66 -27.23 -12.22
N GLN C 57 38.01 -26.46 -11.36
CA GLN C 57 37.92 -25.01 -11.50
C GLN C 57 38.99 -24.24 -10.75
N LEU C 58 39.57 -24.83 -9.69
CA LEU C 58 40.45 -24.10 -8.78
C LEU C 58 41.92 -24.45 -8.98
N LYS C 59 42.26 -25.24 -10.00
CA LYS C 59 43.66 -25.61 -10.21
C LYS C 59 44.51 -24.35 -10.32
N PRO C 60 45.78 -24.40 -9.90
CA PRO C 60 46.65 -23.24 -10.08
C PRO C 60 46.83 -22.92 -11.56
N THR C 61 46.67 -21.65 -11.91
CA THR C 61 46.66 -21.21 -13.30
C THR C 61 47.73 -20.16 -13.58
N GLU C 62 47.93 -19.92 -14.88
CA GLU C 62 48.82 -18.86 -15.33
C GLU C 62 48.28 -17.49 -14.91
N SER C 63 46.99 -17.25 -15.15
CA SER C 63 46.38 -15.98 -14.83
C SER C 63 46.03 -15.83 -13.37
N GLY C 64 46.01 -16.92 -12.61
CA GLY C 64 45.54 -16.89 -11.24
C GLY C 64 46.35 -15.98 -10.35
N PRO C 65 45.79 -15.64 -9.17
CA PRO C 65 44.48 -16.10 -8.71
C PRO C 65 43.29 -15.41 -9.37
N LYS C 66 42.35 -16.20 -9.87
CA LYS C 66 41.08 -15.73 -10.40
C LYS C 66 39.98 -16.00 -9.37
N VAL C 67 38.91 -15.21 -9.43
CA VAL C 67 37.75 -15.42 -8.57
C VAL C 67 36.64 -16.05 -9.40
N LYS C 68 36.11 -17.16 -8.92
CA LYS C 68 35.13 -17.97 -9.65
C LYS C 68 33.85 -18.05 -8.83
N LYS C 69 32.79 -17.41 -9.30
CA LYS C 69 31.51 -17.38 -8.59
C LYS C 69 30.54 -18.33 -9.28
N CYS C 70 29.99 -19.27 -8.52
CA CYS C 70 28.99 -20.21 -9.01
C CYS C 70 27.63 -19.72 -8.50
N GLU C 71 26.76 -19.31 -9.43
CA GLU C 71 25.47 -18.73 -9.06
C GLU C 71 24.40 -19.81 -9.03
N VAL C 72 23.84 -20.05 -7.84
CA VAL C 72 22.75 -20.99 -7.65
C VAL C 72 21.48 -20.14 -7.49
N LYS C 73 20.66 -20.10 -8.53
CA LYS C 73 19.44 -19.32 -8.53
C LYS C 73 18.25 -20.27 -8.35
N VAL C 74 17.56 -20.16 -7.22
CA VAL C 74 16.48 -21.05 -6.84
C VAL C 74 15.20 -20.24 -6.79
N ASN C 75 14.23 -20.61 -7.63
CA ASN C 75 12.89 -20.04 -7.56
C ASN C 75 11.82 -21.13 -7.56
N GLU C 76 12.18 -22.36 -7.23
CA GLU C 76 11.25 -23.48 -7.21
C GLU C 76 11.47 -24.29 -5.95
N PRO C 77 10.48 -25.07 -5.52
CA PRO C 77 10.55 -25.73 -4.22
C PRO C 77 11.32 -27.05 -4.22
N LEU C 78 11.88 -27.38 -3.05
CA LEU C 78 12.49 -28.67 -2.78
C LEU C 78 13.68 -28.93 -3.70
N ILE C 79 14.50 -27.90 -3.89
CA ILE C 79 15.72 -28.01 -4.70
C ILE C 79 16.85 -28.44 -3.79
N LYS C 80 17.64 -29.41 -4.26
CA LYS C 80 18.78 -29.94 -3.52
C LYS C 80 20.05 -29.33 -4.09
N VAL C 81 20.85 -28.70 -3.23
CA VAL C 81 22.08 -28.02 -3.64
C VAL C 81 23.27 -28.84 -3.17
N LYS C 82 24.08 -29.31 -4.12
CA LYS C 82 25.31 -30.05 -3.84
C LYS C 82 26.51 -29.18 -4.21
N ILE C 83 27.50 -29.13 -3.31
CA ILE C 83 28.69 -28.30 -3.49
C ILE C 83 29.92 -29.16 -3.24
N ILE C 84 30.77 -29.30 -4.26
CA ILE C 84 31.99 -30.09 -4.17
C ILE C 84 33.19 -29.17 -4.06
N CYS C 85 33.98 -29.37 -3.01
CA CYS C 85 35.22 -28.61 -2.80
C CYS C 85 36.33 -29.62 -2.57
N PRO C 86 37.27 -29.79 -3.51
CA PRO C 86 38.28 -30.84 -3.36
C PRO C 86 39.07 -30.71 -2.07
N LEU C 87 39.45 -31.86 -1.52
CA LEU C 87 40.16 -31.91 -0.25
C LEU C 87 41.67 -31.86 -0.44
N LYS C 88 42.33 -31.33 0.57
CA LYS C 88 43.78 -31.35 0.66
C LYS C 88 44.31 -32.77 0.51
N GLY C 89 45.24 -32.94 -0.44
CA GLY C 89 45.82 -34.23 -0.71
C GLY C 89 45.06 -35.06 -1.73
N SER C 90 43.85 -34.64 -2.11
CA SER C 90 43.15 -35.33 -3.18
C SER C 90 44.05 -35.44 -4.41
N VAL C 91 44.78 -34.38 -4.72
CA VAL C 91 45.90 -34.41 -5.64
C VAL C 91 47.05 -33.67 -4.96
N GLU C 92 48.25 -34.23 -5.04
CA GLU C 92 49.39 -33.67 -4.33
C GLU C 92 49.76 -32.32 -4.95
N LYS C 93 50.11 -31.37 -4.09
CA LYS C 93 50.59 -30.04 -4.47
C LYS C 93 49.44 -29.12 -4.86
N LEU C 94 48.39 -29.64 -5.50
CA LEU C 94 47.40 -28.77 -6.11
C LEU C 94 46.45 -28.14 -5.10
N TYR C 95 46.20 -28.79 -3.96
CA TYR C 95 45.28 -28.27 -2.95
C TYR C 95 45.91 -28.29 -1.56
N ASP C 96 47.21 -28.00 -1.49
CA ASP C 96 47.94 -28.22 -0.24
C ASP C 96 47.59 -27.18 0.83
N ASN C 97 47.20 -25.97 0.44
CA ASN C 97 46.79 -24.93 1.38
C ASN C 97 45.34 -24.50 1.11
N ILE C 98 44.50 -25.45 0.69
CA ILE C 98 43.12 -25.12 0.38
C ILE C 98 42.38 -24.82 1.67
N GLU C 99 41.33 -24.01 1.56
CA GLU C 99 40.58 -23.55 2.72
C GLU C 99 39.13 -23.36 2.32
N TYR C 100 38.22 -23.67 3.24
CA TYR C 100 36.80 -23.53 3.02
C TYR C 100 36.21 -22.74 4.19
N VAL C 101 35.17 -21.96 3.89
CA VAL C 101 34.51 -21.13 4.89
C VAL C 101 33.03 -21.10 4.58
N PRO C 102 32.13 -21.22 5.58
CA PRO C 102 32.41 -21.52 6.98
C PRO C 102 32.83 -22.97 7.20
N LYS C 103 33.59 -23.25 8.26
CA LYS C 103 34.03 -24.62 8.49
C LYS C 103 32.88 -25.52 8.89
N LYS C 104 31.82 -24.95 9.46
CA LYS C 104 30.63 -25.69 9.86
C LYS C 104 29.53 -25.63 8.82
N SER C 105 29.90 -25.50 7.55
CA SER C 105 28.90 -25.58 6.49
C SER C 105 28.28 -26.97 6.47
N PRO C 106 27.00 -27.08 6.05
CA PRO C 106 26.12 -26.00 5.63
C PRO C 106 25.30 -25.40 6.76
N TYR C 107 25.48 -25.90 7.99
CA TYR C 107 24.74 -25.37 9.12
C TYR C 107 25.00 -23.88 9.30
N VAL C 108 26.20 -23.42 8.96
CA VAL C 108 26.60 -22.02 9.08
C VAL C 108 26.93 -21.52 7.69
N VAL C 109 26.39 -20.37 7.32
CA VAL C 109 26.61 -19.76 6.02
C VAL C 109 27.09 -18.33 6.23
N LEU C 110 27.42 -17.68 5.12
CA LEU C 110 27.89 -16.29 5.12
C LEU C 110 26.85 -15.40 4.44
N THR C 111 26.53 -14.28 5.08
CA THR C 111 25.64 -13.28 4.49
C THR C 111 26.37 -11.95 4.34
N LYS C 112 25.93 -11.20 3.33
CA LYS C 112 26.59 -9.97 2.91
C LYS C 112 26.00 -8.76 3.62
N GLU C 113 26.87 -8.01 4.31
CA GLU C 113 26.51 -6.71 4.88
C GLU C 113 27.45 -5.72 4.20
N GLU C 114 26.96 -5.09 3.14
CA GLU C 114 27.76 -4.24 2.26
C GLU C 114 28.86 -5.06 1.61
N THR C 115 30.10 -4.89 2.05
CA THR C 115 31.23 -5.59 1.42
C THR C 115 31.87 -6.67 2.30
N LYS C 116 31.38 -6.89 3.51
CA LYS C 116 31.95 -7.92 4.37
C LYS C 116 30.95 -9.07 4.54
N LEU C 117 31.50 -10.26 4.74
CA LEU C 117 30.71 -11.47 4.97
C LEU C 117 30.88 -11.95 6.40
N LYS C 118 29.76 -12.27 7.05
CA LYS C 118 29.78 -12.77 8.43
C LYS C 118 28.82 -13.94 8.55
N GLU C 119 29.04 -14.72 9.60
CA GLU C 119 28.40 -16.04 9.74
C GLU C 119 26.96 -15.91 10.25
N LYS C 120 26.08 -16.72 9.65
CA LYS C 120 24.69 -16.84 10.08
C LYS C 120 24.29 -18.31 10.04
N LEU C 121 23.43 -18.72 10.97
CA LEU C 121 22.88 -20.07 10.93
C LEU C 121 21.88 -20.18 9.80
N LEU C 122 22.08 -21.16 8.91
CA LEU C 122 21.19 -21.30 7.76
C LEU C 122 19.79 -21.68 8.19
N SER C 123 19.65 -22.48 9.24
CA SER C 123 18.32 -22.88 9.69
C SER C 123 17.51 -21.68 10.14
N LYS C 124 18.19 -20.63 10.65
CA LYS C 124 17.50 -19.42 11.03
C LYS C 124 17.18 -18.53 9.83
N LEU C 125 17.88 -18.70 8.71
CA LEU C 125 17.62 -17.89 7.53
C LEU C 125 16.41 -18.38 6.74
N ILE C 126 16.22 -19.70 6.67
CA ILE C 126 15.18 -20.31 5.84
C ILE C 126 14.53 -21.41 6.67
N TYR C 127 13.28 -21.20 7.07
CA TYR C 127 12.57 -22.22 7.83
C TYR C 127 12.19 -23.39 6.92
N GLY C 128 12.39 -24.60 7.43
CA GLY C 128 12.07 -25.82 6.72
C GLY C 128 13.24 -26.43 5.97
N LEU C 129 14.38 -25.75 5.91
CA LEU C 129 15.53 -26.24 5.19
C LEU C 129 16.01 -27.57 5.78
N LEU C 130 16.18 -28.56 4.90
CA LEU C 130 16.59 -29.90 5.33
C LEU C 130 18.10 -30.03 5.20
N ILE C 131 18.77 -30.29 6.31
CA ILE C 131 20.20 -30.60 6.32
C ILE C 131 20.36 -32.02 6.84
N SER C 132 20.69 -32.94 5.95
CA SER C 132 20.91 -34.31 6.37
C SER C 132 22.27 -34.44 7.04
N PRO C 133 22.41 -35.38 8.00
CA PRO C 133 23.73 -35.56 8.62
C PRO C 133 24.76 -36.16 7.68
N THR C 134 24.33 -36.95 6.68
CA THR C 134 25.25 -37.65 5.79
C THR C 134 24.98 -37.26 4.35
N VAL C 135 26.05 -37.19 3.55
CA VAL C 135 25.98 -37.03 2.10
C VAL C 135 26.60 -38.27 1.48
N ASN C 136 25.79 -39.06 0.78
CA ASN C 136 26.23 -40.33 0.21
C ASN C 136 26.97 -41.15 1.26
N GLU C 137 26.35 -41.25 2.44
CA GLU C 137 26.77 -42.13 3.53
C GLU C 137 28.12 -41.74 4.14
N LYS C 138 28.55 -40.51 3.88
CA LYS C 138 29.65 -39.86 4.58
C LYS C 138 29.14 -38.54 5.16
N GLU C 139 29.90 -37.97 6.10
CA GLU C 139 29.45 -36.79 6.83
C GLU C 139 29.21 -35.59 5.92
N ASN C 140 28.22 -34.77 6.29
CA ASN C 140 27.85 -33.57 5.55
C ASN C 140 28.71 -32.38 6.00
N ASN C 141 29.97 -32.42 5.57
CA ASN C 141 30.93 -31.38 5.89
C ASN C 141 31.99 -31.34 4.80
N PHE C 142 32.56 -30.15 4.60
CA PHE C 142 33.66 -30.01 3.64
C PHE C 142 34.83 -30.90 3.99
N LYS C 143 34.88 -31.43 5.22
CA LYS C 143 35.92 -32.39 5.59
C LYS C 143 35.80 -33.67 4.75
N GLU C 144 34.61 -33.97 4.26
CA GLU C 144 34.38 -35.11 3.37
C GLU C 144 34.39 -34.71 1.91
N GLY C 145 34.55 -33.42 1.60
CA GLY C 145 34.65 -32.96 0.24
C GLY C 145 33.34 -32.49 -0.38
N VAL C 146 32.21 -32.70 0.29
CA VAL C 146 30.91 -32.42 -0.28
C VAL C 146 29.96 -32.00 0.84
N ILE C 147 29.06 -31.09 0.52
CA ILE C 147 27.98 -30.69 1.43
C ILE C 147 26.70 -30.55 0.63
N GLU C 148 25.56 -30.80 1.28
CA GLU C 148 24.27 -30.75 0.63
C GLU C 148 23.23 -30.17 1.58
N PHE C 149 22.17 -29.62 1.00
CA PHE C 149 20.98 -29.23 1.75
C PHE C 149 19.84 -29.08 0.75
N THR C 150 18.64 -29.47 1.17
CA THR C 150 17.44 -29.31 0.36
C THR C 150 16.67 -28.09 0.85
N LEU C 151 16.21 -27.28 -0.09
CA LEU C 151 15.41 -26.12 0.25
C LEU C 151 13.95 -26.51 0.47
N PRO C 152 13.21 -25.74 1.25
CA PRO C 152 11.85 -26.15 1.62
C PRO C 152 10.87 -25.87 0.50
N PRO C 153 9.63 -26.35 0.61
CA PRO C 153 8.63 -26.05 -0.42
C PRO C 153 8.07 -24.64 -0.37
N VAL C 154 8.39 -23.84 0.65
CA VAL C 154 7.90 -22.47 0.75
C VAL C 154 9.00 -21.60 1.33
N VAL C 155 9.28 -20.49 0.67
CA VAL C 155 10.18 -19.45 1.16
C VAL C 155 9.47 -18.11 1.02
N HIS C 156 9.50 -17.30 2.08
CA HIS C 156 8.73 -16.08 2.14
C HIS C 156 9.54 -14.85 1.71
N LYS C 157 10.77 -14.72 2.22
CA LYS C 157 11.60 -13.57 1.94
C LYS C 157 12.85 -14.01 1.17
N ALA C 158 13.28 -13.16 0.24
CA ALA C 158 14.47 -13.46 -0.53
C ALA C 158 15.70 -13.46 0.37
N THR C 159 16.61 -14.41 0.10
CA THR C 159 17.79 -14.60 0.93
C THR C 159 18.98 -14.83 0.03
N VAL C 160 20.16 -14.45 0.51
CA VAL C 160 21.41 -14.60 -0.23
C VAL C 160 22.50 -14.95 0.77
N PHE C 161 23.04 -16.17 0.68
CA PHE C 161 24.14 -16.61 1.51
C PHE C 161 25.20 -17.21 0.61
N TYR C 162 26.42 -17.30 1.15
CA TYR C 162 27.59 -17.69 0.37
C TYR C 162 28.38 -18.78 1.08
N PHE C 163 29.09 -19.57 0.28
CA PHE C 163 30.16 -20.43 0.75
C PHE C 163 31.43 -20.08 -0.01
N ILE C 164 32.58 -20.42 0.57
CA ILE C 164 33.88 -20.19 -0.05
C ILE C 164 34.69 -21.48 -0.03
N CYS C 165 35.41 -21.72 -1.12
CA CYS C 165 36.33 -22.86 -1.29
C CYS C 165 37.58 -22.22 -1.89
N ASP C 166 38.50 -21.80 -1.03
CA ASP C 166 39.58 -20.90 -1.40
C ASP C 166 40.87 -21.68 -1.58
N ASN C 167 41.42 -21.63 -2.79
CA ASN C 167 42.69 -22.26 -3.11
C ASN C 167 43.76 -21.22 -3.45
N SER C 168 43.47 -19.95 -3.19
CA SER C 168 44.38 -18.88 -3.59
C SER C 168 45.68 -18.91 -2.81
N LYS C 169 45.67 -19.47 -1.60
CA LYS C 169 46.88 -19.55 -0.80
C LYS C 169 47.82 -20.66 -1.27
N THR C 170 47.34 -21.56 -2.12
CA THR C 170 48.17 -22.64 -2.65
C THR C 170 49.01 -22.14 -3.83
N GLU C 171 50.30 -22.44 -3.79
CA GLU C 171 51.23 -22.09 -4.86
C GLU C 171 51.92 -23.35 -5.37
N ASP C 172 52.10 -23.43 -6.69
CA ASP C 172 52.76 -24.55 -7.35
C ASP C 172 53.61 -23.99 -8.48
N ASP C 173 54.93 -24.05 -8.31
CA ASP C 173 55.87 -23.43 -9.23
C ASP C 173 55.60 -21.93 -9.17
N ASN C 174 55.38 -21.25 -10.30
CA ASN C 174 54.99 -19.84 -10.30
C ASN C 174 53.49 -19.68 -10.55
N LYS C 175 52.71 -20.75 -10.37
CA LYS C 175 51.27 -20.69 -10.54
C LYS C 175 50.62 -20.56 -9.17
N LYS C 176 49.42 -19.98 -9.16
CA LYS C 176 48.70 -19.67 -7.92
C LYS C 176 47.25 -20.11 -8.09
N GLY C 177 46.67 -20.60 -7.01
CA GLY C 177 45.32 -21.15 -7.06
C GLY C 177 44.24 -20.08 -7.15
N ASN C 178 43.01 -20.55 -7.33
CA ASN C 178 41.86 -19.67 -7.51
C ASN C 178 40.96 -19.74 -6.28
N ARG C 179 40.18 -18.67 -6.10
CA ARG C 179 39.23 -18.55 -5.01
C ARG C 179 37.84 -18.86 -5.53
N GLY C 180 37.16 -19.81 -4.88
CA GLY C 180 35.83 -20.23 -5.29
C GLY C 180 34.76 -19.63 -4.40
N ILE C 181 33.72 -19.11 -5.03
CA ILE C 181 32.55 -18.57 -4.34
C ILE C 181 31.31 -19.27 -4.84
N VAL C 182 30.44 -19.67 -3.92
CA VAL C 182 29.10 -20.13 -4.25
C VAL C 182 28.15 -19.09 -3.68
N GLU C 183 27.31 -18.52 -4.54
CA GLU C 183 26.27 -17.59 -4.13
C GLU C 183 24.93 -18.24 -4.41
N VAL C 184 24.18 -18.50 -3.35
CA VAL C 184 22.83 -19.07 -3.46
C VAL C 184 21.83 -17.93 -3.31
N TYR C 185 21.00 -17.75 -4.34
CA TYR C 185 19.97 -16.72 -4.35
C TYR C 185 18.62 -17.43 -4.36
N VAL C 186 17.90 -17.34 -3.25
CA VAL C 186 16.59 -17.96 -3.11
C VAL C 186 15.56 -16.84 -3.21
N GLU C 187 14.77 -16.86 -4.28
CA GLU C 187 13.66 -15.93 -4.42
C GLU C 187 12.41 -16.55 -3.79
N PRO C 188 11.45 -15.73 -3.38
CA PRO C 188 10.25 -16.29 -2.73
C PRO C 188 9.52 -17.25 -3.64
N TYR C 189 8.95 -18.29 -3.04
CA TYR C 189 8.10 -19.24 -3.76
C TYR C 189 7.20 -19.93 -2.74
N GLY C 190 5.98 -20.22 -3.18
CA GLY C 190 4.99 -20.87 -2.34
C GLY C 190 4.28 -19.90 -1.40
N ASN C 191 3.28 -20.44 -0.70
CA ASN C 191 2.55 -19.67 0.31
C ASN C 191 2.45 -20.51 1.58
N LYS C 192 1.73 -21.63 1.52
CA LYS C 192 1.61 -22.56 2.63
C LYS C 192 1.78 -23.99 2.12
N ILE C 193 1.99 -24.91 3.05
CA ILE C 193 2.18 -26.33 2.77
C ILE C 193 0.89 -27.07 3.07
N ASN C 194 0.40 -27.85 2.10
CA ASN C 194 -0.74 -28.71 2.30
C ASN C 194 -0.37 -29.79 3.32
N GLY C 195 -0.93 -29.71 4.52
CA GLY C 195 -0.59 -30.67 5.55
C GLY C 195 -0.86 -30.09 6.93
N CYS C 196 -0.18 -30.67 7.92
CA CYS C 196 -0.50 -30.46 9.32
C CYS C 196 0.76 -30.15 10.11
N ALA C 197 0.62 -29.28 11.10
CA ALA C 197 1.68 -28.96 12.05
C ALA C 197 1.19 -29.25 13.47
N PHE C 198 1.83 -30.19 14.13
CA PHE C 198 1.46 -30.57 15.50
C PHE C 198 2.22 -29.71 16.50
N LEU C 199 1.47 -28.95 17.29
CA LEU C 199 2.03 -27.94 18.18
C LEU C 199 1.76 -28.28 19.65
N GLU C 219 10.12 -17.75 15.49
CA GLU C 219 10.27 -19.18 15.29
C GLU C 219 8.94 -19.90 15.50
N LYS C 220 8.31 -19.64 16.65
CA LYS C 220 7.01 -20.21 16.94
C LYS C 220 5.96 -19.70 15.96
N ILE C 221 6.07 -18.43 15.55
CA ILE C 221 5.15 -17.89 14.57
C ILE C 221 5.35 -18.54 13.20
N LYS C 222 6.59 -18.93 12.88
CA LYS C 222 6.82 -19.60 11.60
C LYS C 222 6.13 -20.95 11.55
N MET C 223 6.10 -21.68 12.66
CA MET C 223 5.44 -22.98 12.66
C MET C 223 3.95 -22.86 12.38
N LYS C 224 3.33 -21.74 12.76
CA LYS C 224 1.88 -21.62 12.56
C LYS C 224 1.52 -21.14 11.16
N THR C 225 2.37 -20.34 10.53
CA THR C 225 2.02 -19.72 9.26
C THR C 225 2.47 -20.52 8.04
N PHE C 226 3.25 -21.57 8.24
CA PHE C 226 3.83 -22.30 7.11
C PHE C 226 2.98 -23.47 6.65
N PHE C 227 2.08 -23.97 7.49
CA PHE C 227 1.23 -25.10 7.16
C PHE C 227 -0.23 -24.67 7.16
N THR C 228 -1.03 -25.35 6.34
CA THR C 228 -2.44 -24.96 6.17
C THR C 228 -3.28 -25.36 7.38
N GLN C 229 -2.92 -26.44 8.07
CA GLN C 229 -3.68 -26.93 9.21
C GLN C 229 -2.77 -27.05 10.43
N ASN C 230 -3.20 -26.49 11.55
CA ASN C 230 -2.49 -26.59 12.81
C ASN C 230 -3.27 -27.47 13.78
N ILE C 231 -2.55 -28.30 14.54
CA ILE C 231 -3.17 -29.26 15.46
C ILE C 231 -2.51 -29.09 16.82
N TYR C 232 -3.25 -28.57 17.79
CA TYR C 232 -2.76 -28.44 19.15
C TYR C 232 -3.21 -29.63 19.97
N LYS C 233 -2.40 -29.99 20.96
CA LYS C 233 -2.66 -31.19 21.74
C LYS C 233 -3.85 -30.98 22.67
N LYS C 234 -4.07 -29.75 23.14
CA LYS C 234 -5.08 -29.50 24.16
C LYS C 234 -6.48 -29.82 23.66
N ASN C 235 -6.93 -29.13 22.63
CA ASN C 235 -8.29 -29.28 22.12
C ASN C 235 -8.20 -29.77 20.68
N ASN C 236 -7.95 -31.07 20.52
CA ASN C 236 -7.95 -31.68 19.20
C ASN C 236 -9.40 -32.02 18.87
N ILE C 237 -9.95 -31.34 17.87
CA ILE C 237 -11.28 -31.62 17.36
C ILE C 237 -11.22 -32.26 15.98
N TYR C 238 -10.39 -31.72 15.10
CA TYR C 238 -10.28 -32.14 13.71
C TYR C 238 -8.94 -32.81 13.47
N PRO C 239 -8.90 -34.10 13.13
CA PRO C 239 -7.62 -34.75 12.86
C PRO C 239 -6.99 -34.27 11.57
N CYS C 240 -5.76 -34.71 11.35
CA CYS C 240 -4.96 -34.26 10.22
C CYS C 240 -5.54 -34.76 8.91
N TYR C 241 -5.74 -33.84 7.96
CA TYR C 241 -6.37 -34.13 6.66
C TYR C 241 -5.63 -33.30 5.59
N MET C 242 -4.60 -33.87 4.99
CA MET C 242 -3.89 -33.19 3.91
C MET C 242 -4.47 -33.63 2.57
N LYS C 243 -4.94 -32.66 1.80
CA LYS C 243 -5.70 -32.87 0.56
C LYS C 243 -4.80 -32.52 -0.60
N LEU C 244 -4.24 -33.54 -1.24
CA LEU C 244 -3.28 -33.37 -2.33
C LEU C 244 -3.93 -33.65 -3.68
N TYR C 245 -3.35 -33.06 -4.72
CA TYR C 245 -3.71 -33.32 -6.11
C TYR C 245 -2.43 -33.52 -6.92
N SER C 246 -2.58 -33.79 -8.22
CA SER C 246 -1.43 -34.10 -9.06
C SER C 246 -0.54 -32.88 -9.21
N GLY C 247 0.72 -33.01 -8.78
CA GLY C 247 1.68 -31.92 -8.83
C GLY C 247 1.89 -31.20 -7.51
N ASP C 248 1.06 -31.49 -6.51
CA ASP C 248 1.07 -30.73 -5.27
C ASP C 248 2.15 -31.22 -4.32
N ILE C 249 2.48 -30.36 -3.35
CA ILE C 249 3.48 -30.66 -2.34
C ILE C 249 2.81 -30.64 -0.98
N GLY C 250 3.00 -31.70 -0.20
CA GLY C 250 2.48 -31.80 1.14
C GLY C 250 3.59 -31.95 2.16
N GLY C 251 3.23 -31.75 3.42
CA GLY C 251 4.19 -31.88 4.49
C GLY C 251 3.52 -32.02 5.83
N ILE C 252 4.30 -32.46 6.82
CA ILE C 252 3.83 -32.62 8.18
C ILE C 252 4.96 -32.20 9.12
N LEU C 253 4.65 -31.31 10.06
CA LEU C 253 5.55 -31.00 11.16
C LEU C 253 5.16 -31.90 12.34
N PHE C 254 6.01 -32.86 12.65
CA PHE C 254 5.66 -33.88 13.62
C PHE C 254 5.89 -33.38 15.04
N PRO C 255 5.16 -33.94 16.02
CA PRO C 255 5.34 -33.49 17.41
C PRO C 255 6.77 -33.74 17.88
N LYS C 256 7.23 -32.88 18.78
CA LYS C 256 8.59 -33.01 19.29
C LYS C 256 8.83 -34.41 19.86
N ASN C 257 7.95 -34.86 20.75
CA ASN C 257 8.06 -36.18 21.36
C ASN C 257 7.23 -37.18 20.55
N ILE C 258 7.92 -38.07 19.85
CA ILE C 258 7.29 -39.03 18.94
C ILE C 258 8.05 -40.34 19.04
N LYS C 259 7.33 -41.42 19.33
CA LYS C 259 7.97 -42.74 19.46
C LYS C 259 8.12 -43.41 18.09
N SER C 260 7.08 -43.40 17.28
CA SER C 260 7.14 -44.02 15.97
C SER C 260 6.03 -43.46 15.09
N THR C 261 6.16 -43.69 13.79
CA THR C 261 5.18 -43.21 12.82
C THR C 261 5.15 -44.13 11.61
N THR C 262 3.95 -44.55 11.23
CA THR C 262 3.74 -45.33 10.01
C THR C 262 3.49 -44.44 8.79
N CYS C 263 3.70 -43.13 8.92
CA CYS C 263 3.27 -42.21 7.87
C CYS C 263 4.29 -42.16 6.74
N PHE C 264 3.85 -42.57 5.55
CA PHE C 264 4.53 -42.51 4.26
C PHE C 264 5.35 -43.77 4.01
N GLU C 265 5.55 -44.63 5.00
CA GLU C 265 6.18 -45.93 4.80
C GLU C 265 5.23 -47.10 4.89
N GLU C 266 4.22 -47.03 5.76
CA GLU C 266 3.23 -48.09 5.94
C GLU C 266 1.84 -47.45 6.00
N MET C 267 1.22 -47.31 4.84
CA MET C 267 -0.05 -46.60 4.69
C MET C 267 -1.14 -47.57 4.27
N ILE C 268 -2.38 -47.24 4.66
CA ILE C 268 -3.53 -48.12 4.50
C ILE C 268 -4.47 -47.49 3.48
N PRO C 269 -4.60 -48.05 2.28
CA PRO C 269 -5.59 -47.53 1.32
C PRO C 269 -6.98 -48.05 1.62
N TYR C 270 -7.97 -47.17 1.44
CA TYR C 270 -9.37 -47.49 1.66
C TYR C 270 -10.16 -47.53 0.36
N ASN C 271 -9.53 -48.00 -0.71
CA ASN C 271 -10.17 -48.08 -2.02
C ASN C 271 -10.26 -49.52 -2.50
N ASN C 280 2.30 -53.45 -0.84
CA ASN C 280 2.36 -52.13 -1.45
C ASN C 280 1.85 -51.06 -0.49
N LYS C 281 2.64 -50.77 0.55
CA LYS C 281 2.21 -49.87 1.61
C LYS C 281 2.97 -48.54 1.67
N SER C 282 4.18 -48.46 1.13
CA SER C 282 4.88 -47.19 1.09
C SER C 282 4.20 -46.25 0.09
N LEU C 283 4.30 -44.94 0.39
CA LEU C 283 3.77 -43.96 -0.55
C LEU C 283 4.57 -43.95 -1.85
N GLY C 284 5.88 -44.18 -1.77
CA GLY C 284 6.67 -44.34 -2.97
C GLY C 284 6.17 -45.48 -3.84
N ASN C 285 5.79 -46.59 -3.21
CA ASN C 285 5.31 -47.75 -3.97
C ASN C 285 3.87 -47.59 -4.43
N LEU C 286 3.06 -46.79 -3.72
CA LEU C 286 1.67 -46.62 -4.11
C LEU C 286 1.51 -45.62 -5.26
N VAL C 287 2.36 -44.60 -5.29
CA VAL C 287 2.29 -43.55 -6.31
C VAL C 287 3.63 -43.56 -7.04
N ASN C 288 3.67 -44.18 -8.21
CA ASN C 288 4.92 -44.34 -8.95
C ASN C 288 5.56 -42.97 -9.21
N ASN C 289 6.85 -42.89 -8.93
CA ASN C 289 7.68 -41.72 -9.20
C ASN C 289 7.37 -40.55 -8.28
N SER C 290 6.69 -40.80 -7.17
CA SER C 290 6.61 -39.83 -6.09
C SER C 290 7.93 -39.83 -5.32
N VAL C 291 8.13 -38.77 -4.54
CA VAL C 291 9.33 -38.61 -3.72
C VAL C 291 8.94 -38.06 -2.36
N VAL C 292 9.55 -38.62 -1.31
CA VAL C 292 9.37 -38.16 0.06
C VAL C 292 10.71 -37.71 0.60
N TYR C 293 10.73 -36.54 1.23
CA TYR C 293 11.95 -35.90 1.70
C TYR C 293 12.05 -36.03 3.21
N ASN C 294 13.20 -36.50 3.69
CA ASN C 294 13.43 -36.73 5.11
C ASN C 294 12.68 -37.99 5.57
N LYS C 295 12.79 -39.06 4.79
CA LYS C 295 12.16 -40.32 5.14
C LYS C 295 12.54 -40.78 6.55
N GLU C 296 13.83 -40.75 6.89
CA GLU C 296 14.31 -41.26 8.17
C GLU C 296 14.26 -40.25 9.31
N MET C 297 13.70 -39.06 9.09
CA MET C 297 13.50 -38.09 10.16
C MET C 297 14.80 -37.72 10.87
N ASN C 298 15.93 -37.76 10.16
CA ASN C 298 17.22 -37.44 10.75
C ASN C 298 17.66 -36.00 10.48
N ALA C 299 16.92 -35.25 9.66
CA ALA C 299 17.28 -33.86 9.41
C ALA C 299 17.26 -33.06 10.70
N LYS C 300 18.22 -32.14 10.82
CA LYS C 300 18.38 -31.34 12.02
C LYS C 300 17.33 -30.23 12.06
N TYR C 301 17.13 -29.68 13.26
CA TYR C 301 16.25 -28.54 13.48
C TYR C 301 14.77 -28.87 13.30
N PHE C 302 14.37 -29.20 12.07
CA PHE C 302 12.97 -29.31 11.69
C PHE C 302 12.54 -30.76 11.65
N ASN C 303 11.56 -31.12 12.49
CA ASN C 303 11.03 -32.48 12.55
C ASN C 303 9.89 -32.60 11.54
N VAL C 304 10.28 -32.62 10.26
CA VAL C 304 9.32 -32.51 9.16
C VAL C 304 9.55 -33.59 8.11
N GLN C 305 8.48 -33.94 7.39
CA GLN C 305 8.57 -34.69 6.16
C GLN C 305 7.74 -33.98 5.09
N TYR C 306 8.26 -33.95 3.86
CA TYR C 306 7.56 -33.37 2.72
C TYR C 306 7.32 -34.45 1.66
N VAL C 307 6.28 -34.26 0.87
CA VAL C 307 5.97 -35.18 -0.23
C VAL C 307 5.65 -34.37 -1.48
N HIS C 308 6.02 -34.91 -2.63
CA HIS C 308 5.71 -34.32 -3.93
C HIS C 308 4.94 -35.34 -4.75
N ILE C 309 3.69 -35.02 -5.07
CA ILE C 309 2.88 -35.86 -5.96
C ILE C 309 3.26 -35.52 -7.39
N PRO C 310 3.61 -36.50 -8.23
CA PRO C 310 3.98 -36.17 -9.61
C PRO C 310 2.76 -35.70 -10.39
N THR C 311 3.01 -34.78 -11.33
CA THR C 311 1.93 -34.35 -12.22
C THR C 311 1.40 -35.50 -13.05
N SER C 312 2.21 -36.54 -13.24
CA SER C 312 1.77 -37.72 -13.99
C SER C 312 0.57 -38.38 -13.34
N TYR C 313 0.60 -38.51 -12.01
CA TYR C 313 -0.37 -39.32 -11.30
C TYR C 313 -1.76 -38.69 -11.35
N LYS C 314 -2.70 -39.39 -11.98
CA LYS C 314 -4.10 -38.97 -12.08
C LYS C 314 -5.08 -39.93 -11.42
N ASP C 315 -4.63 -41.10 -10.97
CA ASP C 315 -5.52 -42.01 -10.26
C ASP C 315 -5.89 -41.42 -8.90
N THR C 316 -6.97 -41.93 -8.33
CA THR C 316 -7.46 -41.47 -7.05
C THR C 316 -7.02 -42.43 -5.95
N LEU C 317 -6.69 -41.88 -4.79
CA LEU C 317 -6.18 -42.64 -3.65
C LEU C 317 -6.59 -41.90 -2.38
N ASN C 318 -6.95 -42.67 -1.35
CA ASN C 318 -7.39 -42.11 -0.07
C ASN C 318 -6.78 -42.98 1.02
N LEU C 319 -5.77 -42.45 1.71
CA LEU C 319 -4.87 -43.24 2.53
C LEU C 319 -4.94 -42.81 3.99
N PHE C 320 -4.40 -43.68 4.86
CA PHE C 320 -4.36 -43.43 6.30
C PHE C 320 -3.02 -43.86 6.87
N CYS C 321 -2.53 -43.09 7.83
CA CYS C 321 -1.39 -43.48 8.66
C CYS C 321 -1.61 -42.91 10.06
N SER C 322 -0.67 -43.19 10.96
CA SER C 322 -0.84 -42.79 12.35
C SER C 322 0.51 -42.39 12.94
N ILE C 323 0.44 -41.66 14.05
CA ILE C 323 1.61 -41.21 14.79
C ILE C 323 1.45 -41.62 16.25
N ILE C 324 2.45 -42.29 16.79
CA ILE C 324 2.44 -42.77 18.17
C ILE C 324 3.44 -41.93 18.96
N LEU C 325 3.03 -41.50 20.15
CA LEU C 325 3.86 -40.66 21.00
C LEU C 325 4.51 -41.50 22.11
N LYS C 326 5.37 -40.86 22.89
CA LYS C 326 6.10 -41.52 23.98
C LYS C 326 5.32 -41.36 25.27
N GLU C 327 5.19 -42.45 26.02
CA GLU C 327 4.36 -42.43 27.22
C GLU C 327 5.01 -41.61 28.33
N THR C 335 -1.51 -41.91 23.75
CA THR C 335 -2.35 -41.30 22.72
C THR C 335 -1.65 -41.40 21.37
N SER C 336 -2.41 -41.21 20.29
CA SER C 336 -1.88 -41.24 18.94
C SER C 336 -2.74 -40.34 18.07
N TYR C 337 -2.16 -39.87 16.96
CA TYR C 337 -2.83 -38.97 16.04
C TYR C 337 -3.06 -39.68 14.71
N LEU C 338 -4.24 -39.48 14.15
CA LEU C 338 -4.60 -40.02 12.84
C LEU C 338 -4.26 -39.03 11.74
N VAL C 339 -3.77 -39.54 10.63
CA VAL C 339 -3.42 -38.73 9.46
C VAL C 339 -4.15 -39.31 8.25
N TYR C 340 -4.90 -38.46 7.57
CA TYR C 340 -5.68 -38.86 6.40
C TYR C 340 -5.14 -38.12 5.18
N VAL C 341 -4.68 -38.88 4.19
CA VAL C 341 -4.15 -38.33 2.95
C VAL C 341 -5.08 -38.70 1.81
N SER C 342 -5.64 -37.70 1.14
CA SER C 342 -6.39 -37.90 -0.08
C SER C 342 -5.59 -37.34 -1.25
N ILE C 343 -5.55 -38.10 -2.34
CA ILE C 343 -4.81 -37.70 -3.54
C ILE C 343 -5.77 -37.79 -4.72
N ASN C 344 -5.95 -36.65 -5.41
CA ASN C 344 -6.80 -36.58 -6.59
C ASN C 344 -8.25 -36.90 -6.23
N GLU C 345 -8.74 -36.23 -5.19
CA GLU C 345 -10.13 -36.36 -4.77
C GLU C 345 -11.03 -35.42 -5.57
N GLN D 3 5.26 2.87 37.66
CA GLN D 3 4.48 3.41 38.82
C GLN D 3 3.87 4.76 38.48
N VAL D 4 3.34 4.88 37.27
CA VAL D 4 2.70 6.11 36.81
C VAL D 4 1.34 6.21 37.48
N GLN D 5 1.16 7.21 38.35
CA GLN D 5 -0.12 7.47 39.00
C GLN D 5 -0.62 8.84 38.58
N LEU D 6 -1.95 8.97 38.52
CA LEU D 6 -2.63 10.20 38.11
C LEU D 6 -3.72 10.49 39.14
N GLN D 7 -3.41 11.32 40.13
CA GLN D 7 -4.41 11.78 41.07
C GLN D 7 -5.29 12.84 40.43
N GLN D 8 -6.59 12.79 40.73
CA GLN D 8 -7.59 13.61 40.06
C GLN D 8 -8.59 14.12 41.09
N TRP D 9 -8.93 15.40 41.00
CA TRP D 9 -9.87 15.96 41.97
C TRP D 9 -10.53 17.20 41.39
N GLY D 10 -11.69 17.52 41.94
CA GLY D 10 -12.47 18.67 41.52
C GLY D 10 -13.91 18.53 41.95
N ALA D 11 -14.59 19.67 42.05
CA ALA D 11 -15.97 19.68 42.48
C ALA D 11 -16.83 18.94 41.47
N GLY D 12 -17.63 17.98 41.96
CA GLY D 12 -18.42 17.14 41.09
C GLY D 12 -19.90 17.46 40.98
N LEU D 13 -20.46 18.14 41.98
CA LEU D 13 -21.90 18.43 42.02
C LEU D 13 -22.10 19.91 41.75
N LEU D 14 -22.57 20.22 40.53
CA LEU D 14 -22.68 21.60 40.07
C LEU D 14 -24.06 21.85 39.47
N LYS D 15 -24.54 23.08 39.64
CA LYS D 15 -25.78 23.51 39.01
C LYS D 15 -25.56 23.94 37.56
N PRO D 16 -26.63 23.96 36.76
CA PRO D 16 -26.49 24.37 35.36
C PRO D 16 -25.95 25.79 35.22
N SER D 17 -25.18 25.99 34.15
CA SER D 17 -24.56 27.26 33.79
C SER D 17 -23.35 27.60 34.67
N GLU D 18 -23.10 26.80 35.70
CA GLU D 18 -21.92 27.01 36.54
C GLU D 18 -20.66 26.65 35.75
N THR D 19 -19.53 26.54 36.44
CA THR D 19 -18.27 26.21 35.78
C THR D 19 -17.61 25.00 36.42
N LEU D 20 -17.24 24.03 35.60
CA LEU D 20 -16.52 22.85 36.06
C LEU D 20 -15.02 23.11 36.08
N SER D 21 -14.36 22.65 37.14
CA SER D 21 -12.92 22.82 37.28
C SER D 21 -12.34 21.52 37.84
N LEU D 22 -11.55 20.82 37.03
CA LEU D 22 -10.85 19.63 37.47
C LEU D 22 -9.35 19.85 37.37
N THR D 23 -8.60 19.16 38.23
CA THR D 23 -7.15 19.23 38.26
C THR D 23 -6.60 17.81 38.37
N CYS D 24 -5.51 17.55 37.68
CA CYS D 24 -4.86 16.25 37.73
C CYS D 24 -3.39 16.45 38.08
N ALA D 25 -2.85 15.55 38.90
CA ALA D 25 -1.45 15.60 39.32
C ALA D 25 -0.76 14.32 38.90
N VAL D 26 0.41 14.47 38.27
CA VAL D 26 1.15 13.35 37.72
C VAL D 26 2.31 13.00 38.64
N SER D 27 2.62 11.71 38.73
CA SER D 27 3.78 11.23 39.45
C SER D 27 4.29 9.98 38.76
N GLY D 28 5.58 9.71 38.91
CA GLY D 28 6.20 8.57 38.27
C GLY D 28 6.43 8.72 36.79
N ALA D 29 6.16 9.89 36.22
CA ALA D 29 6.42 10.17 34.83
C ALA D 29 6.93 11.60 34.70
N SER D 30 7.70 11.85 33.65
CA SER D 30 8.21 13.19 33.40
C SER D 30 7.11 14.04 32.80
N PHE D 31 6.82 15.19 33.42
CA PHE D 31 5.71 16.00 32.96
C PHE D 31 5.94 16.49 31.54
N SER D 32 7.19 16.79 31.20
CA SER D 32 7.55 16.98 29.80
C SER D 32 7.49 15.65 29.07
N GLY D 33 7.15 15.73 27.78
CA GLY D 33 7.21 14.56 26.94
C GLY D 33 5.93 13.75 26.82
N TYR D 34 4.82 14.22 27.37
CA TYR D 34 3.52 13.59 27.14
C TYR D 34 2.48 14.68 26.94
N SER D 35 1.37 14.33 26.29
CA SER D 35 0.27 15.28 26.07
C SER D 35 -0.83 14.93 27.06
N TRP D 36 -0.94 15.74 28.11
CA TRP D 36 -1.89 15.52 29.19
C TRP D 36 -3.29 15.88 28.70
N THR D 37 -4.17 14.87 28.61
CA THR D 37 -5.45 15.06 27.98
C THR D 37 -6.58 14.81 28.97
N TRP D 38 -7.75 15.33 28.63
CA TRP D 38 -8.97 15.09 29.37
C TRP D 38 -9.96 14.38 28.45
N ILE D 39 -10.65 13.41 29.01
CA ILE D 39 -11.60 12.57 28.28
C ILE D 39 -12.81 12.33 29.17
N ARG D 40 -14.00 12.42 28.60
CA ARG D 40 -15.22 12.15 29.35
C ARG D 40 -16.01 11.01 28.72
N GLN D 41 -16.70 10.26 29.58
CA GLN D 41 -17.57 9.16 29.18
C GLN D 41 -18.99 9.50 29.62
N SER D 42 -19.84 9.85 28.66
CA SER D 42 -21.20 10.26 28.96
C SER D 42 -22.18 9.12 28.69
N PRO D 43 -23.30 9.07 29.43
CA PRO D 43 -24.33 8.07 29.11
C PRO D 43 -24.96 8.37 27.76
N GLY D 44 -24.90 7.40 26.85
CA GLY D 44 -25.45 7.59 25.53
C GLY D 44 -24.42 8.07 24.52
N LYS D 45 -23.84 9.25 24.79
CA LYS D 45 -22.83 9.81 23.89
C LYS D 45 -21.63 8.88 23.78
N GLY D 46 -21.16 8.35 24.91
CA GLY D 46 -19.99 7.49 24.93
C GLY D 46 -18.70 8.22 25.24
N LEU D 47 -17.58 7.70 24.75
CA LEU D 47 -16.28 8.28 25.03
C LEU D 47 -15.98 9.45 24.08
N GLU D 48 -15.50 10.55 24.65
CA GLU D 48 -15.28 11.79 23.92
C GLU D 48 -14.00 12.43 24.43
N TRP D 49 -13.10 12.76 23.50
CA TRP D 49 -11.85 13.43 23.82
C TRP D 49 -12.09 14.93 23.93
N ILE D 50 -11.64 15.51 25.04
CA ILE D 50 -11.89 16.92 25.32
C ILE D 50 -10.77 17.80 24.79
N GLY D 51 -9.54 17.48 25.15
CA GLY D 51 -8.41 18.29 24.74
C GLY D 51 -7.14 17.80 25.40
N GLU D 52 -6.03 18.42 25.01
CA GLU D 52 -4.71 18.05 25.50
C GLU D 52 -3.91 19.32 25.75
N ILE D 53 -2.88 19.18 26.59
CA ILE D 53 -1.96 20.27 26.91
C ILE D 53 -0.63 19.65 27.31
N ASP D 54 0.46 20.30 26.93
CA ASP D 54 1.80 19.85 27.27
C ASP D 54 2.44 20.83 28.26
N TYR D 55 3.68 20.53 28.67
CA TYR D 55 4.35 21.32 29.69
C TYR D 55 4.62 22.75 29.26
N ARG D 56 4.64 23.01 27.95
CA ARG D 56 4.89 24.34 27.41
C ARG D 56 3.63 25.18 27.30
N GLY D 57 2.45 24.62 27.59
CA GLY D 57 1.22 25.37 27.55
C GLY D 57 0.46 25.31 26.24
N SER D 58 0.98 24.62 25.24
CA SER D 58 0.32 24.51 23.95
C SER D 58 -0.89 23.58 24.05
N THR D 59 -1.99 23.98 23.43
CA THR D 59 -3.26 23.28 23.58
C THR D 59 -3.79 22.79 22.24
N ASN D 60 -4.67 21.80 22.34
CA ASN D 60 -5.49 21.35 21.21
C ASN D 60 -6.81 20.92 21.81
N TYR D 61 -7.92 21.49 21.32
CA TYR D 61 -9.24 21.25 21.88
C TYR D 61 -10.14 20.59 20.85
N ASN D 62 -11.17 19.91 21.34
CA ASN D 62 -12.17 19.34 20.44
C ASN D 62 -13.03 20.45 19.85
N PRO D 63 -13.18 20.51 18.53
CA PRO D 63 -14.01 21.59 17.95
C PRO D 63 -15.42 21.68 18.54
N SER D 64 -15.99 20.56 19.00
CA SER D 64 -17.34 20.61 19.55
C SER D 64 -17.38 21.35 20.89
N LEU D 65 -16.40 21.10 21.74
CA LEU D 65 -16.28 21.72 23.05
C LEU D 65 -15.32 22.91 23.03
N LYS D 66 -14.77 23.24 21.87
CA LYS D 66 -13.70 24.23 21.78
C LYS D 66 -14.10 25.57 22.40
N SER D 67 -15.36 25.95 22.24
CA SER D 67 -15.81 27.24 22.73
C SER D 67 -15.73 27.34 24.25
N ARG D 68 -16.08 26.26 24.95
CA ARG D 68 -16.23 26.28 26.40
C ARG D 68 -15.06 25.72 27.16
N VAL D 69 -14.08 25.12 26.48
CA VAL D 69 -13.01 24.40 27.15
C VAL D 69 -11.80 25.29 27.25
N THR D 70 -11.16 25.26 28.42
CA THR D 70 -9.89 25.93 28.66
C THR D 70 -9.04 24.98 29.51
N MET D 71 -7.76 24.89 29.17
CA MET D 71 -6.84 24.02 29.91
C MET D 71 -5.57 24.80 30.23
N SER D 72 -4.93 24.40 31.33
CA SER D 72 -3.74 25.05 31.82
C SER D 72 -2.80 24.03 32.43
N VAL D 73 -1.56 24.45 32.66
CA VAL D 73 -0.56 23.63 33.33
C VAL D 73 0.13 24.47 34.40
N ASP D 74 0.53 23.80 35.47
CA ASP D 74 1.39 24.37 36.50
C ASP D 74 2.58 23.40 36.57
N THR D 75 3.51 23.57 35.62
CA THR D 75 4.57 22.57 35.46
C THR D 75 5.39 22.35 36.72
N PRO D 76 5.71 23.36 37.53
CA PRO D 76 6.43 23.10 38.78
C PRO D 76 5.83 21.95 39.59
N LYS D 77 4.52 21.96 39.80
CA LYS D 77 3.85 20.94 40.58
C LYS D 77 3.40 19.73 39.75
N ASN D 78 3.73 19.69 38.46
CA ASN D 78 3.36 18.57 37.60
C ASN D 78 1.84 18.37 37.56
N GLN D 79 1.09 19.47 37.46
CA GLN D 79 -0.36 19.43 37.41
C GLN D 79 -0.87 20.03 36.10
N PHE D 80 -2.06 19.60 35.71
CA PHE D 80 -2.76 20.22 34.58
C PHE D 80 -4.25 20.19 34.88
N SER D 81 -4.98 21.17 34.32
CA SER D 81 -6.34 21.47 34.77
C SER D 81 -7.26 21.69 33.59
N LEU D 82 -8.55 21.45 33.84
CA LEU D 82 -9.62 21.66 32.86
C LEU D 82 -10.63 22.66 33.39
N ASN D 83 -11.20 23.45 32.48
CA ASN D 83 -12.25 24.42 32.80
C ASN D 83 -13.32 24.32 31.71
N LEU D 84 -14.39 23.59 31.99
CA LEU D 84 -15.57 23.56 31.12
C LEU D 84 -16.58 24.57 31.65
N THR D 85 -17.23 25.30 30.74
CA THR D 85 -18.11 26.40 31.11
C THR D 85 -19.48 26.21 30.49
N SER D 86 -20.42 27.06 30.92
CA SER D 86 -21.79 27.04 30.44
C SER D 86 -22.35 25.62 30.51
N LEU D 87 -22.42 25.11 31.73
CA LEU D 87 -22.72 23.71 31.93
C LEU D 87 -24.19 23.41 31.63
N THR D 88 -24.43 22.19 31.16
CA THR D 88 -25.77 21.68 30.89
C THR D 88 -25.81 20.23 31.37
N ALA D 89 -27.01 19.63 31.30
CA ALA D 89 -27.12 18.24 31.74
C ALA D 89 -26.35 17.29 30.83
N ALA D 90 -26.21 17.62 29.55
CA ALA D 90 -25.47 16.77 28.64
C ALA D 90 -24.00 16.65 29.02
N ASP D 91 -23.51 17.55 29.87
CA ASP D 91 -22.13 17.51 30.32
C ASP D 91 -21.94 16.60 31.53
N THR D 92 -23.02 16.02 32.04
CA THR D 92 -22.91 15.03 33.10
C THR D 92 -22.24 13.79 32.56
N ALA D 93 -21.15 13.38 33.21
CA ALA D 93 -20.36 12.24 32.73
C ALA D 93 -19.22 11.94 33.69
N ILE D 94 -18.46 10.90 33.38
CA ILE D 94 -17.21 10.60 34.09
C ILE D 94 -16.06 11.22 33.31
N TYR D 95 -15.28 12.06 33.98
CA TYR D 95 -14.15 12.74 33.36
C TYR D 95 -12.86 12.04 33.77
N TYR D 96 -12.00 11.77 32.80
CA TYR D 96 -10.77 11.05 33.03
C TYR D 96 -9.57 11.95 32.75
N CYS D 97 -8.68 12.04 33.72
CA CYS D 97 -7.31 12.44 33.46
C CYS D 97 -6.60 11.32 32.72
N ALA D 98 -5.79 11.68 31.72
CA ALA D 98 -5.13 10.66 30.92
C ALA D 98 -3.79 11.15 30.42
N LYS D 99 -2.85 10.21 30.27
CA LYS D 99 -1.52 10.50 29.77
C LYS D 99 -1.48 10.11 28.30
N GLY D 100 -1.45 11.12 27.43
CA GLY D 100 -1.30 10.85 26.01
C GLY D 100 0.17 10.69 25.64
N TYR D 101 0.45 9.68 24.82
CA TYR D 101 1.83 9.37 24.46
C TYR D 101 2.47 10.57 23.77
N GLY D 102 1.74 11.22 22.86
CA GLY D 102 2.21 12.46 22.26
C GLY D 102 3.38 12.34 21.33
N GLY D 103 3.63 11.17 20.76
CA GLY D 103 4.79 10.99 19.91
C GLY D 103 4.66 11.71 18.59
N VAL D 104 5.79 12.15 18.07
CA VAL D 104 5.80 12.91 16.82
C VAL D 104 5.76 11.94 15.64
N THR D 105 5.15 12.40 14.55
CA THR D 105 5.08 11.65 13.31
C THR D 105 5.17 12.64 12.15
N LEU D 106 5.74 12.19 11.05
CA LEU D 106 5.77 13.02 9.84
C LEU D 106 4.43 13.04 9.11
N VAL D 107 3.45 12.23 9.55
CA VAL D 107 2.11 12.35 9.02
C VAL D 107 1.47 13.61 9.57
N ARG D 108 0.92 14.44 8.69
CA ARG D 108 0.38 15.73 9.11
C ARG D 108 -0.98 15.55 9.77
N GLY D 109 -1.21 16.33 10.82
CA GLY D 109 -2.43 16.22 11.58
C GLY D 109 -2.49 15.02 12.49
N ALA D 110 -1.47 14.17 12.50
CA ALA D 110 -1.43 12.96 13.29
C ALA D 110 -0.40 13.11 14.41
N LYS D 111 -0.67 12.41 15.51
CA LYS D 111 0.22 12.34 16.66
C LYS D 111 0.11 10.92 17.19
N ILE D 112 1.23 10.30 17.55
CA ILE D 112 1.18 8.97 18.14
C ILE D 112 0.62 9.11 19.55
N ASN D 113 -0.70 9.23 19.65
CA ASN D 113 -1.34 9.72 20.87
C ASN D 113 -2.44 8.79 21.34
N TRP D 114 -2.11 7.52 21.55
CA TRP D 114 -2.97 6.66 22.36
C TRP D 114 -2.82 7.04 23.83
N PHE D 115 -3.89 6.85 24.59
CA PHE D 115 -3.94 7.30 25.98
C PHE D 115 -3.76 6.12 26.92
N ASP D 116 -2.68 6.13 27.69
CA ASP D 116 -2.42 5.12 28.72
C ASP D 116 -1.39 5.67 29.69
N PRO D 117 -1.60 5.55 31.01
CA PRO D 117 -2.79 5.06 31.70
C PRO D 117 -3.86 6.13 31.91
N TRP D 118 -5.07 5.70 32.20
CA TRP D 118 -6.14 6.64 32.50
C TRP D 118 -6.19 6.88 34.00
N GLY D 119 -6.83 7.98 34.38
CA GLY D 119 -7.08 8.27 35.77
C GLY D 119 -8.27 7.47 36.29
N GLN D 120 -8.52 7.62 37.60
CA GLN D 120 -9.56 6.82 38.23
C GLN D 120 -10.95 7.27 37.78
N GLY D 121 -11.13 8.54 37.48
CA GLY D 121 -12.39 9.05 36.99
C GLY D 121 -13.07 9.93 38.03
N THR D 122 -13.79 10.93 37.53
CA THR D 122 -14.53 11.86 38.39
C THR D 122 -15.91 12.05 37.79
N LEU D 123 -16.95 11.70 38.54
CA LEU D 123 -18.31 11.89 38.09
C LEU D 123 -18.72 13.34 38.29
N VAL D 124 -19.17 13.98 37.22
CA VAL D 124 -19.64 15.36 37.25
C VAL D 124 -21.13 15.32 36.97
N THR D 125 -21.93 15.80 37.92
CA THR D 125 -23.37 15.78 37.82
C THR D 125 -23.85 17.23 37.68
N VAL D 126 -24.58 17.51 36.61
CA VAL D 126 -25.19 18.82 36.41
C VAL D 126 -26.65 18.68 36.81
N SER D 127 -27.01 19.31 37.94
CA SER D 127 -28.39 19.34 38.41
C SER D 127 -28.51 20.20 39.67
N SER D 128 -29.66 20.80 39.88
CA SER D 128 -29.90 21.57 41.10
C SER D 128 -30.40 20.67 42.22
N GLU D 149 -14.33 14.98 10.95
CA GLU D 149 -13.95 13.99 11.94
C GLU D 149 -14.01 12.56 11.41
N ILE D 150 -13.17 11.70 11.98
CA ILE D 150 -13.12 10.30 11.62
C ILE D 150 -14.07 9.55 12.56
N VAL D 151 -15.05 8.87 11.99
CA VAL D 151 -16.04 8.12 12.76
C VAL D 151 -15.68 6.65 12.72
N LEU D 152 -15.59 6.05 13.90
CA LEU D 152 -15.29 4.63 14.06
C LEU D 152 -16.56 3.92 14.48
N THR D 153 -16.97 2.92 13.70
CA THR D 153 -18.17 2.15 13.97
C THR D 153 -17.76 0.73 14.26
N GLN D 154 -17.99 0.28 15.49
CA GLN D 154 -17.63 -1.07 15.91
C GLN D 154 -18.80 -2.01 15.71
N SER D 155 -18.48 -3.26 15.36
CA SER D 155 -19.45 -4.32 15.23
C SER D 155 -18.82 -5.58 15.82
N PRO D 156 -19.59 -6.40 16.54
CA PRO D 156 -20.99 -6.22 16.94
C PRO D 156 -21.12 -5.19 18.06
N GLY D 157 -22.35 -4.93 18.48
CA GLY D 157 -22.55 -4.16 19.70
C GLY D 157 -22.44 -5.00 20.94
N THR D 158 -22.71 -6.30 20.84
CA THR D 158 -22.69 -7.18 22.00
C THR D 158 -22.39 -8.60 21.57
N LEU D 159 -21.37 -9.20 22.19
CA LEU D 159 -21.04 -10.61 21.99
C LEU D 159 -21.37 -11.39 23.25
N SER D 160 -22.10 -12.49 23.07
CA SER D 160 -22.49 -13.38 24.17
C SER D 160 -21.81 -14.73 23.94
N LEU D 161 -20.78 -15.01 24.72
CA LEU D 161 -19.95 -16.20 24.52
C LEU D 161 -19.55 -16.79 25.86
N SER D 162 -19.18 -18.07 25.84
CA SER D 162 -18.74 -18.77 27.04
C SER D 162 -17.22 -18.90 27.07
N PRO D 163 -16.64 -19.19 28.23
CA PRO D 163 -15.18 -19.25 28.33
C PRO D 163 -14.58 -20.27 27.36
N GLY D 164 -13.39 -19.95 26.85
CA GLY D 164 -12.70 -20.80 25.92
C GLY D 164 -13.04 -20.58 24.47
N GLU D 165 -14.03 -19.74 24.17
CA GLU D 165 -14.41 -19.43 22.80
C GLU D 165 -13.67 -18.20 22.30
N ARG D 166 -13.61 -18.06 20.98
CA ARG D 166 -12.92 -16.93 20.35
C ARG D 166 -13.89 -15.80 20.04
N ALA D 167 -13.52 -14.59 20.46
CA ALA D 167 -14.25 -13.37 20.12
C ALA D 167 -13.51 -12.61 19.03
N THR D 168 -14.27 -12.09 18.06
CA THR D 168 -13.70 -11.30 16.97
C THR D 168 -14.48 -10.00 16.88
N LEU D 169 -13.82 -8.88 17.13
CA LEU D 169 -14.44 -7.57 17.14
C LEU D 169 -13.95 -6.76 15.95
N SER D 170 -14.83 -5.89 15.45
CA SER D 170 -14.54 -5.08 14.28
C SER D 170 -14.65 -3.60 14.62
N CYS D 171 -13.79 -2.81 13.96
CA CYS D 171 -13.79 -1.35 14.05
C CYS D 171 -13.59 -0.86 12.63
N ARG D 172 -14.54 -0.07 12.11
CA ARG D 172 -14.44 0.44 10.75
C ARG D 172 -14.50 1.96 10.81
N ALA D 173 -13.59 2.60 10.08
CA ALA D 173 -13.46 4.05 10.06
C ALA D 173 -14.16 4.63 8.84
N SER D 174 -14.69 5.84 9.01
CA SER D 174 -15.34 6.53 7.90
C SER D 174 -14.34 6.92 6.81
N GLN D 175 -13.08 7.16 7.18
CA GLN D 175 -12.03 7.45 6.22
C GLN D 175 -10.77 6.70 6.63
N SER D 176 -9.86 6.53 5.68
CA SER D 176 -8.68 5.72 5.93
C SER D 176 -7.90 6.26 7.11
N VAL D 177 -7.47 5.35 7.99
CA VAL D 177 -6.62 5.70 9.13
C VAL D 177 -5.18 5.55 8.66
N THR D 178 -4.51 6.68 8.47
CA THR D 178 -3.16 6.68 7.94
C THR D 178 -2.24 5.83 8.80
N SER D 179 -1.26 5.19 8.17
CA SER D 179 -0.46 4.19 8.85
C SER D 179 -1.38 3.17 9.49
N ARG D 180 -1.06 2.69 10.68
CA ARG D 180 -1.97 1.85 11.42
C ARG D 180 -2.21 2.47 12.80
N TYR D 181 -2.55 3.76 12.80
CA TYR D 181 -2.62 4.57 14.01
C TYR D 181 -3.95 4.33 14.74
N LEU D 182 -4.07 3.13 15.30
CA LEU D 182 -5.28 2.70 15.98
C LEU D 182 -4.91 1.95 17.24
N ALA D 183 -5.68 2.15 18.29
CA ALA D 183 -5.47 1.49 19.56
C ALA D 183 -6.78 0.90 20.04
N TRP D 184 -6.67 -0.15 20.85
CA TRP D 184 -7.84 -0.81 21.45
C TRP D 184 -7.75 -0.68 22.96
N TYR D 185 -8.90 -0.56 23.60
CA TYR D 185 -8.96 -0.39 25.05
C TYR D 185 -9.94 -1.40 25.64
N GLN D 186 -9.63 -1.85 26.85
CA GLN D 186 -10.49 -2.73 27.62
C GLN D 186 -10.99 -1.98 28.84
N GLN D 187 -12.30 -2.01 29.06
CA GLN D 187 -12.90 -1.38 30.23
C GLN D 187 -13.70 -2.40 31.01
N LYS D 188 -13.08 -2.99 32.02
CA LYS D 188 -13.80 -3.90 32.91
C LYS D 188 -14.85 -3.10 33.68
N PRO D 189 -15.90 -3.77 34.14
CA PRO D 189 -17.00 -3.02 34.77
C PRO D 189 -16.54 -2.27 36.01
N GLY D 190 -16.94 -1.00 36.09
CA GLY D 190 -16.59 -0.17 37.21
C GLY D 190 -15.17 0.34 37.23
N GLN D 191 -14.46 0.28 36.11
CA GLN D 191 -13.06 0.68 36.07
C GLN D 191 -12.80 1.63 34.92
N ALA D 192 -11.62 2.25 34.94
CA ALA D 192 -11.19 3.07 33.84
C ALA D 192 -10.63 2.19 32.73
N PRO D 193 -10.65 2.68 31.49
CA PRO D 193 -10.08 1.89 30.40
C PRO D 193 -8.59 1.72 30.57
N ARG D 194 -8.07 0.61 30.05
CA ARG D 194 -6.65 0.35 30.01
C ARG D 194 -6.27 -0.05 28.59
N LEU D 195 -5.07 0.34 28.19
CA LEU D 195 -4.63 0.09 26.83
C LEU D 195 -4.31 -1.39 26.60
N LEU D 196 -4.87 -1.94 25.53
CA LEU D 196 -4.58 -3.30 25.07
C LEU D 196 -3.62 -3.31 23.88
N ILE D 197 -3.95 -2.56 22.83
CA ILE D 197 -3.24 -2.59 21.57
C ILE D 197 -2.97 -1.17 21.11
N PHE D 198 -1.82 -0.96 20.49
CA PHE D 198 -1.50 0.30 19.81
C PHE D 198 -0.85 -0.05 18.49
N GLY D 199 -0.93 0.88 17.54
CA GLY D 199 -0.46 0.55 16.21
C GLY D 199 -1.25 -0.54 15.55
N ALA D 200 -2.49 -0.76 15.99
CA ALA D 200 -3.40 -1.74 15.43
C ALA D 200 -3.08 -3.17 15.87
N SER D 201 -1.79 -3.51 16.00
CA SER D 201 -1.44 -4.92 16.22
C SER D 201 -0.24 -5.12 17.13
N SER D 202 0.04 -4.17 18.03
CA SER D 202 1.15 -4.29 18.98
C SER D 202 0.58 -4.43 20.38
N ARG D 203 0.90 -5.54 21.03
CA ARG D 203 0.45 -5.77 22.39
C ARG D 203 1.17 -4.80 23.32
N ALA D 204 0.44 -4.24 24.28
CA ALA D 204 1.03 -3.32 25.23
C ALA D 204 1.77 -4.09 26.32
N THR D 205 2.43 -3.36 27.21
CA THR D 205 3.16 -4.01 28.29
C THR D 205 2.19 -4.74 29.21
N GLY D 206 2.51 -5.99 29.52
CA GLY D 206 1.71 -6.78 30.43
C GLY D 206 0.44 -7.37 29.87
N ILE D 207 0.26 -7.34 28.55
CA ILE D 207 -0.97 -7.79 27.91
C ILE D 207 -0.77 -9.23 27.42
N PRO D 208 -1.63 -10.18 27.80
CA PRO D 208 -1.45 -11.56 27.35
C PRO D 208 -1.44 -11.67 25.83
N ASP D 209 -0.90 -12.80 25.35
CA ASP D 209 -0.83 -13.06 23.92
C ASP D 209 -2.18 -13.39 23.31
N ARG D 210 -3.19 -13.75 24.12
CA ARG D 210 -4.49 -14.08 23.55
C ARG D 210 -5.17 -12.89 22.89
N PHE D 211 -4.73 -11.67 23.17
CA PHE D 211 -5.24 -10.47 22.50
C PHE D 211 -4.40 -10.18 21.26
N SER D 212 -5.02 -10.27 20.08
CA SER D 212 -4.37 -9.99 18.82
C SER D 212 -5.12 -8.91 18.07
N GLY D 213 -4.38 -7.94 17.53
CA GLY D 213 -4.94 -6.89 16.71
C GLY D 213 -4.50 -7.04 15.26
N SER D 214 -5.36 -6.61 14.34
CA SER D 214 -5.05 -6.70 12.92
C SER D 214 -5.84 -5.63 12.18
N GLY D 215 -5.38 -5.32 10.97
CA GLY D 215 -6.08 -4.41 10.08
C GLY D 215 -5.19 -3.27 9.63
N SER D 216 -5.74 -2.51 8.68
CA SER D 216 -5.09 -1.33 8.12
C SER D 216 -6.11 -0.62 7.25
N GLY D 217 -5.88 0.66 7.01
CA GLY D 217 -6.82 1.43 6.22
C GLY D 217 -8.09 1.74 6.98
N THR D 218 -9.20 1.18 6.55
CA THR D 218 -10.49 1.44 7.17
C THR D 218 -11.04 0.26 7.97
N ASP D 219 -10.36 -0.89 7.98
CA ASP D 219 -10.91 -2.10 8.58
C ASP D 219 -9.94 -2.67 9.59
N PHE D 220 -10.39 -2.82 10.84
CA PHE D 220 -9.56 -3.33 11.92
C PHE D 220 -10.35 -4.35 12.74
N THR D 221 -9.64 -5.33 13.32
CA THR D 221 -10.27 -6.30 14.19
C THR D 221 -9.42 -6.53 15.43
N LEU D 222 -10.10 -6.86 16.53
CA LEU D 222 -9.47 -7.30 17.77
C LEU D 222 -9.97 -8.72 18.03
N THR D 223 -9.03 -9.65 18.18
CA THR D 223 -9.36 -11.06 18.36
C THR D 223 -8.90 -11.51 19.73
N ILE D 224 -9.85 -12.00 20.53
CA ILE D 224 -9.57 -12.64 21.81
C ILE D 224 -9.72 -14.15 21.59
N SER D 225 -8.60 -14.87 21.59
CA SER D 225 -8.60 -16.22 21.05
C SER D 225 -9.29 -17.21 21.97
N ARG D 226 -8.89 -17.26 23.24
CA ARG D 226 -9.49 -18.15 24.23
C ARG D 226 -9.98 -17.30 25.39
N LEU D 227 -11.28 -17.03 25.42
CA LEU D 227 -11.86 -16.18 26.44
C LEU D 227 -11.68 -16.79 27.82
N GLU D 228 -11.54 -15.92 28.81
CA GLU D 228 -11.47 -16.27 30.22
C GLU D 228 -12.46 -15.37 30.96
N PRO D 229 -12.87 -15.76 32.17
CA PRO D 229 -14.01 -15.06 32.81
C PRO D 229 -13.85 -13.54 32.97
N GLU D 230 -12.64 -13.02 33.23
CA GLU D 230 -12.43 -11.59 33.38
C GLU D 230 -12.34 -10.84 32.06
N ASP D 231 -12.18 -11.55 30.93
CA ASP D 231 -12.05 -10.89 29.65
C ASP D 231 -13.39 -10.41 29.13
N PHE D 232 -14.40 -10.39 30.00
CA PHE D 232 -15.75 -9.99 29.63
C PHE D 232 -15.95 -8.55 30.05
N ALA D 233 -15.73 -7.64 29.10
CA ALA D 233 -15.70 -6.21 29.36
C ALA D 233 -16.16 -5.50 28.08
N VAL D 234 -16.00 -4.18 28.06
CA VAL D 234 -16.28 -3.36 26.88
C VAL D 234 -14.97 -3.00 26.20
N TYR D 235 -14.94 -3.11 24.87
CA TYR D 235 -13.75 -2.86 24.07
C TYR D 235 -14.00 -1.71 23.12
N PHE D 236 -13.07 -0.76 23.10
CA PHE D 236 -13.15 0.44 22.26
C PHE D 236 -11.94 0.50 21.34
N CYS D 237 -12.15 1.03 20.14
CA CYS D 237 -11.05 1.43 19.28
C CYS D 237 -10.89 2.95 19.35
N GLN D 238 -9.67 3.41 19.07
CA GLN D 238 -9.37 4.83 19.01
C GLN D 238 -8.40 5.08 17.86
N GLN D 239 -8.67 6.11 17.07
CA GLN D 239 -7.76 6.54 16.01
C GLN D 239 -7.01 7.78 16.48
N TYR D 240 -5.74 7.85 16.10
CA TYR D 240 -4.93 9.05 16.33
C TYR D 240 -4.26 9.47 15.02
N ALA D 241 -4.97 9.30 13.90
CA ALA D 241 -4.48 9.72 12.59
C ALA D 241 -4.95 11.09 12.17
N LYS D 242 -6.02 11.60 12.78
CA LYS D 242 -6.61 12.89 12.40
C LYS D 242 -7.29 13.45 13.64
N SER D 243 -6.89 14.64 14.05
CA SER D 243 -7.53 15.25 15.20
C SER D 243 -8.89 15.84 14.79
N PRO D 244 -9.91 15.76 15.66
CA PRO D 244 -9.90 15.25 17.04
C PRO D 244 -9.83 13.73 17.14
N TRP D 245 -9.06 13.24 18.11
CA TRP D 245 -9.01 11.81 18.36
C TRP D 245 -10.41 11.31 18.71
N THR D 246 -10.82 10.21 18.10
CA THR D 246 -12.17 9.72 18.26
C THR D 246 -12.13 8.27 18.70
N PHE D 247 -13.22 7.86 19.37
CA PHE D 247 -13.41 6.51 19.85
C PHE D 247 -14.60 5.87 19.15
N GLY D 248 -14.65 4.53 19.23
CA GLY D 248 -15.85 3.83 18.86
C GLY D 248 -16.84 3.81 19.98
N GLN D 249 -18.05 3.34 19.67
CA GLN D 249 -19.11 3.31 20.65
C GLN D 249 -18.94 2.20 21.68
N GLY D 250 -18.12 1.21 21.37
CA GLY D 250 -17.85 0.12 22.28
C GLY D 250 -18.49 -1.18 21.81
N THR D 251 -17.88 -2.30 22.21
CA THR D 251 -18.45 -3.62 22.01
C THR D 251 -18.43 -4.35 23.34
N LYS D 252 -19.59 -4.74 23.84
CA LYS D 252 -19.70 -5.40 25.13
C LYS D 252 -19.63 -6.90 24.95
N VAL D 253 -18.77 -7.55 25.73
CA VAL D 253 -18.58 -9.00 25.69
C VAL D 253 -19.11 -9.58 26.99
N GLU D 254 -20.06 -10.52 26.87
CA GLU D 254 -20.79 -11.08 27.99
C GLU D 254 -20.90 -12.59 27.81
N ILE D 255 -21.48 -13.25 28.83
CA ILE D 255 -21.57 -14.70 28.87
C ILE D 255 -22.82 -15.17 28.14
N LYS D 256 -22.80 -16.40 27.68
CA LYS D 256 -23.91 -17.02 26.97
C LYS D 256 -24.18 -18.41 27.55
N GLN E 3 -35.44 -12.32 8.21
CA GLN E 3 -36.21 -11.78 9.36
C GLN E 3 -36.71 -10.37 9.05
N VAL E 4 -37.16 -10.16 7.81
CA VAL E 4 -37.70 -8.87 7.38
C VAL E 4 -39.12 -8.75 7.93
N GLN E 5 -39.33 -7.82 8.85
CA GLN E 5 -40.63 -7.52 9.42
C GLN E 5 -41.03 -6.10 9.07
N LEU E 6 -42.33 -5.88 8.93
CA LEU E 6 -42.88 -4.58 8.52
C LEU E 6 -43.98 -4.19 9.49
N GLN E 7 -43.62 -3.38 10.49
CA GLN E 7 -44.60 -2.84 11.42
C GLN E 7 -45.42 -1.77 10.74
N GLN E 8 -46.72 -1.75 11.03
CA GLN E 8 -47.69 -0.91 10.34
C GLN E 8 -48.67 -0.38 11.38
N TRP E 9 -49.02 0.90 11.26
CA TRP E 9 -49.92 1.50 12.23
C TRP E 9 -50.62 2.70 11.63
N GLY E 10 -51.77 3.02 12.19
CA GLY E 10 -52.56 4.15 11.74
C GLY E 10 -54.01 4.02 12.16
N ALA E 11 -54.69 5.16 12.21
CA ALA E 11 -56.09 5.20 12.60
C ALA E 11 -56.95 4.48 11.57
N GLY E 12 -57.79 3.57 12.04
CA GLY E 12 -58.59 2.76 11.14
C GLY E 12 -60.03 3.22 11.01
N LEU E 13 -60.52 3.99 11.98
CA LEU E 13 -61.91 4.44 12.04
C LEU E 13 -61.97 5.91 11.67
N LEU E 14 -62.43 6.20 10.46
CA LEU E 14 -62.39 7.55 9.91
C LEU E 14 -63.75 7.96 9.38
N LYS E 15 -64.02 9.26 9.46
CA LYS E 15 -65.23 9.85 8.94
C LYS E 15 -65.10 10.06 7.44
N PRO E 16 -66.21 10.15 6.71
CA PRO E 16 -66.10 10.44 5.27
C PRO E 16 -65.48 11.81 5.03
N SER E 17 -64.72 11.90 3.94
CA SER E 17 -64.03 13.12 3.50
C SER E 17 -62.83 13.45 4.38
N GLU E 18 -62.57 12.69 5.44
CA GLU E 18 -61.41 12.92 6.30
C GLU E 18 -60.16 12.55 5.51
N THR E 19 -59.03 12.44 6.21
CA THR E 19 -57.75 12.09 5.59
C THR E 19 -57.18 10.85 6.25
N LEU E 20 -56.84 9.86 5.44
CA LEU E 20 -56.20 8.64 5.92
C LEU E 20 -54.69 8.81 5.95
N SER E 21 -54.07 8.37 7.03
CA SER E 21 -52.62 8.44 7.18
C SER E 21 -52.14 7.17 7.86
N LEU E 22 -51.41 6.34 7.11
CA LEU E 22 -50.80 5.13 7.62
C LEU E 22 -49.29 5.25 7.52
N THR E 23 -48.59 4.58 8.43
CA THR E 23 -47.14 4.60 8.48
C THR E 23 -46.61 3.18 8.66
N CYS E 24 -45.50 2.88 8.00
CA CYS E 24 -44.84 1.58 8.09
C CYS E 24 -43.39 1.79 8.47
N ALA E 25 -42.87 0.91 9.33
CA ALA E 25 -41.49 0.95 9.78
C ALA E 25 -40.82 -0.37 9.41
N VAL E 26 -39.66 -0.29 8.78
CA VAL E 26 -38.96 -1.45 8.27
C VAL E 26 -37.82 -1.82 9.19
N SER E 27 -37.57 -3.13 9.30
CA SER E 27 -36.42 -3.65 10.02
C SER E 27 -35.97 -4.94 9.36
N GLY E 28 -34.69 -5.27 9.52
CA GLY E 28 -34.14 -6.46 8.92
C GLY E 28 -33.87 -6.37 7.43
N ALA E 29 -34.07 -5.21 6.82
CA ALA E 29 -33.77 -5.00 5.41
C ALA E 29 -33.17 -3.62 5.23
N SER E 30 -32.37 -3.45 4.18
CA SER E 30 -31.77 -2.16 3.88
C SER E 30 -32.80 -1.27 3.22
N PHE E 31 -33.03 -0.09 3.79
CA PHE E 31 -34.11 0.77 3.31
C PHE E 31 -33.85 1.22 1.88
N SER E 32 -32.59 1.46 1.53
CA SER E 32 -32.22 1.60 0.14
C SER E 32 -32.32 0.26 -0.57
N GLY E 33 -32.62 0.30 -1.85
CA GLY E 33 -32.60 -0.90 -2.65
C GLY E 33 -33.89 -1.66 -2.74
N TYR E 34 -34.99 -1.14 -2.19
CA TYR E 34 -36.30 -1.74 -2.36
C TYR E 34 -37.33 -0.65 -2.62
N SER E 35 -38.47 -1.07 -3.15
CA SER E 35 -39.55 -0.17 -3.56
C SER E 35 -40.67 -0.28 -2.53
N TRP E 36 -40.76 0.70 -1.64
CA TRP E 36 -41.70 0.65 -0.53
C TRP E 36 -43.07 1.02 -1.03
N THR E 37 -44.00 0.07 -1.02
CA THR E 37 -45.29 0.23 -1.66
C THR E 37 -46.43 0.03 -0.66
N TRP E 38 -47.59 0.58 -1.02
CA TRP E 38 -48.83 0.37 -0.30
C TRP E 38 -49.84 -0.29 -1.24
N ILE E 39 -50.59 -1.24 -0.70
CA ILE E 39 -51.56 -2.02 -1.46
C ILE E 39 -52.80 -2.19 -0.59
N ARG E 40 -53.97 -2.06 -1.20
CA ARG E 40 -55.22 -2.27 -0.48
C ARG E 40 -56.01 -3.40 -1.13
N GLN E 41 -56.77 -4.10 -0.29
CA GLN E 41 -57.66 -5.17 -0.71
C GLN E 41 -59.08 -4.74 -0.36
N SER E 42 -59.86 -4.39 -1.38
CA SER E 42 -61.19 -3.89 -1.09
C SER E 42 -62.23 -4.98 -1.30
N PRO E 43 -63.33 -4.94 -0.54
CA PRO E 43 -64.43 -5.90 -0.80
C PRO E 43 -65.05 -5.63 -2.16
N GLY E 44 -65.04 -6.64 -3.02
CA GLY E 44 -65.53 -6.52 -4.38
C GLY E 44 -64.42 -6.23 -5.37
N LYS E 45 -63.74 -5.10 -5.21
CA LYS E 45 -62.63 -4.77 -6.11
C LYS E 45 -61.52 -5.80 -6.05
N GLY E 46 -61.13 -6.21 -4.84
CA GLY E 46 -59.99 -7.09 -4.70
C GLY E 46 -58.72 -6.31 -4.44
N LEU E 47 -57.58 -6.84 -4.87
CA LEU E 47 -56.29 -6.22 -4.60
C LEU E 47 -56.00 -5.09 -5.58
N GLU E 48 -55.52 -3.97 -5.05
CA GLU E 48 -55.31 -2.75 -5.81
C GLU E 48 -54.01 -2.12 -5.35
N TRP E 49 -53.13 -1.82 -6.30
CA TRP E 49 -51.85 -1.20 -6.00
C TRP E 49 -52.00 0.30 -5.90
N ILE E 50 -51.53 0.88 -4.79
CA ILE E 50 -51.71 2.31 -4.54
C ILE E 50 -50.53 3.12 -5.05
N GLY E 51 -49.31 2.75 -4.65
CA GLY E 51 -48.15 3.52 -5.06
C GLY E 51 -46.89 3.01 -4.37
N GLU E 52 -45.76 3.59 -4.77
CA GLU E 52 -44.47 3.16 -4.27
C GLU E 52 -43.59 4.38 -4.02
N ILE E 53 -42.57 4.17 -3.19
CA ILE E 53 -41.61 5.21 -2.86
C ILE E 53 -40.30 4.53 -2.48
N ASP E 54 -39.18 5.13 -2.88
CA ASP E 54 -37.85 4.63 -2.58
C ASP E 54 -37.18 5.56 -1.57
N TYR E 55 -35.95 5.22 -1.20
CA TYR E 55 -35.25 5.95 -0.14
C TYR E 55 -34.95 7.39 -0.50
N ARG E 56 -34.89 7.73 -1.79
CA ARG E 56 -34.61 9.10 -2.20
C ARG E 56 -35.86 9.95 -2.31
N GLY E 57 -37.05 9.39 -2.12
CA GLY E 57 -38.28 10.14 -2.20
C GLY E 57 -38.99 10.08 -3.54
N SER E 58 -38.44 9.38 -4.52
CA SER E 58 -39.08 9.27 -5.83
C SER E 58 -40.32 8.38 -5.72
N THR E 59 -41.40 8.80 -6.36
CA THR E 59 -42.69 8.15 -6.22
C THR E 59 -43.25 7.73 -7.58
N ASN E 60 -44.17 6.77 -7.53
CA ASN E 60 -45.00 6.38 -8.66
C ASN E 60 -46.36 5.98 -8.08
N TYR E 61 -47.42 6.59 -8.59
CA TYR E 61 -48.76 6.38 -8.06
C TYR E 61 -49.64 5.72 -9.11
N ASN E 62 -50.70 5.06 -8.63
CA ASN E 62 -51.71 4.50 -9.51
C ASN E 62 -52.56 5.63 -10.07
N PRO E 63 -52.77 5.68 -11.39
CA PRO E 63 -53.57 6.79 -11.95
C PRO E 63 -54.93 7.02 -11.30
N SER E 64 -55.56 5.97 -10.75
CA SER E 64 -56.89 6.14 -10.17
C SER E 64 -56.83 6.95 -8.88
N LEU E 65 -55.86 6.69 -8.02
CA LEU E 65 -55.73 7.37 -6.74
C LEU E 65 -54.72 8.52 -6.73
N LYS E 66 -54.05 8.79 -7.85
CA LYS E 66 -52.94 9.74 -7.82
C LYS E 66 -53.37 11.12 -7.34
N SER E 67 -54.59 11.55 -7.67
CA SER E 67 -55.02 12.88 -7.30
C SER E 67 -55.09 13.03 -5.78
N ARG E 68 -55.50 11.97 -5.08
CA ARG E 68 -55.76 12.03 -3.65
C ARG E 68 -54.65 11.42 -2.80
N VAL E 69 -53.67 10.75 -3.40
CA VAL E 69 -52.67 9.99 -2.68
C VAL E 69 -51.36 10.75 -2.56
N THR E 70 -50.73 10.65 -1.39
CA THR E 70 -49.38 11.18 -1.16
C THR E 70 -48.60 10.19 -0.31
N MET E 71 -47.32 10.02 -0.63
CA MET E 71 -46.43 9.14 0.12
C MET E 71 -45.16 9.89 0.47
N SER E 72 -44.53 9.48 1.57
CA SER E 72 -43.32 10.13 2.07
C SER E 72 -42.39 9.08 2.65
N VAL E 73 -41.15 9.49 2.91
CA VAL E 73 -40.17 8.64 3.57
C VAL E 73 -39.48 9.44 4.66
N ASP E 74 -39.11 8.74 5.73
CA ASP E 74 -38.23 9.25 6.79
C ASP E 74 -37.09 8.23 6.89
N THR E 75 -36.12 8.33 5.99
CA THR E 75 -35.11 7.29 5.88
C THR E 75 -34.35 7.05 7.18
N PRO E 76 -34.01 8.06 7.99
CA PRO E 76 -33.34 7.79 9.27
C PRO E 76 -34.04 6.69 10.08
N LYS E 77 -35.35 6.81 10.27
CA LYS E 77 -36.12 5.82 11.03
C LYS E 77 -36.62 4.69 10.14
N ASN E 78 -36.24 4.65 8.87
CA ASN E 78 -36.65 3.59 7.94
C ASN E 78 -38.17 3.49 7.84
N GLN E 79 -38.83 4.63 7.74
CA GLN E 79 -40.28 4.67 7.66
C GLN E 79 -40.73 5.30 6.35
N PHE E 80 -41.92 4.91 5.91
CA PHE E 80 -42.58 5.54 4.77
C PHE E 80 -44.07 5.51 5.06
N SER E 81 -44.79 6.47 4.50
CA SER E 81 -46.14 6.77 4.94
C SER E 81 -47.03 7.01 3.74
N LEU E 82 -48.34 6.79 3.95
CA LEU E 82 -49.37 7.01 2.95
C LEU E 82 -50.31 8.10 3.47
N ASN E 83 -50.80 8.92 2.55
CA ASN E 83 -51.77 9.98 2.88
C ASN E 83 -52.82 10.00 1.78
N LEU E 84 -53.95 9.33 2.03
CA LEU E 84 -55.10 9.37 1.15
C LEU E 84 -56.11 10.40 1.66
N THR E 85 -56.70 11.15 0.73
CA THR E 85 -57.58 12.26 1.05
C THR E 85 -58.91 12.12 0.33
N SER E 86 -59.85 13.01 0.67
CA SER E 86 -61.19 13.03 0.10
C SER E 86 -61.83 11.65 0.18
N LEU E 87 -61.99 11.19 1.42
CA LEU E 87 -62.37 9.81 1.67
C LEU E 87 -63.83 9.55 1.32
N THR E 88 -64.09 8.33 0.86
CA THR E 88 -65.43 7.86 0.55
C THR E 88 -65.54 6.42 1.05
N ALA E 89 -66.74 5.85 0.93
CA ALA E 89 -66.93 4.47 1.38
C ALA E 89 -66.13 3.50 0.51
N ALA E 90 -65.88 3.84 -0.75
CA ALA E 90 -65.12 2.96 -1.64
C ALA E 90 -63.68 2.79 -1.15
N ASP E 91 -63.21 3.63 -0.25
CA ASP E 91 -61.86 3.53 0.28
C ASP E 91 -61.76 2.57 1.47
N THR E 92 -62.88 2.00 1.91
CA THR E 92 -62.84 0.99 2.94
C THR E 92 -62.18 -0.27 2.41
N ALA E 93 -61.13 -0.72 3.10
CA ALA E 93 -60.38 -1.88 2.66
C ALA E 93 -59.30 -2.21 3.68
N ILE E 94 -58.56 -3.29 3.45
CA ILE E 94 -57.38 -3.60 4.24
C ILE E 94 -56.18 -3.03 3.49
N TYR E 95 -55.40 -2.20 4.17
CA TYR E 95 -54.23 -1.56 3.58
C TYR E 95 -52.97 -2.27 4.05
N TYR E 96 -52.11 -2.62 3.10
CA TYR E 96 -50.91 -3.38 3.39
C TYR E 96 -49.66 -2.56 3.09
N CYS E 97 -48.76 -2.46 4.06
CA CYS E 97 -47.37 -2.14 3.79
C CYS E 97 -46.70 -3.32 3.11
N ALA E 98 -45.89 -3.05 2.09
CA ALA E 98 -45.27 -4.13 1.34
C ALA E 98 -43.92 -3.70 0.79
N LYS E 99 -43.02 -4.67 0.67
CA LYS E 99 -41.66 -4.47 0.17
C LYS E 99 -41.57 -4.89 -1.29
N GLY E 100 -41.47 -3.91 -2.19
CA GLY E 100 -41.26 -4.20 -3.59
C GLY E 100 -39.79 -4.45 -3.90
N TYR E 101 -39.54 -5.49 -4.70
CA TYR E 101 -38.16 -5.89 -4.99
C TYR E 101 -37.38 -4.77 -5.67
N GLY E 102 -38.01 -4.08 -6.61
CA GLY E 102 -37.40 -2.90 -7.21
C GLY E 102 -36.21 -3.18 -8.09
N GLY E 103 -36.09 -4.38 -8.63
CA GLY E 103 -34.95 -4.70 -9.45
C GLY E 103 -35.01 -4.00 -10.79
N VAL E 104 -33.84 -3.67 -11.31
CA VAL E 104 -33.75 -2.94 -12.57
C VAL E 104 -33.88 -3.92 -13.73
N THR E 105 -34.46 -3.44 -14.82
CA THR E 105 -34.58 -4.23 -16.04
C THR E 105 -34.45 -3.29 -17.24
N LEU E 106 -33.91 -3.84 -18.33
CA LEU E 106 -33.79 -3.11 -19.58
C LEU E 106 -35.11 -3.05 -20.34
N VAL E 107 -36.14 -3.75 -19.87
CA VAL E 107 -37.47 -3.63 -20.47
C VAL E 107 -38.07 -2.29 -20.08
N ARG E 108 -38.62 -1.58 -21.07
CA ARG E 108 -39.16 -0.25 -20.83
C ARG E 108 -40.51 -0.34 -20.15
N GLY E 109 -40.73 0.55 -19.18
CA GLY E 109 -41.93 0.55 -18.39
C GLY E 109 -42.01 -0.55 -17.36
N ALA E 110 -41.00 -1.41 -17.26
CA ALA E 110 -41.01 -2.54 -16.35
C ALA E 110 -39.98 -2.38 -15.24
N LYS E 111 -40.30 -2.97 -14.09
CA LYS E 111 -39.42 -3.07 -12.93
C LYS E 111 -39.68 -4.42 -12.28
N ILE E 112 -38.61 -5.10 -11.89
CA ILE E 112 -38.76 -6.41 -11.24
C ILE E 112 -39.34 -6.19 -9.86
N ASN E 113 -40.66 -6.01 -9.78
CA ASN E 113 -41.30 -5.47 -8.60
C ASN E 113 -42.45 -6.36 -8.13
N TRP E 114 -42.18 -7.64 -7.91
CA TRP E 114 -43.08 -8.44 -7.10
C TRP E 114 -42.90 -8.05 -5.63
N PHE E 115 -43.98 -8.16 -4.85
CA PHE E 115 -44.00 -7.66 -3.49
C PHE E 115 -43.88 -8.80 -2.48
N ASP E 116 -42.81 -8.79 -1.69
CA ASP E 116 -42.68 -9.76 -0.61
C ASP E 116 -41.64 -9.27 0.38
N PRO E 117 -41.88 -9.38 1.70
CA PRO E 117 -43.11 -9.81 2.37
C PRO E 117 -44.10 -8.69 2.56
N TRP E 118 -45.35 -9.06 2.84
CA TRP E 118 -46.39 -8.08 3.08
C TRP E 118 -46.48 -7.75 4.56
N GLY E 119 -47.09 -6.61 4.85
CA GLY E 119 -47.36 -6.23 6.23
C GLY E 119 -48.56 -6.96 6.78
N GLN E 120 -48.82 -6.71 8.08
CA GLN E 120 -49.88 -7.44 8.75
C GLN E 120 -51.26 -7.03 8.27
N GLY E 121 -51.43 -5.78 7.90
CA GLY E 121 -52.70 -5.29 7.37
C GLY E 121 -53.39 -4.41 8.40
N THR E 122 -54.07 -3.38 7.90
CA THR E 122 -54.83 -2.47 8.76
C THR E 122 -56.16 -2.20 8.07
N LEU E 123 -57.25 -2.50 8.76
CA LEU E 123 -58.58 -2.22 8.23
C LEU E 123 -58.90 -0.75 8.41
N VAL E 124 -59.26 -0.08 7.33
CA VAL E 124 -59.65 1.32 7.35
C VAL E 124 -61.13 1.41 7.00
N THR E 125 -61.92 1.94 7.93
CA THR E 125 -63.37 2.04 7.78
C THR E 125 -63.75 3.50 7.65
N VAL E 126 -64.41 3.85 6.55
CA VAL E 126 -64.95 5.19 6.33
C VAL E 126 -66.45 5.16 6.59
N SER E 127 -66.90 5.83 7.65
CA SER E 127 -68.33 5.96 7.93
C SER E 127 -68.57 6.85 9.15
N SER E 128 -69.72 7.54 9.16
CA SER E 128 -70.11 8.36 10.30
C SER E 128 -70.83 7.52 11.35
N GLU E 149 -53.58 -0.22 -19.41
CA GLU E 149 -53.50 -1.04 -18.21
C GLU E 149 -53.66 -2.52 -18.55
N ILE E 150 -52.95 -3.38 -17.82
CA ILE E 150 -53.01 -4.83 -18.04
C ILE E 150 -54.05 -5.41 -17.09
N VAL E 151 -55.04 -6.10 -17.65
CA VAL E 151 -56.09 -6.75 -16.88
C VAL E 151 -55.76 -8.23 -16.79
N LEU E 152 -55.75 -8.75 -15.57
CA LEU E 152 -55.46 -10.17 -15.32
C LEU E 152 -56.76 -10.85 -14.93
N THR E 153 -57.13 -11.89 -15.67
CA THR E 153 -58.36 -12.64 -15.42
C THR E 153 -58.00 -14.08 -15.06
N GLN E 154 -58.28 -14.47 -13.82
CA GLN E 154 -57.97 -15.81 -13.35
C GLN E 154 -59.17 -16.73 -13.52
N SER E 155 -58.89 -17.98 -13.85
CA SER E 155 -59.89 -19.02 -13.96
C SER E 155 -59.31 -20.30 -13.37
N PRO E 156 -60.11 -21.09 -12.64
CA PRO E 156 -61.51 -20.81 -12.28
C PRO E 156 -61.63 -19.76 -11.19
N GLY E 157 -62.87 -19.42 -10.83
CA GLY E 157 -63.08 -18.59 -9.66
C GLY E 157 -63.03 -19.37 -8.36
N THR E 158 -63.29 -20.67 -8.42
CA THR E 158 -63.32 -21.53 -7.25
C THR E 158 -62.98 -22.95 -7.66
N LEU E 159 -61.99 -23.54 -7.01
CA LEU E 159 -61.67 -24.95 -7.17
C LEU E 159 -62.14 -25.69 -5.93
N SER E 160 -62.90 -26.75 -6.14
CA SER E 160 -63.44 -27.58 -5.06
C SER E 160 -62.75 -28.93 -5.19
N LEU E 161 -61.82 -29.19 -4.28
CA LEU E 161 -60.94 -30.35 -4.40
C LEU E 161 -60.71 -30.98 -3.03
N SER E 162 -60.34 -32.24 -3.06
CA SER E 162 -60.00 -32.98 -1.85
C SER E 162 -58.49 -33.10 -1.73
N PRO E 163 -57.98 -33.37 -0.53
CA PRO E 163 -56.52 -33.47 -0.38
C PRO E 163 -55.96 -34.56 -1.28
N GLY E 164 -54.76 -34.31 -1.81
CA GLY E 164 -54.12 -35.25 -2.71
C GLY E 164 -54.45 -35.06 -4.17
N GLU E 165 -55.38 -34.17 -4.50
CA GLU E 165 -55.73 -33.90 -5.88
C GLU E 165 -54.88 -32.76 -6.42
N ARG E 166 -54.82 -32.67 -7.75
CA ARG E 166 -54.07 -31.62 -8.42
C ARG E 166 -55.00 -30.44 -8.69
N ALA E 167 -54.56 -29.25 -8.29
CA ALA E 167 -55.25 -28.00 -8.62
C ALA E 167 -54.49 -27.32 -9.75
N THR E 168 -55.25 -26.79 -10.72
CA THR E 168 -54.66 -26.08 -11.85
C THR E 168 -55.35 -24.73 -12.00
N LEU E 169 -54.60 -23.66 -11.82
CA LEU E 169 -55.13 -22.30 -11.89
C LEU E 169 -54.55 -21.59 -13.10
N SER E 170 -55.36 -20.74 -13.72
CA SER E 170 -54.97 -20.00 -14.92
C SER E 170 -55.09 -18.51 -14.67
N CYS E 171 -54.18 -17.74 -15.28
CA CYS E 171 -54.18 -16.28 -15.25
C CYS E 171 -53.92 -15.84 -16.68
N ARG E 172 -54.86 -15.09 -17.26
CA ARG E 172 -54.73 -14.65 -18.65
C ARG E 172 -54.77 -13.14 -18.69
N ALA E 173 -53.83 -12.54 -19.42
CA ALA E 173 -53.65 -11.10 -19.48
C ALA E 173 -54.32 -10.50 -20.71
N SER E 174 -54.78 -9.25 -20.57
CA SER E 174 -55.37 -8.54 -21.69
C SER E 174 -54.33 -8.27 -22.78
N GLN E 175 -53.08 -8.08 -22.39
CA GLN E 175 -51.97 -7.88 -23.32
C GLN E 175 -50.79 -8.66 -22.79
N SER E 176 -49.85 -8.96 -23.70
CA SER E 176 -48.72 -9.82 -23.36
C SER E 176 -47.91 -9.24 -22.20
N VAL E 177 -47.48 -10.13 -21.31
CA VAL E 177 -46.59 -9.77 -20.20
C VAL E 177 -45.15 -9.99 -20.63
N THR E 178 -44.42 -8.89 -20.81
CA THR E 178 -43.05 -8.95 -21.31
C THR E 178 -42.19 -9.85 -20.43
N SER E 179 -41.23 -10.53 -21.05
CA SER E 179 -40.47 -11.58 -20.37
C SER E 179 -41.47 -12.54 -19.75
N ARG E 180 -41.19 -13.03 -18.55
CA ARG E 180 -42.16 -13.84 -17.81
C ARG E 180 -42.39 -13.15 -16.47
N TYR E 181 -42.66 -11.85 -16.51
CA TYR E 181 -42.71 -10.98 -15.33
C TYR E 181 -44.07 -11.12 -14.64
N LEU E 182 -44.26 -12.27 -14.01
CA LEU E 182 -45.50 -12.60 -13.34
C LEU E 182 -45.18 -13.29 -12.02
N ALA E 183 -46.01 -13.05 -11.01
CA ALA E 183 -45.86 -13.68 -9.71
C ALA E 183 -47.19 -14.25 -9.24
N TRP E 184 -47.13 -15.30 -8.43
CA TRP E 184 -48.30 -15.90 -7.81
C TRP E 184 -48.18 -15.77 -6.30
N TYR E 185 -49.33 -15.59 -5.65
CA TYR E 185 -49.39 -15.39 -4.21
C TYR E 185 -50.44 -16.28 -3.58
N GLN E 186 -50.21 -16.69 -2.34
CA GLN E 186 -51.16 -17.45 -1.55
C GLN E 186 -51.62 -16.56 -0.40
N GLN E 187 -52.93 -16.50 -0.16
CA GLN E 187 -53.47 -15.74 0.98
C GLN E 187 -54.30 -16.71 1.82
N LYS E 188 -53.69 -17.26 2.87
CA LYS E 188 -54.42 -18.12 3.78
C LYS E 188 -55.42 -17.30 4.59
N PRO E 189 -56.48 -17.93 5.11
CA PRO E 189 -57.53 -17.16 5.77
C PRO E 189 -57.00 -16.37 6.95
N GLY E 190 -57.35 -15.09 7.01
CA GLY E 190 -56.93 -14.25 8.11
C GLY E 190 -55.48 -13.84 8.07
N GLN E 191 -54.82 -13.99 6.93
CA GLN E 191 -53.40 -13.71 6.81
C GLN E 191 -53.18 -12.80 5.61
N ALA E 192 -52.01 -12.18 5.56
CA ALA E 192 -51.62 -11.38 4.42
C ALA E 192 -51.08 -12.29 3.31
N PRO E 193 -51.07 -11.81 2.07
CA PRO E 193 -50.57 -12.65 0.97
C PRO E 193 -49.09 -12.98 1.12
N ARG E 194 -48.70 -14.13 0.55
CA ARG E 194 -47.31 -14.58 0.56
C ARG E 194 -46.87 -14.91 -0.86
N LEU E 195 -45.61 -14.62 -1.18
CA LEU E 195 -45.09 -14.88 -2.52
C LEU E 195 -44.80 -16.37 -2.66
N LEU E 196 -45.37 -17.00 -3.69
CA LEU E 196 -45.10 -18.40 -4.01
C LEU E 196 -44.14 -18.54 -5.18
N ILE E 197 -44.46 -17.90 -6.30
CA ILE E 197 -43.73 -18.04 -7.54
C ILE E 197 -43.42 -16.63 -8.05
N PHE E 198 -42.25 -16.45 -8.63
CA PHE E 198 -41.90 -15.21 -9.31
C PHE E 198 -41.20 -15.56 -10.60
N GLY E 199 -41.25 -14.65 -11.56
CA GLY E 199 -40.74 -14.96 -12.88
C GLY E 199 -41.52 -16.04 -13.58
N ALA E 200 -42.75 -16.28 -13.18
CA ALA E 200 -43.65 -17.25 -13.78
C ALA E 200 -43.33 -18.69 -13.37
N SER E 201 -42.04 -19.01 -13.16
CA SER E 201 -41.66 -20.41 -12.94
C SER E 201 -40.55 -20.60 -11.92
N SER E 202 -40.30 -19.61 -11.06
CA SER E 202 -39.25 -19.71 -10.06
C SER E 202 -39.88 -19.68 -8.68
N ARG E 203 -39.71 -20.77 -7.92
CA ARG E 203 -40.24 -20.80 -6.56
C ARG E 203 -39.45 -19.88 -5.65
N ALA E 204 -40.15 -19.22 -4.74
CA ALA E 204 -39.52 -18.37 -3.74
C ALA E 204 -38.92 -19.21 -2.63
N THR E 205 -38.20 -18.55 -1.72
CA THR E 205 -37.56 -19.26 -0.61
C THR E 205 -38.62 -19.85 0.31
N GLY E 206 -38.43 -21.11 0.70
CA GLY E 206 -39.32 -21.79 1.62
C GLY E 206 -40.60 -22.32 1.01
N ILE E 207 -40.70 -22.35 -0.31
CA ILE E 207 -41.91 -22.75 -1.00
C ILE E 207 -41.77 -24.23 -1.43
N PRO E 208 -42.69 -25.10 -1.05
CA PRO E 208 -42.59 -26.51 -1.46
C PRO E 208 -42.59 -26.69 -2.98
N ASP E 209 -42.10 -27.86 -3.41
CA ASP E 209 -42.06 -28.18 -4.83
C ASP E 209 -43.43 -28.47 -5.43
N ARG E 210 -44.43 -28.77 -4.59
CA ARG E 210 -45.76 -29.02 -5.12
C ARG E 210 -46.33 -27.80 -5.82
N PHE E 211 -45.79 -26.61 -5.53
CA PHE E 211 -46.18 -25.38 -6.21
C PHE E 211 -45.28 -25.20 -7.42
N SER E 212 -45.86 -25.31 -8.61
CA SER E 212 -45.12 -25.14 -9.86
C SER E 212 -45.80 -24.09 -10.74
N GLY E 213 -45.02 -23.19 -11.31
CA GLY E 213 -45.51 -22.18 -12.22
C GLY E 213 -45.06 -22.45 -13.64
N SER E 214 -45.90 -22.02 -14.59
CA SER E 214 -45.63 -22.21 -16.02
C SER E 214 -46.38 -21.11 -16.78
N GLY E 215 -45.98 -20.91 -18.03
CA GLY E 215 -46.66 -19.98 -18.91
C GLY E 215 -45.71 -18.96 -19.53
N SER E 216 -46.28 -18.18 -20.45
CA SER E 216 -45.57 -17.12 -21.14
C SER E 216 -46.58 -16.32 -21.95
N GLY E 217 -46.24 -15.07 -22.25
CA GLY E 217 -47.11 -14.22 -23.03
C GLY E 217 -48.33 -13.71 -22.29
N THR E 218 -49.52 -14.15 -22.72
CA THR E 218 -50.78 -13.73 -22.12
C THR E 218 -51.41 -14.82 -21.27
N ASP E 219 -50.80 -16.00 -21.19
CA ASP E 219 -51.38 -17.15 -20.50
C ASP E 219 -50.38 -17.72 -19.51
N PHE E 220 -50.77 -17.82 -18.25
CA PHE E 220 -49.94 -18.36 -17.18
C PHE E 220 -50.75 -19.33 -16.34
N THR E 221 -50.07 -20.35 -15.79
CA THR E 221 -50.74 -21.34 -14.95
C THR E 221 -49.91 -21.61 -13.69
N LEU E 222 -50.63 -21.92 -12.62
CA LEU E 222 -50.06 -22.39 -11.36
C LEU E 222 -50.64 -23.75 -11.06
N THR E 223 -49.78 -24.75 -10.84
CA THR E 223 -50.23 -26.11 -10.55
C THR E 223 -49.78 -26.50 -9.15
N ILE E 224 -50.73 -26.85 -8.30
CA ILE E 224 -50.45 -27.42 -6.99
C ILE E 224 -50.64 -28.92 -7.17
N SER E 225 -49.55 -29.68 -7.16
CA SER E 225 -49.60 -31.06 -7.65
C SER E 225 -50.37 -31.96 -6.70
N ARG E 226 -50.02 -31.94 -5.41
CA ARG E 226 -50.72 -32.75 -4.40
C ARG E 226 -51.20 -31.83 -3.27
N LEU E 227 -52.48 -31.49 -3.29
CA LEU E 227 -53.03 -30.60 -2.27
C LEU E 227 -52.88 -31.20 -0.87
N GLU E 228 -52.71 -30.32 0.09
CA GLU E 228 -52.63 -30.65 1.51
C GLU E 228 -53.56 -29.70 2.23
N PRO E 229 -54.03 -30.04 3.43
CA PRO E 229 -54.96 -29.13 4.13
C PRO E 229 -54.42 -27.72 4.26
N GLU E 230 -53.10 -27.55 4.25
CA GLU E 230 -52.49 -26.24 4.41
C GLU E 230 -52.64 -25.39 3.15
N ASP E 231 -52.87 -26.02 2.00
CA ASP E 231 -52.86 -25.35 0.70
C ASP E 231 -54.22 -24.80 0.28
N PHE E 232 -55.19 -24.72 1.17
CA PHE E 232 -56.53 -24.27 0.82
C PHE E 232 -56.67 -22.80 1.19
N ALA E 233 -56.46 -21.95 0.17
CA ALA E 233 -56.36 -20.52 0.33
C ALA E 233 -56.85 -19.85 -0.95
N VAL E 234 -56.67 -18.53 -1.03
CA VAL E 234 -56.94 -17.78 -2.26
C VAL E 234 -55.59 -17.47 -2.90
N TYR E 235 -55.49 -17.68 -4.21
CA TYR E 235 -54.25 -17.50 -4.94
C TYR E 235 -54.43 -16.39 -5.96
N PHE E 236 -53.50 -15.43 -5.96
CA PHE E 236 -53.54 -14.27 -6.84
C PHE E 236 -52.32 -14.28 -7.76
N CYS E 237 -52.48 -13.81 -8.99
CA CYS E 237 -51.36 -13.52 -9.86
C CYS E 237 -51.11 -12.02 -9.91
N GLN E 238 -49.87 -11.64 -10.21
CA GLN E 238 -49.51 -10.25 -10.39
C GLN E 238 -48.50 -10.14 -11.52
N GLN E 239 -48.70 -9.14 -12.39
CA GLN E 239 -47.75 -8.80 -13.44
C GLN E 239 -46.95 -7.57 -13.01
N TYR E 240 -45.67 -7.53 -13.37
CA TYR E 240 -44.84 -6.36 -13.16
C TYR E 240 -44.15 -5.95 -14.46
N ALA E 241 -44.88 -6.05 -15.58
CA ALA E 241 -44.36 -5.65 -16.89
C ALA E 241 -44.78 -4.25 -17.31
N LYS E 242 -45.81 -3.69 -16.69
CA LYS E 242 -46.32 -2.38 -17.07
C LYS E 242 -46.99 -1.74 -15.87
N SER E 243 -46.55 -0.53 -15.50
CA SER E 243 -47.18 0.18 -14.40
C SER E 243 -48.51 0.78 -14.87
N PRO E 244 -49.55 0.82 -14.01
CA PRO E 244 -49.57 0.39 -12.61
C PRO E 244 -49.58 -1.12 -12.45
N TRP E 245 -48.86 -1.63 -11.45
CA TRP E 245 -48.88 -3.06 -11.17
C TRP E 245 -50.30 -3.48 -10.84
N THR E 246 -50.74 -4.59 -11.42
CA THR E 246 -52.10 -5.05 -11.27
C THR E 246 -52.10 -6.49 -10.82
N PHE E 247 -53.20 -6.88 -10.17
CA PHE E 247 -53.40 -8.23 -9.69
C PHE E 247 -54.61 -8.85 -10.39
N GLY E 248 -54.71 -10.17 -10.29
CA GLY E 248 -55.94 -10.83 -10.65
C GLY E 248 -56.94 -10.76 -9.51
N GLN E 249 -58.18 -11.17 -9.78
CA GLN E 249 -59.20 -11.08 -8.75
C GLN E 249 -59.05 -12.17 -7.70
N GLY E 250 -58.34 -13.24 -8.02
CA GLY E 250 -58.12 -14.33 -7.11
C GLY E 250 -58.88 -15.58 -7.52
N THR E 251 -58.34 -16.73 -7.14
CA THR E 251 -59.02 -18.01 -7.28
C THR E 251 -58.99 -18.72 -5.95
N LYS E 252 -60.16 -19.05 -5.42
CA LYS E 252 -60.24 -19.71 -4.12
C LYS E 252 -60.20 -21.21 -4.28
N VAL E 253 -59.32 -21.86 -3.52
CA VAL E 253 -59.20 -23.30 -3.49
C VAL E 253 -59.69 -23.75 -2.12
N GLU E 254 -60.69 -24.61 -2.10
CA GLU E 254 -61.39 -25.00 -0.88
C GLU E 254 -61.55 -26.52 -0.87
N ILE E 255 -62.00 -27.04 0.27
CA ILE E 255 -62.11 -28.49 0.42
C ILE E 255 -63.47 -28.94 -0.09
N LYS E 256 -63.52 -30.15 -0.61
CA LYS E 256 -64.75 -30.76 -1.11
C LYS E 256 -64.78 -32.23 -0.77
N GLN F 3 40.34 -12.12 -21.31
CA GLN F 3 40.27 -12.28 -22.79
C GLN F 3 38.84 -12.45 -23.28
N VAL F 4 37.92 -11.68 -22.70
CA VAL F 4 36.51 -11.73 -23.09
C VAL F 4 36.37 -10.97 -24.41
N GLN F 5 36.02 -11.69 -25.48
CA GLN F 5 35.83 -11.10 -26.79
C GLN F 5 34.36 -11.24 -27.19
N LEU F 6 33.86 -10.26 -27.93
CA LEU F 6 32.46 -10.23 -28.38
C LEU F 6 32.42 -9.90 -29.88
N GLN F 7 32.40 -10.93 -30.73
CA GLN F 7 32.21 -10.68 -32.15
C GLN F 7 30.76 -10.32 -32.44
N GLN F 8 30.57 -9.41 -33.38
CA GLN F 8 29.25 -8.86 -33.67
C GLN F 8 29.11 -8.71 -35.18
N TRP F 9 27.95 -9.09 -35.71
CA TRP F 9 27.71 -9.03 -37.14
C TRP F 9 26.22 -8.97 -37.41
N GLY F 10 25.88 -8.44 -38.58
CA GLY F 10 24.50 -8.30 -39.00
C GLY F 10 24.38 -7.27 -40.10
N ALA F 11 23.29 -7.39 -40.86
CA ALA F 11 23.07 -6.48 -41.98
C ALA F 11 22.87 -5.06 -41.48
N GLY F 12 23.64 -4.13 -42.02
CA GLY F 12 23.61 -2.75 -41.57
C GLY F 12 22.82 -1.84 -42.47
N LEU F 13 22.63 -2.25 -43.73
CA LEU F 13 21.97 -1.44 -44.74
C LEU F 13 20.58 -2.03 -44.99
N LEU F 14 19.56 -1.36 -44.48
CA LEU F 14 18.19 -1.87 -44.50
C LEU F 14 17.23 -0.82 -45.03
N LYS F 15 16.21 -1.27 -45.73
CA LYS F 15 15.13 -0.40 -46.18
C LYS F 15 14.12 -0.20 -45.05
N PRO F 16 13.34 0.88 -45.10
CA PRO F 16 12.29 1.07 -44.09
C PRO F 16 11.29 -0.08 -44.15
N SER F 17 10.75 -0.42 -42.97
CA SER F 17 9.78 -1.49 -42.75
C SER F 17 10.41 -2.88 -42.80
N GLU F 18 11.70 -2.99 -43.13
CA GLU F 18 12.37 -4.29 -43.13
C GLU F 18 12.51 -4.74 -41.67
N THR F 19 13.31 -5.79 -41.46
CA THR F 19 13.54 -6.34 -40.13
C THR F 19 15.03 -6.38 -39.85
N LEU F 20 15.43 -5.84 -38.71
CA LEU F 20 16.82 -5.88 -38.28
C LEU F 20 17.09 -7.20 -37.57
N SER F 21 18.22 -7.81 -37.88
CA SER F 21 18.61 -9.07 -37.25
C SER F 21 20.13 -9.03 -37.00
N LEU F 22 20.52 -8.95 -35.74
CA LEU F 22 21.91 -8.99 -35.34
C LEU F 22 22.17 -10.22 -34.47
N THR F 23 23.41 -10.70 -34.50
CA THR F 23 23.83 -11.83 -33.68
C THR F 23 25.18 -11.49 -33.06
N CYS F 24 25.38 -11.93 -31.83
CA CYS F 24 26.63 -11.73 -31.12
C CYS F 24 27.15 -13.08 -30.63
N ALA F 25 28.46 -13.27 -30.70
CA ALA F 25 29.10 -14.50 -30.25
C ALA F 25 30.11 -14.16 -29.16
N VAL F 26 30.04 -14.88 -28.05
CA VAL F 26 30.86 -14.60 -26.89
C VAL F 26 32.00 -15.61 -26.81
N SER F 27 33.15 -15.15 -26.31
CA SER F 27 34.28 -16.02 -26.03
C SER F 27 35.03 -15.44 -24.83
N GLY F 28 35.76 -16.31 -24.14
CA GLY F 28 36.51 -15.90 -22.97
C GLY F 28 35.68 -15.66 -21.74
N ALA F 29 34.38 -15.92 -21.79
CA ALA F 29 33.50 -15.79 -20.65
C ALA F 29 32.51 -16.94 -20.67
N SER F 30 31.99 -17.28 -19.49
CA SER F 30 31.00 -18.33 -19.39
C SER F 30 29.64 -17.79 -19.78
N PHE F 31 28.98 -18.43 -20.74
CA PHE F 31 27.73 -17.89 -21.27
C PHE F 31 26.66 -17.83 -20.20
N SER F 32 26.61 -18.83 -19.33
CA SER F 32 25.80 -18.73 -18.13
C SER F 32 26.43 -17.72 -17.18
N GLY F 33 25.58 -17.06 -16.41
CA GLY F 33 26.07 -16.18 -15.38
C GLY F 33 26.27 -14.74 -15.78
N TYR F 34 25.84 -14.35 -16.98
CA TYR F 34 25.85 -12.95 -17.38
C TYR F 34 24.54 -12.61 -18.08
N SER F 35 24.25 -11.32 -18.11
CA SER F 35 23.03 -10.78 -18.70
C SER F 35 23.41 -10.17 -20.04
N TRP F 36 23.29 -10.97 -21.10
CA TRP F 36 23.68 -10.55 -22.45
C TRP F 36 22.68 -9.54 -22.98
N THR F 37 23.15 -8.30 -23.19
CA THR F 37 22.28 -7.18 -23.50
C THR F 37 22.66 -6.54 -24.84
N TRP F 38 21.71 -5.79 -25.38
CA TRP F 38 21.91 -4.95 -26.56
C TRP F 38 21.68 -3.49 -26.19
N ILE F 39 22.54 -2.62 -26.72
CA ILE F 39 22.50 -1.20 -26.44
C ILE F 39 22.79 -0.46 -27.73
N ARG F 40 22.05 0.62 -28.00
CA ARG F 40 22.29 1.43 -29.18
C ARG F 40 22.57 2.87 -28.79
N GLN F 41 23.39 3.54 -29.60
CA GLN F 41 23.73 4.95 -29.45
C GLN F 41 23.23 5.69 -30.68
N SER F 42 22.16 6.47 -30.53
CA SER F 42 21.54 7.14 -31.66
C SER F 42 21.97 8.61 -31.71
N PRO F 43 21.99 9.21 -32.90
CA PRO F 43 22.22 10.66 -32.97
C PRO F 43 21.06 11.41 -32.32
N GLY F 44 21.38 12.20 -31.30
CA GLY F 44 20.35 12.93 -30.60
C GLY F 44 19.82 12.21 -29.38
N LYS F 45 19.23 11.04 -29.57
CA LYS F 45 18.71 10.29 -28.42
C LYS F 45 19.83 9.93 -27.46
N GLY F 46 20.96 9.47 -27.99
CA GLY F 46 22.07 9.04 -27.16
C GLY F 46 22.07 7.56 -26.87
N LEU F 47 22.62 7.17 -25.72
CA LEU F 47 22.71 5.76 -25.36
C LEU F 47 21.38 5.28 -24.80
N GLU F 48 20.91 4.15 -25.29
CA GLU F 48 19.59 3.63 -24.95
C GLU F 48 19.70 2.13 -24.78
N TRP F 49 19.24 1.63 -23.64
CA TRP F 49 19.27 0.20 -23.38
C TRP F 49 18.07 -0.45 -24.07
N ILE F 50 18.34 -1.48 -24.85
CA ILE F 50 17.29 -2.13 -25.63
C ILE F 50 16.68 -3.31 -24.87
N GLY F 51 17.51 -4.21 -24.38
CA GLY F 51 17.02 -5.37 -23.67
C GLY F 51 18.15 -6.32 -23.33
N GLU F 52 17.78 -7.36 -22.57
CA GLU F 52 18.75 -8.34 -22.10
C GLU F 52 18.13 -9.73 -22.16
N ILE F 53 18.99 -10.74 -22.18
CA ILE F 53 18.58 -12.14 -22.21
C ILE F 53 19.69 -12.97 -21.58
N ASP F 54 19.30 -14.03 -20.87
CA ASP F 54 20.24 -14.92 -20.20
C ASP F 54 20.30 -16.25 -20.94
N TYR F 55 21.14 -17.16 -20.44
CA TYR F 55 21.33 -18.43 -21.14
C TYR F 55 20.07 -19.29 -21.10
N ARG F 56 19.16 -19.02 -20.18
CA ARG F 56 17.92 -19.76 -20.03
C ARG F 56 16.80 -19.21 -20.91
N GLY F 57 17.04 -18.07 -21.57
CA GLY F 57 16.07 -17.45 -22.43
C GLY F 57 15.21 -16.39 -21.78
N SER F 58 15.38 -16.15 -20.49
CA SER F 58 14.57 -15.14 -19.80
C SER F 58 14.99 -13.74 -20.24
N THR F 59 14.00 -12.89 -20.50
CA THR F 59 14.24 -11.58 -21.10
C THR F 59 13.67 -10.46 -20.22
N ASN F 60 14.18 -9.27 -20.46
CA ASN F 60 13.62 -8.03 -19.94
C ASN F 60 13.87 -6.97 -21.00
N TYR F 61 12.82 -6.30 -21.46
CA TYR F 61 12.92 -5.37 -22.57
C TYR F 61 12.62 -3.94 -22.12
N ASN F 62 13.09 -2.98 -22.92
CA ASN F 62 12.78 -1.58 -22.68
C ASN F 62 11.32 -1.31 -23.05
N PRO F 63 10.52 -0.72 -22.15
CA PRO F 63 9.11 -0.49 -22.47
C PRO F 63 8.87 0.27 -23.76
N SER F 64 9.79 1.15 -24.17
CA SER F 64 9.56 1.92 -25.39
C SER F 64 9.69 1.04 -26.63
N LEU F 65 10.68 0.16 -26.65
CA LEU F 65 10.91 -0.71 -27.80
C LEU F 65 10.33 -2.11 -27.60
N LYS F 66 9.70 -2.38 -26.46
CA LYS F 66 9.34 -3.75 -26.09
C LYS F 66 8.42 -4.40 -27.10
N SER F 67 7.53 -3.62 -27.72
CA SER F 67 6.57 -4.21 -28.66
C SER F 67 7.27 -4.79 -29.88
N ARG F 68 8.32 -4.14 -30.36
CA ARG F 68 8.95 -4.49 -31.62
C ARG F 68 10.20 -5.34 -31.44
N VAL F 69 10.63 -5.57 -30.20
CA VAL F 69 11.91 -6.18 -29.92
C VAL F 69 11.72 -7.67 -29.69
N THR F 70 12.63 -8.46 -30.25
CA THR F 70 12.69 -9.90 -30.02
C THR F 70 14.15 -10.27 -29.86
N MET F 71 14.44 -11.09 -28.85
CA MET F 71 15.79 -11.58 -28.59
C MET F 71 15.74 -13.07 -28.33
N SER F 72 16.83 -13.75 -28.65
CA SER F 72 16.92 -15.19 -28.50
C SER F 72 18.34 -15.53 -28.08
N VAL F 73 18.53 -16.78 -27.65
CA VAL F 73 19.85 -17.28 -27.28
C VAL F 73 20.05 -18.64 -27.92
N ASP F 74 21.31 -18.91 -28.28
CA ASP F 74 21.75 -20.24 -28.72
C ASP F 74 22.94 -20.62 -27.83
N THR F 75 22.64 -21.11 -26.63
CA THR F 75 23.71 -21.38 -25.67
C THR F 75 24.76 -22.34 -26.20
N PRO F 76 24.42 -23.37 -26.97
CA PRO F 76 25.48 -24.23 -27.54
C PRO F 76 26.61 -23.45 -28.20
N LYS F 77 26.30 -22.51 -29.08
CA LYS F 77 27.32 -21.74 -29.80
C LYS F 77 27.74 -20.48 -29.05
N ASN F 78 27.23 -20.26 -27.83
CA ASN F 78 27.52 -19.05 -27.06
C ASN F 78 27.17 -17.80 -27.85
N GLN F 79 26.03 -17.83 -28.54
CA GLN F 79 25.55 -16.71 -29.32
C GLN F 79 24.20 -16.26 -28.81
N PHE F 80 23.89 -14.98 -29.02
CA PHE F 80 22.56 -14.44 -28.74
C PHE F 80 22.28 -13.37 -29.78
N SER F 81 20.99 -13.16 -30.05
CA SER F 81 20.59 -12.43 -31.25
C SER F 81 19.48 -11.44 -30.91
N LEU F 82 19.40 -10.40 -31.73
CA LEU F 82 18.37 -9.37 -31.61
C LEU F 82 17.57 -9.31 -32.90
N ASN F 83 16.28 -9.03 -32.76
CA ASN F 83 15.39 -8.87 -33.92
C ASN F 83 14.49 -7.67 -33.65
N LEU F 84 14.86 -6.51 -34.19
CA LEU F 84 14.00 -5.33 -34.15
C LEU F 84 13.19 -5.28 -35.43
N THR F 85 11.92 -4.89 -35.31
CA THR F 85 10.98 -4.93 -36.41
C THR F 85 10.33 -3.57 -36.60
N SER F 86 9.61 -3.43 -37.71
CA SER F 86 8.91 -2.19 -38.06
C SER F 86 9.85 -0.99 -37.93
N LEU F 87 10.89 -1.01 -38.76
CA LEU F 87 11.98 -0.05 -38.61
C LEU F 87 11.58 1.33 -39.09
N THR F 88 12.17 2.34 -38.47
CA THR F 88 11.96 3.74 -38.82
C THR F 88 13.30 4.45 -38.80
N ALA F 89 13.31 5.72 -39.20
CA ALA F 89 14.55 6.48 -39.20
C ALA F 89 15.08 6.71 -37.79
N ALA F 90 14.20 6.77 -36.79
CA ALA F 90 14.63 6.97 -35.42
C ALA F 90 15.47 5.79 -34.91
N ASP F 91 15.43 4.66 -35.62
CA ASP F 91 16.19 3.48 -35.23
C ASP F 91 17.61 3.47 -35.77
N THR F 92 17.99 4.48 -36.55
CA THR F 92 19.37 4.60 -37.01
C THR F 92 20.28 4.87 -35.83
N ALA F 93 21.31 4.04 -35.67
CA ALA F 93 22.23 4.18 -34.54
C ALA F 93 23.34 3.15 -34.64
N ILE F 94 24.27 3.20 -33.69
CA ILE F 94 25.28 2.17 -33.51
C ILE F 94 24.75 1.19 -32.47
N TYR F 95 24.69 -0.09 -32.82
CA TYR F 95 24.17 -1.12 -31.92
C TYR F 95 25.35 -1.88 -31.32
N TYR F 96 25.33 -2.06 -30.01
CA TYR F 96 26.42 -2.70 -29.29
C TYR F 96 25.94 -4.00 -28.63
N CYS F 97 26.63 -5.09 -28.92
CA CYS F 97 26.61 -6.25 -28.05
C CYS F 97 27.37 -5.93 -26.77
N ALA F 98 26.83 -6.34 -25.63
CA ALA F 98 27.46 -6.00 -24.37
C ALA F 98 27.19 -7.08 -23.34
N LYS F 99 28.15 -7.26 -22.43
CA LYS F 99 28.03 -8.24 -21.37
C LYS F 99 27.57 -7.52 -20.11
N GLY F 100 26.30 -7.71 -19.75
CA GLY F 100 25.81 -7.15 -18.51
C GLY F 100 26.17 -8.05 -17.34
N TYR F 101 26.62 -7.42 -16.26
CA TYR F 101 27.10 -8.21 -15.13
C TYR F 101 26.01 -9.12 -14.58
N GLY F 102 24.79 -8.60 -14.45
CA GLY F 102 23.67 -9.44 -14.06
C GLY F 102 23.69 -9.96 -12.65
N GLY F 103 24.39 -9.27 -11.75
CA GLY F 103 24.50 -9.75 -10.38
C GLY F 103 23.19 -9.62 -9.61
N VAL F 104 22.99 -10.53 -8.68
CA VAL F 104 21.76 -10.57 -7.89
C VAL F 104 21.88 -9.59 -6.74
N THR F 105 20.74 -9.00 -6.37
CA THR F 105 20.67 -8.09 -5.25
C THR F 105 19.31 -8.24 -4.59
N LEU F 106 19.27 -7.99 -3.28
CA LEU F 106 18.02 -7.98 -2.53
C LEU F 106 17.22 -6.71 -2.76
N VAL F 107 17.78 -5.74 -3.50
CA VAL F 107 17.03 -4.57 -3.92
C VAL F 107 16.02 -4.95 -4.99
N ARG F 108 14.79 -4.47 -4.84
CA ARG F 108 13.69 -4.87 -5.71
C ARG F 108 13.79 -4.16 -7.05
N GLY F 109 13.55 -4.90 -8.12
CA GLY F 109 13.61 -4.33 -9.44
C GLY F 109 15.00 -3.99 -9.94
N ALA F 110 16.02 -4.24 -9.15
CA ALA F 110 17.39 -3.88 -9.47
C ALA F 110 18.21 -5.13 -9.75
N LYS F 111 19.24 -4.96 -10.58
CA LYS F 111 20.18 -6.00 -10.90
C LYS F 111 21.56 -5.35 -10.94
N ILE F 112 22.56 -6.01 -10.38
CA ILE F 112 23.92 -5.47 -10.44
C ILE F 112 24.38 -5.60 -11.89
N ASN F 113 23.94 -4.68 -12.75
CA ASN F 113 23.99 -4.88 -14.20
C ASN F 113 24.64 -3.70 -14.91
N TRP F 114 25.86 -3.34 -14.50
CA TRP F 114 26.70 -2.52 -15.34
C TRP F 114 27.23 -3.37 -16.50
N PHE F 115 27.43 -2.73 -17.66
CA PHE F 115 27.77 -3.44 -18.89
C PHE F 115 29.26 -3.31 -19.18
N ASP F 116 29.97 -4.43 -19.18
CA ASP F 116 31.38 -4.46 -19.53
C ASP F 116 31.81 -5.87 -19.86
N PRO F 117 32.59 -6.10 -20.93
CA PRO F 117 33.00 -5.12 -21.95
C PRO F 117 31.96 -4.98 -23.05
N TRP F 118 32.04 -3.90 -23.81
CA TRP F 118 31.12 -3.70 -24.92
C TRP F 118 31.74 -4.27 -26.20
N GLY F 119 30.88 -4.53 -27.17
CA GLY F 119 31.34 -4.91 -28.49
C GLY F 119 31.78 -3.70 -29.29
N GLN F 120 32.32 -3.95 -30.48
CA GLN F 120 32.86 -2.86 -31.28
C GLN F 120 31.75 -2.00 -31.87
N GLY F 121 30.61 -2.58 -32.20
CA GLY F 121 29.51 -1.79 -32.72
C GLY F 121 29.26 -2.08 -34.19
N THR F 122 27.98 -1.97 -34.58
CA THR F 122 27.54 -2.16 -35.95
C THR F 122 26.60 -1.01 -36.29
N LEU F 123 26.96 -0.23 -37.31
CA LEU F 123 26.10 0.86 -37.73
C LEU F 123 24.95 0.32 -38.56
N VAL F 124 23.73 0.67 -38.15
CA VAL F 124 22.52 0.26 -38.86
C VAL F 124 21.89 1.50 -39.46
N THR F 125 21.77 1.53 -40.78
CA THR F 125 21.24 2.68 -41.52
C THR F 125 19.89 2.31 -42.11
N VAL F 126 18.87 3.07 -41.74
CA VAL F 126 17.53 2.93 -42.31
C VAL F 126 17.35 4.05 -43.32
N SER F 127 17.27 3.68 -44.60
CA SER F 127 17.01 4.63 -45.66
C SER F 127 16.90 3.91 -47.01
N SER F 128 16.09 4.45 -47.91
CA SER F 128 15.95 3.89 -49.25
C SER F 128 17.02 4.45 -50.19
N GLU F 149 10.46 5.58 -14.50
CA GLU F 149 11.65 5.79 -15.32
C GLU F 149 12.62 6.70 -14.60
N ILE F 150 13.91 6.36 -14.64
CA ILE F 150 14.96 7.17 -14.01
C ILE F 150 15.70 7.95 -15.09
N VAL F 151 15.73 9.27 -14.96
CA VAL F 151 16.41 10.15 -15.89
C VAL F 151 17.73 10.60 -15.28
N LEU F 152 18.82 10.43 -16.01
CA LEU F 152 20.15 10.86 -15.58
C LEU F 152 20.56 12.07 -16.41
N THR F 153 20.83 13.18 -15.73
CA THR F 153 21.26 14.42 -16.38
C THR F 153 22.64 14.79 -15.85
N GLN F 154 23.63 14.80 -16.73
CA GLN F 154 25.01 15.10 -16.35
C GLN F 154 25.33 16.57 -16.55
N SER F 155 26.17 17.10 -15.66
CA SER F 155 26.66 18.46 -15.74
C SER F 155 28.14 18.47 -15.41
N PRO F 156 28.94 19.29 -16.10
CA PRO F 156 28.55 20.16 -17.22
C PRO F 156 28.35 19.35 -18.49
N GLY F 157 27.97 20.02 -19.58
CA GLY F 157 27.92 19.35 -20.86
C GLY F 157 29.27 19.23 -21.52
N THR F 158 30.20 20.15 -21.23
CA THR F 158 31.51 20.14 -21.86
C THR F 158 32.52 20.80 -20.93
N LEU F 159 33.61 20.10 -20.64
CA LEU F 159 34.73 20.64 -19.88
C LEU F 159 35.92 20.85 -20.81
N SER F 160 36.47 22.06 -20.80
CA SER F 160 37.64 22.40 -21.62
C SER F 160 38.80 22.75 -20.69
N LEU F 161 39.76 21.84 -20.56
CA LEU F 161 40.84 21.98 -19.60
C LEU F 161 42.13 21.46 -20.23
N SER F 162 43.26 21.91 -19.69
CA SER F 162 44.58 21.52 -20.18
C SER F 162 45.19 20.45 -19.30
N PRO F 163 46.21 19.74 -19.80
CA PRO F 163 46.77 18.61 -19.05
C PRO F 163 47.26 19.01 -17.66
N GLY F 164 47.10 18.08 -16.72
CA GLY F 164 47.46 18.29 -15.35
C GLY F 164 46.35 18.90 -14.51
N GLU F 165 45.24 19.28 -15.12
CA GLU F 165 44.12 19.87 -14.41
C GLU F 165 43.15 18.79 -13.96
N ARG F 166 42.35 19.14 -12.95
CA ARG F 166 41.36 18.23 -12.39
C ARG F 166 40.01 18.50 -13.03
N ALA F 167 39.37 17.45 -13.52
CA ALA F 167 38.02 17.53 -14.04
C ALA F 167 37.03 16.98 -13.02
N THR F 168 35.91 17.67 -12.85
CA THR F 168 34.84 17.25 -11.94
C THR F 168 33.54 17.21 -12.74
N LEU F 169 32.98 16.02 -12.88
CA LEU F 169 31.76 15.80 -13.65
C LEU F 169 30.65 15.41 -12.68
N SER F 170 29.43 15.82 -13.00
CA SER F 170 28.28 15.58 -12.15
C SER F 170 27.23 14.76 -12.88
N CYS F 171 26.51 13.94 -12.13
CA CYS F 171 25.40 13.14 -12.64
C CYS F 171 24.26 13.28 -11.64
N ARG F 172 23.10 13.72 -12.13
CA ARG F 172 21.92 13.96 -11.31
C ARG F 172 20.79 13.03 -11.73
N ALA F 173 20.17 12.37 -10.77
CA ALA F 173 19.07 11.46 -11.03
C ALA F 173 17.74 12.13 -10.70
N SER F 174 16.71 11.77 -11.48
CA SER F 174 15.37 12.27 -11.21
C SER F 174 14.81 11.68 -9.92
N GLN F 175 15.21 10.45 -9.58
CA GLN F 175 14.82 9.79 -8.35
C GLN F 175 16.02 9.04 -7.79
N SER F 176 15.96 8.74 -6.50
CA SER F 176 17.10 8.16 -5.81
C SER F 176 17.56 6.87 -6.48
N VAL F 177 18.88 6.71 -6.57
CA VAL F 177 19.49 5.49 -7.08
C VAL F 177 19.71 4.57 -5.89
N THR F 178 18.90 3.52 -5.79
CA THR F 178 18.96 2.65 -4.62
C THR F 178 20.37 2.12 -4.43
N SER F 179 20.78 1.96 -3.18
CA SER F 179 22.17 1.64 -2.89
C SER F 179 23.05 2.70 -3.56
N ARG F 180 24.20 2.29 -4.08
CA ARG F 180 25.02 3.18 -4.89
C ARG F 180 25.19 2.55 -6.27
N TYR F 181 24.07 2.13 -6.86
CA TYR F 181 24.06 1.33 -8.08
C TYR F 181 24.22 2.24 -9.30
N LEU F 182 25.43 2.76 -9.46
CA LEU F 182 25.75 3.67 -10.55
C LEU F 182 27.12 3.31 -11.09
N ALA F 183 27.26 3.44 -12.42
CA ALA F 183 28.52 3.17 -13.10
C ALA F 183 28.84 4.33 -14.02
N TRP F 184 30.12 4.53 -14.28
CA TRP F 184 30.60 5.55 -15.19
C TRP F 184 31.34 4.88 -16.34
N TYR F 185 31.23 5.47 -17.53
CA TYR F 185 31.83 4.92 -18.73
C TYR F 185 32.62 5.99 -19.45
N GLN F 186 33.70 5.56 -20.10
CA GLN F 186 34.54 6.43 -20.93
C GLN F 186 34.42 5.96 -22.37
N GLN F 187 34.16 6.89 -23.28
CA GLN F 187 34.11 6.59 -24.71
C GLN F 187 35.09 7.48 -25.46
N LYS F 188 36.28 6.96 -25.72
CA LYS F 188 37.23 7.66 -26.56
C LYS F 188 36.68 7.72 -27.98
N PRO F 189 37.09 8.73 -28.75
CA PRO F 189 36.44 8.94 -30.06
C PRO F 189 36.58 7.75 -31.00
N GLY F 190 35.45 7.38 -31.62
CA GLY F 190 35.41 6.28 -32.56
C GLY F 190 35.41 4.90 -31.94
N GLN F 191 35.14 4.78 -30.65
CA GLN F 191 35.18 3.50 -29.96
C GLN F 191 33.93 3.27 -29.14
N ALA F 192 33.79 2.03 -28.67
CA ALA F 192 32.73 1.66 -27.75
C ALA F 192 33.10 2.10 -26.34
N PRO F 193 32.10 2.29 -25.47
CA PRO F 193 32.40 2.70 -24.10
C PRO F 193 33.19 1.63 -23.35
N ARG F 194 33.94 2.09 -22.35
CA ARG F 194 34.74 1.26 -21.46
C ARG F 194 34.32 1.55 -20.04
N LEU F 195 34.23 0.51 -19.21
CA LEU F 195 33.77 0.69 -17.84
C LEU F 195 34.89 1.30 -17.02
N LEU F 196 34.56 2.40 -16.34
CA LEU F 196 35.47 3.06 -15.41
C LEU F 196 35.16 2.74 -13.96
N ILE F 197 33.92 2.95 -13.57
CA ILE F 197 33.51 2.88 -12.17
C ILE F 197 32.23 2.06 -12.07
N PHE F 198 32.10 1.30 -10.98
CA PHE F 198 30.87 0.60 -10.64
C PHE F 198 30.64 0.76 -9.14
N GLY F 199 29.38 0.65 -8.74
CA GLY F 199 29.06 0.90 -7.35
C GLY F 199 29.33 2.32 -6.92
N ALA F 200 29.38 3.24 -7.88
CA ALA F 200 29.60 4.67 -7.65
C ALA F 200 31.05 5.04 -7.37
N SER F 201 31.81 4.19 -6.67
CA SER F 201 33.16 4.58 -6.26
C SER F 201 34.18 3.44 -6.30
N SER F 202 33.97 2.43 -7.13
CA SER F 202 34.90 1.32 -7.25
C SER F 202 35.54 1.34 -8.63
N ARG F 203 36.87 1.45 -8.66
CA ARG F 203 37.60 1.40 -9.92
C ARG F 203 37.59 -0.02 -10.48
N ALA F 204 37.40 -0.13 -11.79
CA ALA F 204 37.42 -1.43 -12.44
C ALA F 204 38.87 -1.89 -12.66
N THR F 205 39.03 -3.10 -13.18
CA THR F 205 40.36 -3.63 -13.43
C THR F 205 41.08 -2.76 -14.47
N GLY F 206 42.31 -2.37 -14.15
CA GLY F 206 43.12 -1.61 -15.08
C GLY F 206 42.82 -0.13 -15.14
N ILE F 207 42.03 0.40 -14.20
CA ILE F 207 41.64 1.80 -14.21
C ILE F 207 42.58 2.57 -13.29
N PRO F 208 43.25 3.61 -13.77
CA PRO F 208 44.19 4.35 -12.91
C PRO F 208 43.51 4.92 -11.68
N ASP F 209 44.34 5.24 -10.68
CA ASP F 209 43.83 5.80 -9.45
C ASP F 209 43.33 7.23 -9.60
N ARG F 210 43.74 7.92 -10.68
CA ARG F 210 43.30 9.30 -10.87
C ARG F 210 41.81 9.40 -11.15
N PHE F 211 41.15 8.30 -11.54
CA PHE F 211 39.71 8.27 -11.71
C PHE F 211 39.08 7.91 -10.37
N SER F 212 38.35 8.85 -9.78
CA SER F 212 37.66 8.64 -8.52
C SER F 212 36.18 8.93 -8.72
N GLY F 213 35.34 8.02 -8.23
CA GLY F 213 33.90 8.18 -8.28
C GLY F 213 33.39 8.49 -6.89
N SER F 214 32.31 9.25 -6.82
CA SER F 214 31.77 9.64 -5.53
C SER F 214 30.29 9.94 -5.67
N GLY F 215 29.60 9.92 -4.52
CA GLY F 215 28.22 10.30 -4.45
C GLY F 215 27.35 9.20 -3.84
N SER F 216 26.10 9.57 -3.62
CA SER F 216 25.07 8.68 -3.10
C SER F 216 23.75 9.42 -3.21
N GLY F 217 22.66 8.65 -3.27
CA GLY F 217 21.35 9.25 -3.39
C GLY F 217 21.08 9.77 -4.78
N THR F 218 20.97 11.09 -4.93
CA THR F 218 20.64 11.71 -6.21
C THR F 218 21.82 12.44 -6.84
N ASP F 219 22.97 12.52 -6.17
CA ASP F 219 24.09 13.32 -6.64
C ASP F 219 25.34 12.45 -6.67
N PHE F 220 25.97 12.36 -7.84
CA PHE F 220 27.17 11.58 -8.02
C PHE F 220 28.18 12.42 -8.80
N THR F 221 29.46 12.20 -8.54
CA THR F 221 30.52 12.91 -9.23
C THR F 221 31.62 11.94 -9.63
N LEU F 222 32.26 12.25 -10.75
CA LEU F 222 33.45 11.57 -11.23
C LEU F 222 34.56 12.60 -11.30
N THR F 223 35.68 12.31 -10.64
CA THR F 223 36.82 13.23 -10.56
C THR F 223 38.02 12.61 -11.24
N ILE F 224 38.54 13.28 -12.27
CA ILE F 224 39.77 12.91 -12.95
C ILE F 224 40.87 13.83 -12.45
N SER F 225 41.80 13.26 -11.67
CA SER F 225 42.70 14.08 -10.85
C SER F 225 43.76 14.79 -11.69
N ARG F 226 44.51 14.04 -12.50
CA ARG F 226 45.56 14.63 -13.33
C ARG F 226 45.20 14.29 -14.77
N LEU F 227 44.58 15.22 -15.47
CA LEU F 227 44.16 14.96 -16.84
C LEU F 227 45.37 14.66 -17.72
N GLU F 228 45.19 13.76 -18.66
CA GLU F 228 46.20 13.37 -19.64
C GLU F 228 45.56 13.36 -21.02
N PRO F 229 46.38 13.41 -22.08
CA PRO F 229 45.80 13.52 -23.42
C PRO F 229 44.78 12.43 -23.76
N GLU F 230 44.96 11.20 -23.24
CA GLU F 230 44.01 10.13 -23.58
C GLU F 230 42.71 10.24 -22.79
N ASP F 231 42.69 11.04 -21.71
CA ASP F 231 41.51 11.15 -20.85
C ASP F 231 40.50 12.16 -21.38
N PHE F 232 40.67 12.61 -22.61
CA PHE F 232 39.77 13.58 -23.23
C PHE F 232 38.81 12.81 -24.10
N ALA F 233 37.63 12.51 -23.54
CA ALA F 233 36.65 11.63 -24.14
C ALA F 233 35.27 12.09 -23.69
N VAL F 234 34.24 11.31 -24.02
CA VAL F 234 32.89 11.53 -23.55
C VAL F 234 32.61 10.56 -22.42
N TYR F 235 32.06 11.06 -21.31
CA TYR F 235 31.84 10.28 -20.10
C TYR F 235 30.35 10.15 -19.79
N PHE F 236 29.91 8.92 -19.51
CA PHE F 236 28.52 8.64 -19.21
C PHE F 236 28.36 8.06 -17.81
N CYS F 237 27.23 8.35 -17.17
CA CYS F 237 26.80 7.60 -16.00
C CYS F 237 25.67 6.67 -16.41
N GLN F 238 25.54 5.57 -15.67
CA GLN F 238 24.47 4.60 -15.86
C GLN F 238 24.00 4.13 -14.50
N GLN F 239 22.70 4.07 -14.31
CA GLN F 239 22.12 3.50 -13.10
C GLN F 239 21.59 2.10 -13.39
N TYR F 240 21.73 1.21 -12.41
CA TYR F 240 21.13 -0.11 -12.45
C TYR F 240 20.32 -0.35 -11.19
N ALA F 241 19.65 0.71 -10.71
CA ALA F 241 18.79 0.63 -9.54
C ALA F 241 17.33 0.39 -9.87
N LYS F 242 16.90 0.70 -11.09
CA LYS F 242 15.50 0.53 -11.48
C LYS F 242 15.44 0.35 -12.98
N SER F 243 14.90 -0.78 -13.42
CA SER F 243 14.81 -1.03 -14.85
C SER F 243 13.65 -0.23 -15.44
N PRO F 244 13.79 0.27 -16.69
CA PRO F 244 14.91 0.09 -17.60
C PRO F 244 16.18 0.86 -17.23
N TRP F 245 17.33 0.22 -17.43
CA TRP F 245 18.62 0.87 -17.20
C TRP F 245 18.76 2.07 -18.12
N THR F 246 19.24 3.17 -17.58
CA THR F 246 19.35 4.42 -18.32
C THR F 246 20.77 4.96 -18.23
N PHE F 247 21.12 5.79 -19.21
CA PHE F 247 22.40 6.47 -19.28
C PHE F 247 22.18 7.97 -19.20
N GLY F 248 23.25 8.70 -18.90
CA GLY F 248 23.23 10.14 -19.01
C GLY F 248 23.49 10.59 -20.44
N GLN F 249 23.34 11.89 -20.67
CA GLN F 249 23.53 12.41 -22.01
C GLN F 249 25.00 12.49 -22.40
N GLY F 250 25.90 12.50 -21.42
CA GLY F 250 27.33 12.53 -21.67
C GLY F 250 27.96 13.87 -21.29
N THR F 251 29.24 13.81 -20.93
CA THR F 251 30.06 15.00 -20.68
C THR F 251 31.34 14.88 -21.50
N LYS F 252 31.60 15.88 -22.34
CA LYS F 252 32.76 15.91 -23.22
C LYS F 252 33.90 16.65 -22.52
N VAL F 253 35.08 16.02 -22.49
CA VAL F 253 36.28 16.63 -21.91
C VAL F 253 37.31 16.82 -23.01
N GLU F 254 37.76 18.07 -23.19
CA GLU F 254 38.66 18.45 -24.27
C GLU F 254 39.73 19.41 -23.76
N ILE F 255 40.65 19.79 -24.66
CA ILE F 255 41.77 20.66 -24.33
C ILE F 255 41.35 22.12 -24.45
N LYS F 256 42.04 22.99 -23.72
CA LYS F 256 41.80 24.43 -23.76
C LYS F 256 43.16 25.14 -23.83
NA NA G . -10.94 8.68 -4.42
NA NA H . 23.72 -37.36 -4.90
#